data_4ME2
# 
_entry.id   4ME2 
# 
_audit_conform.dict_name       mmcif_pdbx.dic 
_audit_conform.dict_version    5.387 
_audit_conform.dict_location   http://mmcif.pdb.org/dictionaries/ascii/mmcif_pdbx.dic 
# 
loop_
_database_2.database_id 
_database_2.database_code 
_database_2.pdbx_database_accession 
_database_2.pdbx_DOI 
PDB   4ME2         pdb_00004me2 10.2210/pdb4me2/pdb 
RCSB  RCSB081793   ?            ?                   
WWPDB D_1000081793 ?            ?                   
# 
loop_
_pdbx_audit_revision_history.ordinal 
_pdbx_audit_revision_history.data_content_type 
_pdbx_audit_revision_history.major_revision 
_pdbx_audit_revision_history.minor_revision 
_pdbx_audit_revision_history.revision_date 
1 'Structure model' 1 0 2013-10-30 
2 'Structure model' 1 1 2013-11-27 
3 'Structure model' 1 2 2013-12-18 
4 'Structure model' 1 3 2024-02-28 
# 
_pdbx_audit_revision_details.ordinal             1 
_pdbx_audit_revision_details.revision_ordinal    1 
_pdbx_audit_revision_details.data_content_type   'Structure model' 
_pdbx_audit_revision_details.provider            repository 
_pdbx_audit_revision_details.type                'Initial release' 
_pdbx_audit_revision_details.description         ? 
_pdbx_audit_revision_details.details             ? 
# 
loop_
_pdbx_audit_revision_group.ordinal 
_pdbx_audit_revision_group.revision_ordinal 
_pdbx_audit_revision_group.data_content_type 
_pdbx_audit_revision_group.group 
1 2 'Structure model' 'Database references' 
2 3 'Structure model' 'Database references' 
3 4 'Structure model' 'Data collection'     
4 4 'Structure model' 'Database references' 
# 
loop_
_pdbx_audit_revision_category.ordinal 
_pdbx_audit_revision_category.revision_ordinal 
_pdbx_audit_revision_category.data_content_type 
_pdbx_audit_revision_category.category 
1 4 'Structure model' chem_comp_atom 
2 4 'Structure model' chem_comp_bond 
3 4 'Structure model' database_2     
# 
loop_
_pdbx_audit_revision_item.ordinal 
_pdbx_audit_revision_item.revision_ordinal 
_pdbx_audit_revision_item.data_content_type 
_pdbx_audit_revision_item.item 
1 4 'Structure model' '_database_2.pdbx_DOI'                
2 4 'Structure model' '_database_2.pdbx_database_accession' 
# 
_pdbx_database_status.status_code                     REL 
_pdbx_database_status.entry_id                        4ME2 
_pdbx_database_status.recvd_initial_deposition_date   2013-08-24 
_pdbx_database_status.deposit_site                    RCSB 
_pdbx_database_status.process_site                    RCSB 
_pdbx_database_status.status_code_sf                  REL 
_pdbx_database_status.status_code_mr                  ? 
_pdbx_database_status.SG_entry                        ? 
_pdbx_database_status.status_code_cs                  ? 
_pdbx_database_status.methods_development_category    ? 
_pdbx_database_status.pdb_format_compatible           Y 
_pdbx_database_status.status_code_nmr_data            ? 
# 
loop_
_audit_author.name 
_audit_author.pdbx_ordinal 
'Ke, J.'          1 
'Chen, R.Z.'      2 
'Ban, T.'         3 
'Brunzelle, J.S.' 4 
'Gu, X.'          5 
'Melcher, K.'     6 
'Xu, H.E.'        7 
# 
_citation.id                        primary 
_citation.title                     'Structural basis for RNA recognition by a dimeric PPR-protein complex.' 
_citation.journal_abbrev            Nat.Struct.Mol.Biol. 
_citation.journal_volume            20 
_citation.page_first                1377 
_citation.page_last                 1382 
_citation.year                      2013 
_citation.journal_id_ASTM           ? 
_citation.country                   US 
_citation.journal_id_ISSN           1545-9993 
_citation.journal_id_CSD            ? 
_citation.book_publisher            ? 
_citation.pdbx_database_id_PubMed   24186060 
_citation.pdbx_database_id_DOI      10.1038/nsmb.2710 
# 
loop_
_citation_author.citation_id 
_citation_author.name 
_citation_author.ordinal 
_citation_author.identifier_ORCID 
primary 'Ke, J.'          1  ? 
primary 'Chen, R.Z.'      2  ? 
primary 'Ban, T.'         3  ? 
primary 'Zhou, X.E.'      4  ? 
primary 'Gu, X.'          5  ? 
primary 'Tan, M.H.'       6  ? 
primary 'Chen, C.'        7  ? 
primary 'Kang, Y.'        8  ? 
primary 'Brunzelle, J.S.' 9  ? 
primary 'Zhu, J.K.'       10 ? 
primary 'Melcher, K.'     11 ? 
primary 'Xu, H.E.'        12 ? 
# 
loop_
_entity.id 
_entity.type 
_entity.src_method 
_entity.pdbx_description 
_entity.formula_weight 
_entity.pdbx_number_of_molecules 
_entity.pdbx_ec 
_entity.pdbx_mutation 
_entity.pdbx_fragment 
_entity.details 
1 polymer man 'Uncharacterized protein' 27752.734 1   ? ? ? ? 
2 water   nat water                     18.015    179 ? ? ? ? 
# 
_entity_poly.entity_id                      1 
_entity_poly.type                           'polypeptide(L)' 
_entity_poly.nstd_linkage                   no 
_entity_poly.nstd_monomer                   no 
_entity_poly.pdbx_seq_one_letter_code       
;MASLLFLPHTTPAPTLRAKLLPGPRTIITCGPRDNRGPLQRGRSLSTEAIHAVQALKRLTAADRSPPAATAAASAALGRL
LRADLLAAMAELQRQGHWSLALAALHVARAEPWYRPDPELYATFVSSSPSNDPAAAAAVDALVEAFIEEKERGAAGGSSE
GVWVGEDVYKLTRLVRALVAKGRARAAWRVYEAAVRKGGCEVDEYMYRVMAKGMKRLGLDEEAAEVEADLADWEARHLPD
EMRPREKSKTAVTGSVV
;
_entity_poly.pdbx_seq_one_letter_code_can   
;MASLLFLPHTTPAPTLRAKLLPGPRTIITCGPRDNRGPLQRGRSLSTEAIHAVQALKRLTAADRSPPAATAAASAALGRL
LRADLLAAMAELQRQGHWSLALAALHVARAEPWYRPDPELYATFVSSSPSNDPAAAAAVDALVEAFIEEKERGAAGGSSE
GVWVGEDVYKLTRLVRALVAKGRARAAWRVYEAAVRKGGCEVDEYMYRVMAKGMKRLGLDEEAAEVEADLADWEARHLPD
EMRPREKSKTAVTGSVV
;
_entity_poly.pdbx_strand_id                 A 
_entity_poly.pdbx_target_identifier         ? 
# 
_pdbx_entity_nonpoly.entity_id   2 
_pdbx_entity_nonpoly.name        water 
_pdbx_entity_nonpoly.comp_id     HOH 
# 
loop_
_entity_poly_seq.entity_id 
_entity_poly_seq.num 
_entity_poly_seq.mon_id 
_entity_poly_seq.hetero 
1 1   MET n 
1 2   ALA n 
1 3   SER n 
1 4   LEU n 
1 5   LEU n 
1 6   PHE n 
1 7   LEU n 
1 8   PRO n 
1 9   HIS n 
1 10  THR n 
1 11  THR n 
1 12  PRO n 
1 13  ALA n 
1 14  PRO n 
1 15  THR n 
1 16  LEU n 
1 17  ARG n 
1 18  ALA n 
1 19  LYS n 
1 20  LEU n 
1 21  LEU n 
1 22  PRO n 
1 23  GLY n 
1 24  PRO n 
1 25  ARG n 
1 26  THR n 
1 27  ILE n 
1 28  ILE n 
1 29  THR n 
1 30  CYS n 
1 31  GLY n 
1 32  PRO n 
1 33  ARG n 
1 34  ASP n 
1 35  ASN n 
1 36  ARG n 
1 37  GLY n 
1 38  PRO n 
1 39  LEU n 
1 40  GLN n 
1 41  ARG n 
1 42  GLY n 
1 43  ARG n 
1 44  SER n 
1 45  LEU n 
1 46  SER n 
1 47  THR n 
1 48  GLU n 
1 49  ALA n 
1 50  ILE n 
1 51  HIS n 
1 52  ALA n 
1 53  VAL n 
1 54  GLN n 
1 55  ALA n 
1 56  LEU n 
1 57  LYS n 
1 58  ARG n 
1 59  LEU n 
1 60  THR n 
1 61  ALA n 
1 62  ALA n 
1 63  ASP n 
1 64  ARG n 
1 65  SER n 
1 66  PRO n 
1 67  PRO n 
1 68  ALA n 
1 69  ALA n 
1 70  THR n 
1 71  ALA n 
1 72  ALA n 
1 73  ALA n 
1 74  SER n 
1 75  ALA n 
1 76  ALA n 
1 77  LEU n 
1 78  GLY n 
1 79  ARG n 
1 80  LEU n 
1 81  LEU n 
1 82  ARG n 
1 83  ALA n 
1 84  ASP n 
1 85  LEU n 
1 86  LEU n 
1 87  ALA n 
1 88  ALA n 
1 89  MET n 
1 90  ALA n 
1 91  GLU n 
1 92  LEU n 
1 93  GLN n 
1 94  ARG n 
1 95  GLN n 
1 96  GLY n 
1 97  HIS n 
1 98  TRP n 
1 99  SER n 
1 100 LEU n 
1 101 ALA n 
1 102 LEU n 
1 103 ALA n 
1 104 ALA n 
1 105 LEU n 
1 106 HIS n 
1 107 VAL n 
1 108 ALA n 
1 109 ARG n 
1 110 ALA n 
1 111 GLU n 
1 112 PRO n 
1 113 TRP n 
1 114 TYR n 
1 115 ARG n 
1 116 PRO n 
1 117 ASP n 
1 118 PRO n 
1 119 GLU n 
1 120 LEU n 
1 121 TYR n 
1 122 ALA n 
1 123 THR n 
1 124 PHE n 
1 125 VAL n 
1 126 SER n 
1 127 SER n 
1 128 SER n 
1 129 PRO n 
1 130 SER n 
1 131 ASN n 
1 132 ASP n 
1 133 PRO n 
1 134 ALA n 
1 135 ALA n 
1 136 ALA n 
1 137 ALA n 
1 138 ALA n 
1 139 VAL n 
1 140 ASP n 
1 141 ALA n 
1 142 LEU n 
1 143 VAL n 
1 144 GLU n 
1 145 ALA n 
1 146 PHE n 
1 147 ILE n 
1 148 GLU n 
1 149 GLU n 
1 150 LYS n 
1 151 GLU n 
1 152 ARG n 
1 153 GLY n 
1 154 ALA n 
1 155 ALA n 
1 156 GLY n 
1 157 GLY n 
1 158 SER n 
1 159 SER n 
1 160 GLU n 
1 161 GLY n 
1 162 VAL n 
1 163 TRP n 
1 164 VAL n 
1 165 GLY n 
1 166 GLU n 
1 167 ASP n 
1 168 VAL n 
1 169 TYR n 
1 170 LYS n 
1 171 LEU n 
1 172 THR n 
1 173 ARG n 
1 174 LEU n 
1 175 VAL n 
1 176 ARG n 
1 177 ALA n 
1 178 LEU n 
1 179 VAL n 
1 180 ALA n 
1 181 LYS n 
1 182 GLY n 
1 183 ARG n 
1 184 ALA n 
1 185 ARG n 
1 186 ALA n 
1 187 ALA n 
1 188 TRP n 
1 189 ARG n 
1 190 VAL n 
1 191 TYR n 
1 192 GLU n 
1 193 ALA n 
1 194 ALA n 
1 195 VAL n 
1 196 ARG n 
1 197 LYS n 
1 198 GLY n 
1 199 GLY n 
1 200 CYS n 
1 201 GLU n 
1 202 VAL n 
1 203 ASP n 
1 204 GLU n 
1 205 TYR n 
1 206 MET n 
1 207 TYR n 
1 208 ARG n 
1 209 VAL n 
1 210 MET n 
1 211 ALA n 
1 212 LYS n 
1 213 GLY n 
1 214 MET n 
1 215 LYS n 
1 216 ARG n 
1 217 LEU n 
1 218 GLY n 
1 219 LEU n 
1 220 ASP n 
1 221 GLU n 
1 222 GLU n 
1 223 ALA n 
1 224 ALA n 
1 225 GLU n 
1 226 VAL n 
1 227 GLU n 
1 228 ALA n 
1 229 ASP n 
1 230 LEU n 
1 231 ALA n 
1 232 ASP n 
1 233 TRP n 
1 234 GLU n 
1 235 ALA n 
1 236 ARG n 
1 237 HIS n 
1 238 LEU n 
1 239 PRO n 
1 240 ASP n 
1 241 GLU n 
1 242 MET n 
1 243 ARG n 
1 244 PRO n 
1 245 ARG n 
1 246 GLU n 
1 247 LYS n 
1 248 SER n 
1 249 LYS n 
1 250 THR n 
1 251 ALA n 
1 252 VAL n 
1 253 THR n 
1 254 GLY n 
1 255 SER n 
1 256 VAL n 
1 257 VAL n 
# 
_entity_src_gen.entity_id                          1 
_entity_src_gen.pdbx_src_id                        1 
_entity_src_gen.pdbx_alt_source_flag               sample 
_entity_src_gen.pdbx_seq_type                      ? 
_entity_src_gen.pdbx_beg_seq_num                   ? 
_entity_src_gen.pdbx_end_seq_num                   ? 
_entity_src_gen.gene_src_common_name               'Purple false brome' 
_entity_src_gen.gene_src_genus                     ? 
_entity_src_gen.pdbx_gene_src_gene                 'BRADI2G00245, BRADI2G00270, THA8' 
_entity_src_gen.gene_src_species                   ? 
_entity_src_gen.gene_src_strain                    ? 
_entity_src_gen.gene_src_tissue                    ? 
_entity_src_gen.gene_src_tissue_fraction           ? 
_entity_src_gen.gene_src_details                   ? 
_entity_src_gen.pdbx_gene_src_fragment             ? 
_entity_src_gen.pdbx_gene_src_scientific_name      'Brachypodium distachyon' 
_entity_src_gen.pdbx_gene_src_ncbi_taxonomy_id     15368 
_entity_src_gen.pdbx_gene_src_variant              ? 
_entity_src_gen.pdbx_gene_src_cell_line            ? 
_entity_src_gen.pdbx_gene_src_atcc                 ? 
_entity_src_gen.pdbx_gene_src_organ                ? 
_entity_src_gen.pdbx_gene_src_organelle            ? 
_entity_src_gen.pdbx_gene_src_cell                 ? 
_entity_src_gen.pdbx_gene_src_cellular_location    ? 
_entity_src_gen.host_org_common_name               ? 
_entity_src_gen.pdbx_host_org_scientific_name      'Escherichia coli' 
_entity_src_gen.pdbx_host_org_ncbi_taxonomy_id     469008 
_entity_src_gen.host_org_genus                     ? 
_entity_src_gen.pdbx_host_org_gene                 ? 
_entity_src_gen.pdbx_host_org_organ                ? 
_entity_src_gen.host_org_species                   ? 
_entity_src_gen.pdbx_host_org_tissue               ? 
_entity_src_gen.pdbx_host_org_tissue_fraction      ? 
_entity_src_gen.pdbx_host_org_strain               'BL21(DE3)' 
_entity_src_gen.pdbx_host_org_variant              ? 
_entity_src_gen.pdbx_host_org_cell_line            ? 
_entity_src_gen.pdbx_host_org_atcc                 ? 
_entity_src_gen.pdbx_host_org_culture_collection   ? 
_entity_src_gen.pdbx_host_org_cell                 ? 
_entity_src_gen.pdbx_host_org_organelle            ? 
_entity_src_gen.pdbx_host_org_cellular_location    ? 
_entity_src_gen.pdbx_host_org_vector_type          PLASMID 
_entity_src_gen.pdbx_host_org_vector               ? 
_entity_src_gen.host_org_details                   ? 
_entity_src_gen.expression_system_id               ? 
_entity_src_gen.plasmid_name                       PET24a 
_entity_src_gen.plasmid_details                    ? 
_entity_src_gen.pdbx_description                   ? 
# 
loop_
_chem_comp.id 
_chem_comp.type 
_chem_comp.mon_nstd_flag 
_chem_comp.name 
_chem_comp.pdbx_synonyms 
_chem_comp.formula 
_chem_comp.formula_weight 
ALA 'L-peptide linking' y ALANINE         ? 'C3 H7 N O2'     89.093  
ARG 'L-peptide linking' y ARGININE        ? 'C6 H15 N4 O2 1' 175.209 
ASN 'L-peptide linking' y ASPARAGINE      ? 'C4 H8 N2 O3'    132.118 
ASP 'L-peptide linking' y 'ASPARTIC ACID' ? 'C4 H7 N O4'     133.103 
CYS 'L-peptide linking' y CYSTEINE        ? 'C3 H7 N O2 S'   121.158 
GLN 'L-peptide linking' y GLUTAMINE       ? 'C5 H10 N2 O3'   146.144 
GLU 'L-peptide linking' y 'GLUTAMIC ACID' ? 'C5 H9 N O4'     147.129 
GLY 'peptide linking'   y GLYCINE         ? 'C2 H5 N O2'     75.067  
HIS 'L-peptide linking' y HISTIDINE       ? 'C6 H10 N3 O2 1' 156.162 
HOH non-polymer         . WATER           ? 'H2 O'           18.015  
ILE 'L-peptide linking' y ISOLEUCINE      ? 'C6 H13 N O2'    131.173 
LEU 'L-peptide linking' y LEUCINE         ? 'C6 H13 N O2'    131.173 
LYS 'L-peptide linking' y LYSINE          ? 'C6 H15 N2 O2 1' 147.195 
MET 'L-peptide linking' y METHIONINE      ? 'C5 H11 N O2 S'  149.211 
PHE 'L-peptide linking' y PHENYLALANINE   ? 'C9 H11 N O2'    165.189 
PRO 'L-peptide linking' y PROLINE         ? 'C5 H9 N O2'     115.130 
SER 'L-peptide linking' y SERINE          ? 'C3 H7 N O3'     105.093 
THR 'L-peptide linking' y THREONINE       ? 'C4 H9 N O3'     119.119 
TRP 'L-peptide linking' y TRYPTOPHAN      ? 'C11 H12 N2 O2'  204.225 
TYR 'L-peptide linking' y TYROSINE        ? 'C9 H11 N O3'    181.189 
VAL 'L-peptide linking' y VALINE          ? 'C5 H11 N O2'    117.146 
# 
loop_
_pdbx_poly_seq_scheme.asym_id 
_pdbx_poly_seq_scheme.entity_id 
_pdbx_poly_seq_scheme.seq_id 
_pdbx_poly_seq_scheme.mon_id 
_pdbx_poly_seq_scheme.ndb_seq_num 
_pdbx_poly_seq_scheme.pdb_seq_num 
_pdbx_poly_seq_scheme.auth_seq_num 
_pdbx_poly_seq_scheme.pdb_mon_id 
_pdbx_poly_seq_scheme.auth_mon_id 
_pdbx_poly_seq_scheme.pdb_strand_id 
_pdbx_poly_seq_scheme.pdb_ins_code 
_pdbx_poly_seq_scheme.hetero 
A 1 1   MET 1   1   ?   ?   ?   A . n 
A 1 2   ALA 2   2   ?   ?   ?   A . n 
A 1 3   SER 3   3   ?   ?   ?   A . n 
A 1 4   LEU 4   4   ?   ?   ?   A . n 
A 1 5   LEU 5   5   ?   ?   ?   A . n 
A 1 6   PHE 6   6   ?   ?   ?   A . n 
A 1 7   LEU 7   7   ?   ?   ?   A . n 
A 1 8   PRO 8   8   ?   ?   ?   A . n 
A 1 9   HIS 9   9   ?   ?   ?   A . n 
A 1 10  THR 10  10  ?   ?   ?   A . n 
A 1 11  THR 11  11  ?   ?   ?   A . n 
A 1 12  PRO 12  12  ?   ?   ?   A . n 
A 1 13  ALA 13  13  ?   ?   ?   A . n 
A 1 14  PRO 14  14  ?   ?   ?   A . n 
A 1 15  THR 15  15  ?   ?   ?   A . n 
A 1 16  LEU 16  16  ?   ?   ?   A . n 
A 1 17  ARG 17  17  ?   ?   ?   A . n 
A 1 18  ALA 18  18  ?   ?   ?   A . n 
A 1 19  LYS 19  19  ?   ?   ?   A . n 
A 1 20  LEU 20  20  ?   ?   ?   A . n 
A 1 21  LEU 21  21  ?   ?   ?   A . n 
A 1 22  PRO 22  22  ?   ?   ?   A . n 
A 1 23  GLY 23  23  ?   ?   ?   A . n 
A 1 24  PRO 24  24  ?   ?   ?   A . n 
A 1 25  ARG 25  25  ?   ?   ?   A . n 
A 1 26  THR 26  26  ?   ?   ?   A . n 
A 1 27  ILE 27  27  ?   ?   ?   A . n 
A 1 28  ILE 28  28  ?   ?   ?   A . n 
A 1 29  THR 29  29  ?   ?   ?   A . n 
A 1 30  CYS 30  30  ?   ?   ?   A . n 
A 1 31  GLY 31  31  ?   ?   ?   A . n 
A 1 32  PRO 32  32  ?   ?   ?   A . n 
A 1 33  ARG 33  33  ?   ?   ?   A . n 
A 1 34  ASP 34  34  ?   ?   ?   A . n 
A 1 35  ASN 35  35  ?   ?   ?   A . n 
A 1 36  ARG 36  36  ?   ?   ?   A . n 
A 1 37  GLY 37  37  ?   ?   ?   A . n 
A 1 38  PRO 38  38  ?   ?   ?   A . n 
A 1 39  LEU 39  39  ?   ?   ?   A . n 
A 1 40  GLN 40  40  ?   ?   ?   A . n 
A 1 41  ARG 41  41  ?   ?   ?   A . n 
A 1 42  GLY 42  42  ?   ?   ?   A . n 
A 1 43  ARG 43  43  ?   ?   ?   A . n 
A 1 44  SER 44  44  44  SER SER A . n 
A 1 45  LEU 45  45  45  LEU LEU A . n 
A 1 46  SER 46  46  46  SER SER A . n 
A 1 47  THR 47  47  47  THR THR A . n 
A 1 48  GLU 48  48  48  GLU GLU A . n 
A 1 49  ALA 49  49  49  ALA ALA A . n 
A 1 50  ILE 50  50  50  ILE ILE A . n 
A 1 51  HIS 51  51  51  HIS HIS A . n 
A 1 52  ALA 52  52  52  ALA ALA A . n 
A 1 53  VAL 53  53  53  VAL VAL A . n 
A 1 54  GLN 54  54  54  GLN GLN A . n 
A 1 55  ALA 55  55  55  ALA ALA A . n 
A 1 56  LEU 56  56  56  LEU LEU A . n 
A 1 57  LYS 57  57  57  LYS LYS A . n 
A 1 58  ARG 58  58  58  ARG ARG A . n 
A 1 59  LEU 59  59  59  LEU LEU A . n 
A 1 60  THR 60  60  60  THR THR A . n 
A 1 61  ALA 61  61  61  ALA ALA A . n 
A 1 62  ALA 62  62  62  ALA ALA A . n 
A 1 63  ASP 63  63  63  ASP ASP A . n 
A 1 64  ARG 64  64  64  ARG ARG A . n 
A 1 65  SER 65  65  65  SER SER A . n 
A 1 66  PRO 66  66  66  PRO PRO A . n 
A 1 67  PRO 67  67  67  PRO PRO A . n 
A 1 68  ALA 68  68  68  ALA ALA A . n 
A 1 69  ALA 69  69  69  ALA ALA A . n 
A 1 70  THR 70  70  70  THR THR A . n 
A 1 71  ALA 71  71  71  ALA ALA A . n 
A 1 72  ALA 72  72  72  ALA ALA A . n 
A 1 73  ALA 73  73  73  ALA ALA A . n 
A 1 74  SER 74  74  74  SER SER A . n 
A 1 75  ALA 75  75  75  ALA ALA A . n 
A 1 76  ALA 76  76  76  ALA ALA A . n 
A 1 77  LEU 77  77  77  LEU LEU A . n 
A 1 78  GLY 78  78  78  GLY GLY A . n 
A 1 79  ARG 79  79  79  ARG ARG A . n 
A 1 80  LEU 80  80  80  LEU LEU A . n 
A 1 81  LEU 81  81  81  LEU LEU A . n 
A 1 82  ARG 82  82  82  ARG ARG A . n 
A 1 83  ALA 83  83  83  ALA ALA A . n 
A 1 84  ASP 84  84  84  ASP ASP A . n 
A 1 85  LEU 85  85  85  LEU LEU A . n 
A 1 86  LEU 86  86  86  LEU LEU A . n 
A 1 87  ALA 87  87  87  ALA ALA A . n 
A 1 88  ALA 88  88  88  ALA ALA A . n 
A 1 89  MET 89  89  89  MET MET A . n 
A 1 90  ALA 90  90  90  ALA ALA A . n 
A 1 91  GLU 91  91  91  GLU GLU A . n 
A 1 92  LEU 92  92  92  LEU LEU A . n 
A 1 93  GLN 93  93  93  GLN GLN A . n 
A 1 94  ARG 94  94  94  ARG ARG A . n 
A 1 95  GLN 95  95  95  GLN GLN A . n 
A 1 96  GLY 96  96  96  GLY GLY A . n 
A 1 97  HIS 97  97  97  HIS HIS A . n 
A 1 98  TRP 98  98  98  TRP TRP A . n 
A 1 99  SER 99  99  99  SER SER A . n 
A 1 100 LEU 100 100 100 LEU LEU A . n 
A 1 101 ALA 101 101 101 ALA ALA A . n 
A 1 102 LEU 102 102 102 LEU LEU A . n 
A 1 103 ALA 103 103 103 ALA ALA A . n 
A 1 104 ALA 104 104 104 ALA ALA A . n 
A 1 105 LEU 105 105 105 LEU LEU A . n 
A 1 106 HIS 106 106 106 HIS HIS A . n 
A 1 107 VAL 107 107 107 VAL VAL A . n 
A 1 108 ALA 108 108 108 ALA ALA A . n 
A 1 109 ARG 109 109 109 ARG ARG A . n 
A 1 110 ALA 110 110 110 ALA ALA A . n 
A 1 111 GLU 111 111 111 GLU GLU A . n 
A 1 112 PRO 112 112 112 PRO PRO A . n 
A 1 113 TRP 113 113 113 TRP TRP A . n 
A 1 114 TYR 114 114 114 TYR TYR A . n 
A 1 115 ARG 115 115 115 ARG ARG A . n 
A 1 116 PRO 116 116 116 PRO PRO A . n 
A 1 117 ASP 117 117 117 ASP ASP A . n 
A 1 118 PRO 118 118 118 PRO PRO A . n 
A 1 119 GLU 119 119 119 GLU GLU A . n 
A 1 120 LEU 120 120 120 LEU LEU A . n 
A 1 121 TYR 121 121 121 TYR TYR A . n 
A 1 122 ALA 122 122 122 ALA ALA A . n 
A 1 123 THR 123 123 123 THR THR A . n 
A 1 124 PHE 124 124 124 PHE PHE A . n 
A 1 125 VAL 125 125 125 VAL VAL A . n 
A 1 126 SER 126 126 126 SER SER A . n 
A 1 127 SER 127 127 127 SER SER A . n 
A 1 128 SER 128 128 128 SER SER A . n 
A 1 129 PRO 129 129 129 PRO PRO A . n 
A 1 130 SER 130 130 130 SER SER A . n 
A 1 131 ASN 131 131 131 ASN ASN A . n 
A 1 132 ASP 132 132 132 ASP ASP A . n 
A 1 133 PRO 133 133 133 PRO PRO A . n 
A 1 134 ALA 134 134 134 ALA ALA A . n 
A 1 135 ALA 135 135 135 ALA ALA A . n 
A 1 136 ALA 136 136 136 ALA ALA A . n 
A 1 137 ALA 137 137 137 ALA ALA A . n 
A 1 138 ALA 138 138 138 ALA ALA A . n 
A 1 139 VAL 139 139 139 VAL VAL A . n 
A 1 140 ASP 140 140 140 ASP ASP A . n 
A 1 141 ALA 141 141 141 ALA ALA A . n 
A 1 142 LEU 142 142 142 LEU LEU A . n 
A 1 143 VAL 143 143 143 VAL VAL A . n 
A 1 144 GLU 144 144 144 GLU GLU A . n 
A 1 145 ALA 145 145 145 ALA ALA A . n 
A 1 146 PHE 146 146 146 PHE PHE A . n 
A 1 147 ILE 147 147 147 ILE ILE A . n 
A 1 148 GLU 148 148 148 GLU GLU A . n 
A 1 149 GLU 149 149 149 GLU GLU A . n 
A 1 150 LYS 150 150 150 LYS LYS A . n 
A 1 151 GLU 151 151 151 GLU GLU A . n 
A 1 152 ARG 152 152 152 ARG ARG A . n 
A 1 153 GLY 153 153 153 GLY GLY A . n 
A 1 154 ALA 154 154 154 ALA ALA A . n 
A 1 155 ALA 155 155 155 ALA ALA A . n 
A 1 156 GLY 156 156 156 GLY GLY A . n 
A 1 157 GLY 157 157 157 GLY GLY A . n 
A 1 158 SER 158 158 158 SER SER A . n 
A 1 159 SER 159 159 159 SER SER A . n 
A 1 160 GLU 160 160 160 GLU GLU A . n 
A 1 161 GLY 161 161 161 GLY GLY A . n 
A 1 162 VAL 162 162 162 VAL VAL A . n 
A 1 163 TRP 163 163 163 TRP TRP A . n 
A 1 164 VAL 164 164 164 VAL VAL A . n 
A 1 165 GLY 165 165 165 GLY GLY A . n 
A 1 166 GLU 166 166 166 GLU GLU A . n 
A 1 167 ASP 167 167 167 ASP ASP A . n 
A 1 168 VAL 168 168 168 VAL VAL A . n 
A 1 169 TYR 169 169 169 TYR TYR A . n 
A 1 170 LYS 170 170 170 LYS LYS A . n 
A 1 171 LEU 171 171 171 LEU LEU A . n 
A 1 172 THR 172 172 172 THR THR A . n 
A 1 173 ARG 173 173 173 ARG ARG A . n 
A 1 174 LEU 174 174 174 LEU LEU A . n 
A 1 175 VAL 175 175 175 VAL VAL A . n 
A 1 176 ARG 176 176 176 ARG ARG A . n 
A 1 177 ALA 177 177 177 ALA ALA A . n 
A 1 178 LEU 178 178 178 LEU LEU A . n 
A 1 179 VAL 179 179 179 VAL VAL A . n 
A 1 180 ALA 180 180 180 ALA ALA A . n 
A 1 181 LYS 181 181 181 LYS LYS A . n 
A 1 182 GLY 182 182 182 GLY GLY A . n 
A 1 183 ARG 183 183 183 ARG ARG A . n 
A 1 184 ALA 184 184 184 ALA ALA A . n 
A 1 185 ARG 185 185 185 ARG ARG A . n 
A 1 186 ALA 186 186 186 ALA ALA A . n 
A 1 187 ALA 187 187 187 ALA ALA A . n 
A 1 188 TRP 188 188 188 TRP TRP A . n 
A 1 189 ARG 189 189 189 ARG ARG A . n 
A 1 190 VAL 190 190 190 VAL VAL A . n 
A 1 191 TYR 191 191 191 TYR TYR A . n 
A 1 192 GLU 192 192 192 GLU GLU A . n 
A 1 193 ALA 193 193 193 ALA ALA A . n 
A 1 194 ALA 194 194 194 ALA ALA A . n 
A 1 195 VAL 195 195 195 VAL VAL A . n 
A 1 196 ARG 196 196 196 ARG ARG A . n 
A 1 197 LYS 197 197 197 LYS LYS A . n 
A 1 198 GLY 198 198 198 GLY GLY A . n 
A 1 199 GLY 199 199 199 GLY GLY A . n 
A 1 200 CYS 200 200 200 CYS CYS A . n 
A 1 201 GLU 201 201 201 GLU GLU A . n 
A 1 202 VAL 202 202 202 VAL VAL A . n 
A 1 203 ASP 203 203 203 ASP ASP A . n 
A 1 204 GLU 204 204 204 GLU GLU A . n 
A 1 205 TYR 205 205 205 TYR TYR A . n 
A 1 206 MET 206 206 206 MET MET A . n 
A 1 207 TYR 207 207 207 TYR TYR A . n 
A 1 208 ARG 208 208 208 ARG ARG A . n 
A 1 209 VAL 209 209 209 VAL VAL A . n 
A 1 210 MET 210 210 210 MET MET A . n 
A 1 211 ALA 211 211 211 ALA ALA A . n 
A 1 212 LYS 212 212 212 LYS LYS A . n 
A 1 213 GLY 213 213 213 GLY GLY A . n 
A 1 214 MET 214 214 214 MET MET A . n 
A 1 215 LYS 215 215 215 LYS LYS A . n 
A 1 216 ARG 216 216 216 ARG ARG A . n 
A 1 217 LEU 217 217 217 LEU LEU A . n 
A 1 218 GLY 218 218 218 GLY GLY A . n 
A 1 219 LEU 219 219 219 LEU LEU A . n 
A 1 220 ASP 220 220 220 ASP ASP A . n 
A 1 221 GLU 221 221 221 GLU GLU A . n 
A 1 222 GLU 222 222 222 GLU GLU A . n 
A 1 223 ALA 223 223 223 ALA ALA A . n 
A 1 224 ALA 224 224 224 ALA ALA A . n 
A 1 225 GLU 225 225 225 GLU GLU A . n 
A 1 226 VAL 226 226 226 VAL VAL A . n 
A 1 227 GLU 227 227 227 GLU GLU A . n 
A 1 228 ALA 228 228 228 ALA ALA A . n 
A 1 229 ASP 229 229 229 ASP ASP A . n 
A 1 230 LEU 230 230 230 LEU LEU A . n 
A 1 231 ALA 231 231 231 ALA ALA A . n 
A 1 232 ASP 232 232 232 ASP ASP A . n 
A 1 233 TRP 233 233 233 TRP TRP A . n 
A 1 234 GLU 234 234 234 GLU GLU A . n 
A 1 235 ALA 235 235 235 ALA ALA A . n 
A 1 236 ARG 236 236 236 ARG ARG A . n 
A 1 237 HIS 237 237 237 HIS HIS A . n 
A 1 238 LEU 238 238 ?   ?   ?   A . n 
A 1 239 PRO 239 239 ?   ?   ?   A . n 
A 1 240 ASP 240 240 ?   ?   ?   A . n 
A 1 241 GLU 241 241 ?   ?   ?   A . n 
A 1 242 MET 242 242 ?   ?   ?   A . n 
A 1 243 ARG 243 243 ?   ?   ?   A . n 
A 1 244 PRO 244 244 ?   ?   ?   A . n 
A 1 245 ARG 245 245 ?   ?   ?   A . n 
A 1 246 GLU 246 246 ?   ?   ?   A . n 
A 1 247 LYS 247 247 ?   ?   ?   A . n 
A 1 248 SER 248 248 ?   ?   ?   A . n 
A 1 249 LYS 249 249 ?   ?   ?   A . n 
A 1 250 THR 250 250 ?   ?   ?   A . n 
A 1 251 ALA 251 251 ?   ?   ?   A . n 
A 1 252 VAL 252 252 ?   ?   ?   A . n 
A 1 253 THR 253 253 ?   ?   ?   A . n 
A 1 254 GLY 254 254 ?   ?   ?   A . n 
A 1 255 SER 255 255 ?   ?   ?   A . n 
A 1 256 VAL 256 256 ?   ?   ?   A . n 
A 1 257 VAL 257 257 ?   ?   ?   A . n 
# 
loop_
_pdbx_nonpoly_scheme.asym_id 
_pdbx_nonpoly_scheme.entity_id 
_pdbx_nonpoly_scheme.mon_id 
_pdbx_nonpoly_scheme.ndb_seq_num 
_pdbx_nonpoly_scheme.pdb_seq_num 
_pdbx_nonpoly_scheme.auth_seq_num 
_pdbx_nonpoly_scheme.pdb_mon_id 
_pdbx_nonpoly_scheme.auth_mon_id 
_pdbx_nonpoly_scheme.pdb_strand_id 
_pdbx_nonpoly_scheme.pdb_ins_code 
B 2 HOH 1   301 1   HOH HOH A . 
B 2 HOH 2   302 2   HOH HOH A . 
B 2 HOH 3   303 3   HOH HOH A . 
B 2 HOH 4   304 4   HOH HOH A . 
B 2 HOH 5   305 5   HOH HOH A . 
B 2 HOH 6   306 6   HOH HOH A . 
B 2 HOH 7   307 7   HOH HOH A . 
B 2 HOH 8   308 8   HOH HOH A . 
B 2 HOH 9   309 9   HOH HOH A . 
B 2 HOH 10  310 10  HOH HOH A . 
B 2 HOH 11  311 11  HOH HOH A . 
B 2 HOH 12  312 12  HOH HOH A . 
B 2 HOH 13  313 13  HOH HOH A . 
B 2 HOH 14  314 14  HOH HOH A . 
B 2 HOH 15  315 15  HOH HOH A . 
B 2 HOH 16  316 16  HOH HOH A . 
B 2 HOH 17  317 17  HOH HOH A . 
B 2 HOH 18  318 18  HOH HOH A . 
B 2 HOH 19  319 19  HOH HOH A . 
B 2 HOH 20  320 20  HOH HOH A . 
B 2 HOH 21  321 21  HOH HOH A . 
B 2 HOH 22  322 22  HOH HOH A . 
B 2 HOH 23  323 23  HOH HOH A . 
B 2 HOH 24  324 24  HOH HOH A . 
B 2 HOH 25  325 25  HOH HOH A . 
B 2 HOH 26  326 26  HOH HOH A . 
B 2 HOH 27  327 27  HOH HOH A . 
B 2 HOH 28  328 28  HOH HOH A . 
B 2 HOH 29  329 29  HOH HOH A . 
B 2 HOH 30  330 30  HOH HOH A . 
B 2 HOH 31  331 31  HOH HOH A . 
B 2 HOH 32  332 32  HOH HOH A . 
B 2 HOH 33  333 33  HOH HOH A . 
B 2 HOH 34  334 34  HOH HOH A . 
B 2 HOH 35  335 35  HOH HOH A . 
B 2 HOH 36  336 36  HOH HOH A . 
B 2 HOH 37  337 37  HOH HOH A . 
B 2 HOH 38  338 38  HOH HOH A . 
B 2 HOH 39  339 39  HOH HOH A . 
B 2 HOH 40  340 40  HOH HOH A . 
B 2 HOH 41  341 41  HOH HOH A . 
B 2 HOH 42  342 42  HOH HOH A . 
B 2 HOH 43  343 43  HOH HOH A . 
B 2 HOH 44  344 44  HOH HOH A . 
B 2 HOH 45  345 45  HOH HOH A . 
B 2 HOH 46  346 46  HOH HOH A . 
B 2 HOH 47  347 47  HOH HOH A . 
B 2 HOH 48  348 48  HOH HOH A . 
B 2 HOH 49  349 49  HOH HOH A . 
B 2 HOH 50  350 50  HOH HOH A . 
B 2 HOH 51  351 51  HOH HOH A . 
B 2 HOH 52  352 52  HOH HOH A . 
B 2 HOH 53  353 53  HOH HOH A . 
B 2 HOH 54  354 54  HOH HOH A . 
B 2 HOH 55  355 55  HOH HOH A . 
B 2 HOH 56  356 56  HOH HOH A . 
B 2 HOH 57  357 57  HOH HOH A . 
B 2 HOH 58  358 58  HOH HOH A . 
B 2 HOH 59  359 59  HOH HOH A . 
B 2 HOH 60  360 60  HOH HOH A . 
B 2 HOH 61  361 61  HOH HOH A . 
B 2 HOH 62  362 62  HOH HOH A . 
B 2 HOH 63  363 63  HOH HOH A . 
B 2 HOH 64  364 64  HOH HOH A . 
B 2 HOH 65  365 65  HOH HOH A . 
B 2 HOH 66  366 66  HOH HOH A . 
B 2 HOH 67  367 67  HOH HOH A . 
B 2 HOH 68  368 68  HOH HOH A . 
B 2 HOH 69  369 69  HOH HOH A . 
B 2 HOH 70  370 70  HOH HOH A . 
B 2 HOH 71  371 71  HOH HOH A . 
B 2 HOH 72  372 72  HOH HOH A . 
B 2 HOH 73  373 73  HOH HOH A . 
B 2 HOH 74  374 74  HOH HOH A . 
B 2 HOH 75  375 75  HOH HOH A . 
B 2 HOH 76  376 76  HOH HOH A . 
B 2 HOH 77  377 77  HOH HOH A . 
B 2 HOH 78  378 78  HOH HOH A . 
B 2 HOH 79  379 79  HOH HOH A . 
B 2 HOH 80  380 80  HOH HOH A . 
B 2 HOH 81  381 81  HOH HOH A . 
B 2 HOH 82  382 82  HOH HOH A . 
B 2 HOH 83  383 83  HOH HOH A . 
B 2 HOH 84  384 84  HOH HOH A . 
B 2 HOH 85  385 85  HOH HOH A . 
B 2 HOH 86  386 86  HOH HOH A . 
B 2 HOH 87  387 87  HOH HOH A . 
B 2 HOH 88  388 88  HOH HOH A . 
B 2 HOH 89  389 89  HOH HOH A . 
B 2 HOH 90  390 90  HOH HOH A . 
B 2 HOH 91  391 91  HOH HOH A . 
B 2 HOH 92  392 92  HOH HOH A . 
B 2 HOH 93  393 93  HOH HOH A . 
B 2 HOH 94  394 94  HOH HOH A . 
B 2 HOH 95  395 95  HOH HOH A . 
B 2 HOH 96  396 96  HOH HOH A . 
B 2 HOH 97  397 97  HOH HOH A . 
B 2 HOH 98  398 98  HOH HOH A . 
B 2 HOH 99  399 99  HOH HOH A . 
B 2 HOH 100 400 100 HOH HOH A . 
B 2 HOH 101 401 101 HOH HOH A . 
B 2 HOH 102 402 102 HOH HOH A . 
B 2 HOH 103 403 103 HOH HOH A . 
B 2 HOH 104 404 104 HOH HOH A . 
B 2 HOH 105 405 105 HOH HOH A . 
B 2 HOH 106 406 106 HOH HOH A . 
B 2 HOH 107 407 107 HOH HOH A . 
B 2 HOH 108 408 108 HOH HOH A . 
B 2 HOH 109 409 109 HOH HOH A . 
B 2 HOH 110 410 110 HOH HOH A . 
B 2 HOH 111 411 111 HOH HOH A . 
B 2 HOH 112 412 112 HOH HOH A . 
B 2 HOH 113 413 113 HOH HOH A . 
B 2 HOH 114 414 114 HOH HOH A . 
B 2 HOH 115 415 115 HOH HOH A . 
B 2 HOH 116 416 116 HOH HOH A . 
B 2 HOH 117 417 117 HOH HOH A . 
B 2 HOH 118 418 118 HOH HOH A . 
B 2 HOH 119 419 119 HOH HOH A . 
B 2 HOH 120 420 120 HOH HOH A . 
B 2 HOH 121 421 121 HOH HOH A . 
B 2 HOH 122 422 122 HOH HOH A . 
B 2 HOH 123 423 123 HOH HOH A . 
B 2 HOH 124 424 124 HOH HOH A . 
B 2 HOH 125 425 125 HOH HOH A . 
B 2 HOH 126 426 126 HOH HOH A . 
B 2 HOH 127 427 127 HOH HOH A . 
B 2 HOH 128 428 128 HOH HOH A . 
B 2 HOH 129 429 129 HOH HOH A . 
B 2 HOH 130 430 130 HOH HOH A . 
B 2 HOH 131 431 131 HOH HOH A . 
B 2 HOH 132 432 132 HOH HOH A . 
B 2 HOH 133 433 133 HOH HOH A . 
B 2 HOH 134 434 134 HOH HOH A . 
B 2 HOH 135 435 135 HOH HOH A . 
B 2 HOH 136 436 136 HOH HOH A . 
B 2 HOH 137 437 137 HOH HOH A . 
B 2 HOH 138 438 138 HOH HOH A . 
B 2 HOH 139 439 139 HOH HOH A . 
B 2 HOH 140 440 140 HOH HOH A . 
B 2 HOH 141 441 141 HOH HOH A . 
B 2 HOH 142 442 142 HOH HOH A . 
B 2 HOH 143 443 143 HOH HOH A . 
B 2 HOH 144 444 144 HOH HOH A . 
B 2 HOH 145 445 145 HOH HOH A . 
B 2 HOH 146 446 146 HOH HOH A . 
B 2 HOH 147 447 147 HOH HOH A . 
B 2 HOH 148 448 148 HOH HOH A . 
B 2 HOH 149 449 149 HOH HOH A . 
B 2 HOH 150 450 150 HOH HOH A . 
B 2 HOH 151 451 151 HOH HOH A . 
B 2 HOH 152 452 152 HOH HOH A . 
B 2 HOH 153 453 153 HOH HOH A . 
B 2 HOH 154 454 154 HOH HOH A . 
B 2 HOH 155 455 155 HOH HOH A . 
B 2 HOH 156 456 156 HOH HOH A . 
B 2 HOH 157 457 157 HOH HOH A . 
B 2 HOH 158 458 158 HOH HOH A . 
B 2 HOH 159 459 159 HOH HOH A . 
B 2 HOH 160 460 160 HOH HOH A . 
B 2 HOH 161 461 161 HOH HOH A . 
B 2 HOH 162 462 162 HOH HOH A . 
B 2 HOH 163 463 163 HOH HOH A . 
B 2 HOH 164 464 164 HOH HOH A . 
B 2 HOH 165 465 165 HOH HOH A . 
B 2 HOH 166 466 166 HOH HOH A . 
B 2 HOH 167 467 167 HOH HOH A . 
B 2 HOH 168 468 168 HOH HOH A . 
B 2 HOH 169 469 169 HOH HOH A . 
B 2 HOH 170 470 170 HOH HOH A . 
B 2 HOH 171 471 171 HOH HOH A . 
B 2 HOH 172 472 172 HOH HOH A . 
B 2 HOH 173 473 173 HOH HOH A . 
B 2 HOH 174 474 174 HOH HOH A . 
B 2 HOH 175 475 175 HOH HOH A . 
B 2 HOH 176 476 176 HOH HOH A . 
B 2 HOH 177 477 177 HOH HOH A . 
B 2 HOH 178 478 178 HOH HOH A . 
B 2 HOH 179 479 179 HOH HOH A . 
# 
loop_
_software.name 
_software.classification 
_software.version 
_software.citation_id 
_software.pdbx_ordinal 
HKL-2000 'data collection' .        ? 1 
SHELX    'model building'  .        ? 2 
REFMAC   refinement        5.6.0117 ? 3 
HKL-2000 'data reduction'  .        ? 4 
HKL-2000 'data scaling'    .        ? 5 
SHELX    phasing           .        ? 6 
# 
_cell.entry_id           4ME2 
_cell.length_a           73.649 
_cell.length_b           73.649 
_cell.length_c           61.862 
_cell.angle_alpha        90.00 
_cell.angle_beta         90.00 
_cell.angle_gamma        120.00 
_cell.Z_PDB              6 
_cell.pdbx_unique_axis   ? 
_cell.length_a_esd       ? 
_cell.length_b_esd       ? 
_cell.length_c_esd       ? 
_cell.angle_alpha_esd    ? 
_cell.angle_beta_esd     ? 
_cell.angle_gamma_esd    ? 
# 
_symmetry.entry_id                         4ME2 
_symmetry.space_group_name_H-M             'P 65' 
_symmetry.pdbx_full_space_group_name_H-M   ? 
_symmetry.cell_setting                     ? 
_symmetry.Int_Tables_number                170 
_symmetry.space_group_name_Hall            ? 
# 
_exptl.entry_id          4ME2 
_exptl.method            'X-RAY DIFFRACTION' 
_exptl.crystals_number   1 
# 
_exptl_crystal.id                    1 
_exptl_crystal.density_meas          ? 
_exptl_crystal.density_Matthews      1.75 
_exptl_crystal.density_percent_sol   29.52 
_exptl_crystal.description           ? 
_exptl_crystal.F_000                 ? 
_exptl_crystal.preparation           ? 
# 
_exptl_crystal_grow.crystal_id      1 
_exptl_crystal_grow.method          'VAPOR DIFFUSION, HANGING DROP' 
_exptl_crystal_grow.temp            295 
_exptl_crystal_grow.temp_details    ? 
_exptl_crystal_grow.pH              7.5 
_exptl_crystal_grow.pdbx_details    
'18% PEG 1500, 0.1 M HEPES, pH 7.5, 0.2 M L-Proline, VAPOR DIFFUSION, HANGING DROP, temperature 295K' 
_exptl_crystal_grow.pdbx_pH_range   ? 
# 
_diffrn.id                     1 
_diffrn.ambient_temp           100 
_diffrn.ambient_temp_details   ? 
_diffrn.crystal_id             1 
# 
_diffrn_detector.diffrn_id              1 
_diffrn_detector.detector               CCD 
_diffrn_detector.type                   'MARMOSAIC 300 mm CCD' 
_diffrn_detector.pdbx_collection_date   2013-05-31 
_diffrn_detector.details                ? 
# 
_diffrn_radiation.diffrn_id                        1 
_diffrn_radiation.wavelength_id                    1 
_diffrn_radiation.pdbx_monochromatic_or_laue_m_l   M 
_diffrn_radiation.monochromator                    'Ni FILTER' 
_diffrn_radiation.pdbx_diffrn_protocol             'SINGLE WAVELENGTH' 
_diffrn_radiation.pdbx_scattering_type             x-ray 
# 
_diffrn_radiation_wavelength.id           1 
_diffrn_radiation_wavelength.wavelength   0.97856 
_diffrn_radiation_wavelength.wt           1.0 
# 
_diffrn_source.diffrn_id                   1 
_diffrn_source.source                      SYNCHROTRON 
_diffrn_source.type                        'APS BEAMLINE 21-ID-G' 
_diffrn_source.pdbx_synchrotron_site       APS 
_diffrn_source.pdbx_synchrotron_beamline   21-ID-G 
_diffrn_source.pdbx_wavelength             ? 
_diffrn_source.pdbx_wavelength_list        0.97856 
# 
_reflns.entry_id                     4ME2 
_reflns.observed_criterion_sigma_I   1.0 
_reflns.observed_criterion_sigma_F   1.0 
_reflns.d_resolution_low             50.0 
_reflns.d_resolution_high            1.6 
_reflns.number_obs                   25258 
_reflns.number_all                   25258 
_reflns.percent_possible_obs         100 
_reflns.pdbx_Rmerge_I_obs            0.042 
_reflns.pdbx_Rsym_value              ? 
_reflns.pdbx_netI_over_sigmaI        30.4 
_reflns.B_iso_Wilson_estimate        ? 
_reflns.pdbx_redundancy              11.3 
_reflns.R_free_details               ? 
_reflns.limit_h_max                  ? 
_reflns.limit_h_min                  ? 
_reflns.limit_k_max                  ? 
_reflns.limit_k_min                  ? 
_reflns.limit_l_max                  ? 
_reflns.limit_l_min                  ? 
_reflns.observed_criterion_F_max     ? 
_reflns.observed_criterion_F_min     ? 
_reflns.pdbx_chi_squared             ? 
_reflns.pdbx_scaling_rejects         ? 
_reflns.pdbx_ordinal                 1 
_reflns.pdbx_diffrn_id               1 
# 
_reflns_shell.d_res_high             1.60 
_reflns_shell.d_res_low              1.69 
_reflns_shell.percent_possible_all   100 
_reflns_shell.Rmerge_I_obs           0.883 
_reflns_shell.pdbx_Rsym_value        ? 
_reflns_shell.meanI_over_sigI_obs    2.9 
_reflns_shell.pdbx_redundancy        11.3 
_reflns_shell.percent_possible_obs   ? 
_reflns_shell.number_unique_all      3660 
_reflns_shell.number_measured_all    ? 
_reflns_shell.number_measured_obs    ? 
_reflns_shell.number_unique_obs      ? 
_reflns_shell.pdbx_chi_squared       ? 
_reflns_shell.pdbx_ordinal           1 
_reflns_shell.pdbx_diffrn_id         1 
# 
_refine.entry_id                                 4ME2 
_refine.ls_number_reflns_obs                     23941 
_refine.ls_number_reflns_all                     23946 
_refine.pdbx_ls_sigma_I                          ? 
_refine.pdbx_ls_sigma_F                          ? 
_refine.pdbx_data_cutoff_high_absF               ? 
_refine.pdbx_data_cutoff_low_absF                ? 
_refine.pdbx_data_cutoff_high_rms_absF           ? 
_refine.ls_d_res_low                             50.00 
_refine.ls_d_res_high                            1.60 
_refine.ls_percent_reflns_obs                    99.98 
_refine.ls_R_factor_obs                          0.21377 
_refine.ls_R_factor_all                          ? 
_refine.ls_R_factor_R_work                       0.21214 
_refine.ls_R_factor_R_free                       0.24394 
_refine.ls_R_factor_R_free_error                 ? 
_refine.ls_R_factor_R_free_error_details         ? 
_refine.ls_percent_reflns_R_free                 5.1 
_refine.ls_number_reflns_R_free                  1286 
_refine.ls_number_parameters                     ? 
_refine.ls_number_restraints                     ? 
_refine.occupancy_min                            ? 
_refine.occupancy_max                            ? 
_refine.correlation_coeff_Fo_to_Fc               0.960 
_refine.correlation_coeff_Fo_to_Fc_free          0.952 
_refine.B_iso_mean                               28.301 
_refine.aniso_B[1][1]                            0.63 
_refine.aniso_B[2][2]                            0.63 
_refine.aniso_B[3][3]                            -0.94 
_refine.aniso_B[1][2]                            0.31 
_refine.aniso_B[1][3]                            0.00 
_refine.aniso_B[2][3]                            0.00 
_refine.solvent_model_details                    MASK 
_refine.solvent_model_param_ksol                 ? 
_refine.solvent_model_param_bsol                 ? 
_refine.pdbx_solvent_vdw_probe_radii             1.20 
_refine.pdbx_solvent_ion_probe_radii             0.80 
_refine.pdbx_solvent_shrinkage_radii             0.80 
_refine.pdbx_ls_cross_valid_method               THROUGHOUT 
_refine.details                                  'HYDROGENS HAVE BEEN USED IF PRESENT IN THE INPUT' 
_refine.pdbx_starting_model                      ? 
_refine.pdbx_method_to_determine_struct          SAD 
_refine.pdbx_isotropic_thermal_model             ? 
_refine.pdbx_stereochemistry_target_values       'MAXIMUM LIKELIHOOD' 
_refine.pdbx_stereochem_target_val_spec_case     ? 
_refine.pdbx_R_Free_selection_details            RANDOM 
_refine.pdbx_overall_ESU_R                       0.106 
_refine.pdbx_overall_ESU_R_Free                  0.104 
_refine.overall_SU_ML                            0.080 
_refine.pdbx_overall_phase_error                 ? 
_refine.overall_SU_B                             2.286 
_refine.overall_SU_R_Cruickshank_DPI             ? 
_refine.ls_redundancy_reflns_obs                 ? 
_refine.B_iso_min                                ? 
_refine.B_iso_max                                ? 
_refine.overall_SU_R_free                        ? 
_refine.ls_wR_factor_R_free                      ? 
_refine.ls_wR_factor_R_work                      ? 
_refine.overall_FOM_free_R_set                   ? 
_refine.overall_FOM_work_R_set                   ? 
_refine.pdbx_diffrn_id                           1 
_refine.pdbx_refine_id                           'X-RAY DIFFRACTION' 
_refine.pdbx_TLS_residual_ADP_flag               ? 
_refine.pdbx_overall_SU_R_free_Cruickshank_DPI   ? 
_refine.pdbx_overall_SU_R_Blow_DPI               ? 
_refine.pdbx_overall_SU_R_free_Blow_DPI          ? 
# 
_refine_hist.pdbx_refine_id                   'X-RAY DIFFRACTION' 
_refine_hist.cycle_id                         LAST 
_refine_hist.pdbx_number_atoms_protein        1468 
_refine_hist.pdbx_number_atoms_nucleic_acid   0 
_refine_hist.pdbx_number_atoms_ligand         0 
_refine_hist.number_atoms_solvent             179 
_refine_hist.number_atoms_total               1647 
_refine_hist.d_res_high                       1.60 
_refine_hist.d_res_low                        50.00 
# 
loop_
_refine_ls_restr.type 
_refine_ls_restr.dev_ideal 
_refine_ls_restr.dev_ideal_target 
_refine_ls_restr.weight 
_refine_ls_restr.number 
_refine_ls_restr.pdbx_restraint_function 
_refine_ls_restr.pdbx_refine_id 
r_bond_refined_d       0.006  0.019  ? 1496 ? 'X-RAY DIFFRACTION' 
r_angle_refined_deg    1.038  1.954  ? 2030 ? 'X-RAY DIFFRACTION' 
r_dihedral_angle_1_deg 4.303  5.000  ? 193  ? 'X-RAY DIFFRACTION' 
r_dihedral_angle_2_deg 33.730 22.273 ? 66   ? 'X-RAY DIFFRACTION' 
r_dihedral_angle_3_deg 16.135 15.000 ? 237  ? 'X-RAY DIFFRACTION' 
r_dihedral_angle_4_deg 19.388 15.000 ? 17   ? 'X-RAY DIFFRACTION' 
r_chiral_restr         0.064  0.200  ? 224  ? 'X-RAY DIFFRACTION' 
r_gen_planes_refined   0.004  0.021  ? 1149 ? 'X-RAY DIFFRACTION' 
# 
_refine_ls_shell.pdbx_total_number_of_bins_used   20 
_refine_ls_shell.d_res_high                       1.600 
_refine_ls_shell.d_res_low                        1.642 
_refine_ls_shell.number_reflns_R_work             1701 
_refine_ls_shell.R_factor_R_work                  0.285 
_refine_ls_shell.percent_reflns_obs               100.00 
_refine_ls_shell.R_factor_R_free                  0.334 
_refine_ls_shell.R_factor_R_free_error            ? 
_refine_ls_shell.percent_reflns_R_free            ? 
_refine_ls_shell.number_reflns_R_free             86 
_refine_ls_shell.number_reflns_all                ? 
_refine_ls_shell.R_factor_all                     ? 
_refine_ls_shell.number_reflns_obs                1701 
_refine_ls_shell.redundancy_reflns_obs            ? 
_refine_ls_shell.pdbx_refine_id                   'X-RAY DIFFRACTION' 
# 
_struct.entry_id                  4ME2 
_struct.title                     'Crystal Structure of THA8 protein from Brachypodium distachyon' 
_struct.pdbx_model_details        ? 
_struct.pdbx_CASP_flag            ? 
_struct.pdbx_model_type_details   ? 
# 
_struct_keywords.entry_id        4ME2 
_struct_keywords.pdbx_keywords   'RNA BINDING PROTEIN' 
_struct_keywords.text            
'Pentatricopeptide repeat protein, Helix-turn-helix repeats, RNA binding protein, Group II intron RNA binding, chloroplast' 
# 
loop_
_struct_asym.id 
_struct_asym.pdbx_blank_PDB_chainid_flag 
_struct_asym.pdbx_modified 
_struct_asym.entity_id 
_struct_asym.details 
A N N 1 ? 
B N N 2 ? 
# 
_struct_ref.id                         1 
_struct_ref.db_name                    UNP 
_struct_ref.db_code                    I1HB13_BRADI 
_struct_ref.pdbx_db_accession          I1HB13 
_struct_ref.entity_id                  1 
_struct_ref.pdbx_seq_one_letter_code   
;MASLLFLPHTTPAPTLRAKLLPGPRTIITCGPRDNRGPLQRGRSLSTEAIHAVQALKRLTAADRSPPAATAAASAALGRL
LRADLLAAMAELQRQGHWSLALAALHVARAEPWYRPDPELYATFVSSSPSNDPAAAAAVDALVEAFIEEKERGAAGGSSE
GVWVGEDVYKLTRLVRALVAKGRARAAWRVYEAAVRKGGCEVDEYMYRVMAKGMKRLGLDEEAAEVEADLADWEARHLPD
EMRPREKSKTAVTGSVV
;
_struct_ref.pdbx_align_begin           1 
_struct_ref.pdbx_db_isoform            ? 
# 
_struct_ref_seq.align_id                      1 
_struct_ref_seq.ref_id                        1 
_struct_ref_seq.pdbx_PDB_id_code              4ME2 
_struct_ref_seq.pdbx_strand_id                A 
_struct_ref_seq.seq_align_beg                 1 
_struct_ref_seq.pdbx_seq_align_beg_ins_code   ? 
_struct_ref_seq.seq_align_end                 257 
_struct_ref_seq.pdbx_seq_align_end_ins_code   ? 
_struct_ref_seq.pdbx_db_accession             I1HB13 
_struct_ref_seq.db_align_beg                  1 
_struct_ref_seq.pdbx_db_align_beg_ins_code    ? 
_struct_ref_seq.db_align_end                  257 
_struct_ref_seq.pdbx_db_align_end_ins_code    ? 
_struct_ref_seq.pdbx_auth_seq_align_beg       1 
_struct_ref_seq.pdbx_auth_seq_align_end       257 
# 
_pdbx_struct_assembly.id                   1 
_pdbx_struct_assembly.details              author_and_software_defined_assembly 
_pdbx_struct_assembly.method_details       PISA 
_pdbx_struct_assembly.oligomeric_details   monomeric 
_pdbx_struct_assembly.oligomeric_count     1 
# 
_pdbx_struct_assembly_gen.assembly_id       1 
_pdbx_struct_assembly_gen.oper_expression   1 
_pdbx_struct_assembly_gen.asym_id_list      A,B 
# 
_pdbx_struct_oper_list.id                   1 
_pdbx_struct_oper_list.type                 'identity operation' 
_pdbx_struct_oper_list.name                 1_555 
_pdbx_struct_oper_list.symmetry_operation   x,y,z 
_pdbx_struct_oper_list.matrix[1][1]         1.0000000000 
_pdbx_struct_oper_list.matrix[1][2]         0.0000000000 
_pdbx_struct_oper_list.matrix[1][3]         0.0000000000 
_pdbx_struct_oper_list.vector[1]            0.0000000000 
_pdbx_struct_oper_list.matrix[2][1]         0.0000000000 
_pdbx_struct_oper_list.matrix[2][2]         1.0000000000 
_pdbx_struct_oper_list.matrix[2][3]         0.0000000000 
_pdbx_struct_oper_list.vector[2]            0.0000000000 
_pdbx_struct_oper_list.matrix[3][1]         0.0000000000 
_pdbx_struct_oper_list.matrix[3][2]         0.0000000000 
_pdbx_struct_oper_list.matrix[3][3]         1.0000000000 
_pdbx_struct_oper_list.vector[3]            0.0000000000 
# 
_struct_biol.id        1 
_struct_biol.details   ? 
# 
loop_
_struct_conf.conf_type_id 
_struct_conf.id 
_struct_conf.pdbx_PDB_helix_id 
_struct_conf.beg_label_comp_id 
_struct_conf.beg_label_asym_id 
_struct_conf.beg_label_seq_id 
_struct_conf.pdbx_beg_PDB_ins_code 
_struct_conf.end_label_comp_id 
_struct_conf.end_label_asym_id 
_struct_conf.end_label_seq_id 
_struct_conf.pdbx_end_PDB_ins_code 
_struct_conf.beg_auth_comp_id 
_struct_conf.beg_auth_asym_id 
_struct_conf.beg_auth_seq_id 
_struct_conf.end_auth_comp_id 
_struct_conf.end_auth_asym_id 
_struct_conf.end_auth_seq_id 
_struct_conf.pdbx_PDB_helix_class 
_struct_conf.details 
_struct_conf.pdbx_PDB_helix_length 
HELX_P HELX_P1  1  SER A 46  ? THR A 60  ? SER A 46  THR A 60  1 ? 15 
HELX_P HELX_P2  2  SER A 65  ? GLY A 78  ? SER A 65  GLY A 78  1 ? 14 
HELX_P HELX_P3  3  LEU A 81  ? GLN A 95  ? LEU A 81  GLN A 95  1 ? 15 
HELX_P HELX_P4  4  HIS A 97  ? ALA A 110 ? HIS A 97  ALA A 110 1 ? 14 
HELX_P HELX_P5  5  ASP A 117 ? SER A 127 ? ASP A 117 SER A 127 1 ? 11 
HELX_P HELX_P6  6  ASP A 132 ? ARG A 152 ? ASP A 132 ARG A 152 1 ? 21 
HELX_P HELX_P7  7  GLY A 153 ? GLY A 157 ? GLY A 153 GLY A 157 5 ? 5  
HELX_P HELX_P8  8  ASP A 167 ? LYS A 181 ? ASP A 167 LYS A 181 1 ? 15 
HELX_P HELX_P9  9  ARG A 183 ? VAL A 195 ? ARG A 183 VAL A 195 1 ? 13 
HELX_P HELX_P10 10 ASP A 203 ? LEU A 217 ? ASP A 203 LEU A 217 1 ? 15 
HELX_P HELX_P11 11 LEU A 219 ? HIS A 237 ? LEU A 219 HIS A 237 1 ? 19 
# 
_struct_conf_type.id          HELX_P 
_struct_conf_type.criteria    ? 
_struct_conf_type.reference   ? 
# 
_struct_mon_prot_cis.pdbx_id                1 
_struct_mon_prot_cis.label_comp_id          SER 
_struct_mon_prot_cis.label_seq_id           158 
_struct_mon_prot_cis.label_asym_id          A 
_struct_mon_prot_cis.label_alt_id           . 
_struct_mon_prot_cis.pdbx_PDB_ins_code      ? 
_struct_mon_prot_cis.auth_comp_id           SER 
_struct_mon_prot_cis.auth_seq_id            158 
_struct_mon_prot_cis.auth_asym_id           A 
_struct_mon_prot_cis.pdbx_label_comp_id_2   SER 
_struct_mon_prot_cis.pdbx_label_seq_id_2    159 
_struct_mon_prot_cis.pdbx_label_asym_id_2   A 
_struct_mon_prot_cis.pdbx_PDB_ins_code_2    ? 
_struct_mon_prot_cis.pdbx_auth_comp_id_2    SER 
_struct_mon_prot_cis.pdbx_auth_seq_id_2     159 
_struct_mon_prot_cis.pdbx_auth_asym_id_2    A 
_struct_mon_prot_cis.pdbx_PDB_model_num     1 
_struct_mon_prot_cis.pdbx_omega_angle       7.24 
# 
_pdbx_validate_torsion.id              1 
_pdbx_validate_torsion.PDB_model_num   1 
_pdbx_validate_torsion.auth_comp_id    ASP 
_pdbx_validate_torsion.auth_asym_id    A 
_pdbx_validate_torsion.auth_seq_id     167 
_pdbx_validate_torsion.PDB_ins_code    ? 
_pdbx_validate_torsion.label_alt_id    ? 
_pdbx_validate_torsion.phi             -67.93 
_pdbx_validate_torsion.psi             98.06 
# 
loop_
_pdbx_unobs_or_zero_occ_residues.id 
_pdbx_unobs_or_zero_occ_residues.PDB_model_num 
_pdbx_unobs_or_zero_occ_residues.polymer_flag 
_pdbx_unobs_or_zero_occ_residues.occupancy_flag 
_pdbx_unobs_or_zero_occ_residues.auth_asym_id 
_pdbx_unobs_or_zero_occ_residues.auth_comp_id 
_pdbx_unobs_or_zero_occ_residues.auth_seq_id 
_pdbx_unobs_or_zero_occ_residues.PDB_ins_code 
_pdbx_unobs_or_zero_occ_residues.label_asym_id 
_pdbx_unobs_or_zero_occ_residues.label_comp_id 
_pdbx_unobs_or_zero_occ_residues.label_seq_id 
1  1 Y 1 A MET 1   ? A MET 1   
2  1 Y 1 A ALA 2   ? A ALA 2   
3  1 Y 1 A SER 3   ? A SER 3   
4  1 Y 1 A LEU 4   ? A LEU 4   
5  1 Y 1 A LEU 5   ? A LEU 5   
6  1 Y 1 A PHE 6   ? A PHE 6   
7  1 Y 1 A LEU 7   ? A LEU 7   
8  1 Y 1 A PRO 8   ? A PRO 8   
9  1 Y 1 A HIS 9   ? A HIS 9   
10 1 Y 1 A THR 10  ? A THR 10  
11 1 Y 1 A THR 11  ? A THR 11  
12 1 Y 1 A PRO 12  ? A PRO 12  
13 1 Y 1 A ALA 13  ? A ALA 13  
14 1 Y 1 A PRO 14  ? A PRO 14  
15 1 Y 1 A THR 15  ? A THR 15  
16 1 Y 1 A LEU 16  ? A LEU 16  
17 1 Y 1 A ARG 17  ? A ARG 17  
18 1 Y 1 A ALA 18  ? A ALA 18  
19 1 Y 1 A LYS 19  ? A LYS 19  
20 1 Y 1 A LEU 20  ? A LEU 20  
21 1 Y 1 A LEU 21  ? A LEU 21  
22 1 Y 1 A PRO 22  ? A PRO 22  
23 1 Y 1 A GLY 23  ? A GLY 23  
24 1 Y 1 A PRO 24  ? A PRO 24  
25 1 Y 1 A ARG 25  ? A ARG 25  
26 1 Y 1 A THR 26  ? A THR 26  
27 1 Y 1 A ILE 27  ? A ILE 27  
28 1 Y 1 A ILE 28  ? A ILE 28  
29 1 Y 1 A THR 29  ? A THR 29  
30 1 Y 1 A CYS 30  ? A CYS 30  
31 1 Y 1 A GLY 31  ? A GLY 31  
32 1 Y 1 A PRO 32  ? A PRO 32  
33 1 Y 1 A ARG 33  ? A ARG 33  
34 1 Y 1 A ASP 34  ? A ASP 34  
35 1 Y 1 A ASN 35  ? A ASN 35  
36 1 Y 1 A ARG 36  ? A ARG 36  
37 1 Y 1 A GLY 37  ? A GLY 37  
38 1 Y 1 A PRO 38  ? A PRO 38  
39 1 Y 1 A LEU 39  ? A LEU 39  
40 1 Y 1 A GLN 40  ? A GLN 40  
41 1 Y 1 A ARG 41  ? A ARG 41  
42 1 Y 1 A GLY 42  ? A GLY 42  
43 1 Y 1 A ARG 43  ? A ARG 43  
44 1 Y 1 A LEU 238 ? A LEU 238 
45 1 Y 1 A PRO 239 ? A PRO 239 
46 1 Y 1 A ASP 240 ? A ASP 240 
47 1 Y 1 A GLU 241 ? A GLU 241 
48 1 Y 1 A MET 242 ? A MET 242 
49 1 Y 1 A ARG 243 ? A ARG 243 
50 1 Y 1 A PRO 244 ? A PRO 244 
51 1 Y 1 A ARG 245 ? A ARG 245 
52 1 Y 1 A GLU 246 ? A GLU 246 
53 1 Y 1 A LYS 247 ? A LYS 247 
54 1 Y 1 A SER 248 ? A SER 248 
55 1 Y 1 A LYS 249 ? A LYS 249 
56 1 Y 1 A THR 250 ? A THR 250 
57 1 Y 1 A ALA 251 ? A ALA 251 
58 1 Y 1 A VAL 252 ? A VAL 252 
59 1 Y 1 A THR 253 ? A THR 253 
60 1 Y 1 A GLY 254 ? A GLY 254 
61 1 Y 1 A SER 255 ? A SER 255 
62 1 Y 1 A VAL 256 ? A VAL 256 
63 1 Y 1 A VAL 257 ? A VAL 257 
# 
loop_
_chem_comp_atom.comp_id 
_chem_comp_atom.atom_id 
_chem_comp_atom.type_symbol 
_chem_comp_atom.pdbx_aromatic_flag 
_chem_comp_atom.pdbx_stereo_config 
_chem_comp_atom.pdbx_ordinal 
ALA N    N N N 1   
ALA CA   C N S 2   
ALA C    C N N 3   
ALA O    O N N 4   
ALA CB   C N N 5   
ALA OXT  O N N 6   
ALA H    H N N 7   
ALA H2   H N N 8   
ALA HA   H N N 9   
ALA HB1  H N N 10  
ALA HB2  H N N 11  
ALA HB3  H N N 12  
ALA HXT  H N N 13  
ARG N    N N N 14  
ARG CA   C N S 15  
ARG C    C N N 16  
ARG O    O N N 17  
ARG CB   C N N 18  
ARG CG   C N N 19  
ARG CD   C N N 20  
ARG NE   N N N 21  
ARG CZ   C N N 22  
ARG NH1  N N N 23  
ARG NH2  N N N 24  
ARG OXT  O N N 25  
ARG H    H N N 26  
ARG H2   H N N 27  
ARG HA   H N N 28  
ARG HB2  H N N 29  
ARG HB3  H N N 30  
ARG HG2  H N N 31  
ARG HG3  H N N 32  
ARG HD2  H N N 33  
ARG HD3  H N N 34  
ARG HE   H N N 35  
ARG HH11 H N N 36  
ARG HH12 H N N 37  
ARG HH21 H N N 38  
ARG HH22 H N N 39  
ARG HXT  H N N 40  
ASN N    N N N 41  
ASN CA   C N S 42  
ASN C    C N N 43  
ASN O    O N N 44  
ASN CB   C N N 45  
ASN CG   C N N 46  
ASN OD1  O N N 47  
ASN ND2  N N N 48  
ASN OXT  O N N 49  
ASN H    H N N 50  
ASN H2   H N N 51  
ASN HA   H N N 52  
ASN HB2  H N N 53  
ASN HB3  H N N 54  
ASN HD21 H N N 55  
ASN HD22 H N N 56  
ASN HXT  H N N 57  
ASP N    N N N 58  
ASP CA   C N S 59  
ASP C    C N N 60  
ASP O    O N N 61  
ASP CB   C N N 62  
ASP CG   C N N 63  
ASP OD1  O N N 64  
ASP OD2  O N N 65  
ASP OXT  O N N 66  
ASP H    H N N 67  
ASP H2   H N N 68  
ASP HA   H N N 69  
ASP HB2  H N N 70  
ASP HB3  H N N 71  
ASP HD2  H N N 72  
ASP HXT  H N N 73  
CYS N    N N N 74  
CYS CA   C N R 75  
CYS C    C N N 76  
CYS O    O N N 77  
CYS CB   C N N 78  
CYS SG   S N N 79  
CYS OXT  O N N 80  
CYS H    H N N 81  
CYS H2   H N N 82  
CYS HA   H N N 83  
CYS HB2  H N N 84  
CYS HB3  H N N 85  
CYS HG   H N N 86  
CYS HXT  H N N 87  
GLN N    N N N 88  
GLN CA   C N S 89  
GLN C    C N N 90  
GLN O    O N N 91  
GLN CB   C N N 92  
GLN CG   C N N 93  
GLN CD   C N N 94  
GLN OE1  O N N 95  
GLN NE2  N N N 96  
GLN OXT  O N N 97  
GLN H    H N N 98  
GLN H2   H N N 99  
GLN HA   H N N 100 
GLN HB2  H N N 101 
GLN HB3  H N N 102 
GLN HG2  H N N 103 
GLN HG3  H N N 104 
GLN HE21 H N N 105 
GLN HE22 H N N 106 
GLN HXT  H N N 107 
GLU N    N N N 108 
GLU CA   C N S 109 
GLU C    C N N 110 
GLU O    O N N 111 
GLU CB   C N N 112 
GLU CG   C N N 113 
GLU CD   C N N 114 
GLU OE1  O N N 115 
GLU OE2  O N N 116 
GLU OXT  O N N 117 
GLU H    H N N 118 
GLU H2   H N N 119 
GLU HA   H N N 120 
GLU HB2  H N N 121 
GLU HB3  H N N 122 
GLU HG2  H N N 123 
GLU HG3  H N N 124 
GLU HE2  H N N 125 
GLU HXT  H N N 126 
GLY N    N N N 127 
GLY CA   C N N 128 
GLY C    C N N 129 
GLY O    O N N 130 
GLY OXT  O N N 131 
GLY H    H N N 132 
GLY H2   H N N 133 
GLY HA2  H N N 134 
GLY HA3  H N N 135 
GLY HXT  H N N 136 
HIS N    N N N 137 
HIS CA   C N S 138 
HIS C    C N N 139 
HIS O    O N N 140 
HIS CB   C N N 141 
HIS CG   C Y N 142 
HIS ND1  N Y N 143 
HIS CD2  C Y N 144 
HIS CE1  C Y N 145 
HIS NE2  N Y N 146 
HIS OXT  O N N 147 
HIS H    H N N 148 
HIS H2   H N N 149 
HIS HA   H N N 150 
HIS HB2  H N N 151 
HIS HB3  H N N 152 
HIS HD1  H N N 153 
HIS HD2  H N N 154 
HIS HE1  H N N 155 
HIS HE2  H N N 156 
HIS HXT  H N N 157 
HOH O    O N N 158 
HOH H1   H N N 159 
HOH H2   H N N 160 
ILE N    N N N 161 
ILE CA   C N S 162 
ILE C    C N N 163 
ILE O    O N N 164 
ILE CB   C N S 165 
ILE CG1  C N N 166 
ILE CG2  C N N 167 
ILE CD1  C N N 168 
ILE OXT  O N N 169 
ILE H    H N N 170 
ILE H2   H N N 171 
ILE HA   H N N 172 
ILE HB   H N N 173 
ILE HG12 H N N 174 
ILE HG13 H N N 175 
ILE HG21 H N N 176 
ILE HG22 H N N 177 
ILE HG23 H N N 178 
ILE HD11 H N N 179 
ILE HD12 H N N 180 
ILE HD13 H N N 181 
ILE HXT  H N N 182 
LEU N    N N N 183 
LEU CA   C N S 184 
LEU C    C N N 185 
LEU O    O N N 186 
LEU CB   C N N 187 
LEU CG   C N N 188 
LEU CD1  C N N 189 
LEU CD2  C N N 190 
LEU OXT  O N N 191 
LEU H    H N N 192 
LEU H2   H N N 193 
LEU HA   H N N 194 
LEU HB2  H N N 195 
LEU HB3  H N N 196 
LEU HG   H N N 197 
LEU HD11 H N N 198 
LEU HD12 H N N 199 
LEU HD13 H N N 200 
LEU HD21 H N N 201 
LEU HD22 H N N 202 
LEU HD23 H N N 203 
LEU HXT  H N N 204 
LYS N    N N N 205 
LYS CA   C N S 206 
LYS C    C N N 207 
LYS O    O N N 208 
LYS CB   C N N 209 
LYS CG   C N N 210 
LYS CD   C N N 211 
LYS CE   C N N 212 
LYS NZ   N N N 213 
LYS OXT  O N N 214 
LYS H    H N N 215 
LYS H2   H N N 216 
LYS HA   H N N 217 
LYS HB2  H N N 218 
LYS HB3  H N N 219 
LYS HG2  H N N 220 
LYS HG3  H N N 221 
LYS HD2  H N N 222 
LYS HD3  H N N 223 
LYS HE2  H N N 224 
LYS HE3  H N N 225 
LYS HZ1  H N N 226 
LYS HZ2  H N N 227 
LYS HZ3  H N N 228 
LYS HXT  H N N 229 
MET N    N N N 230 
MET CA   C N S 231 
MET C    C N N 232 
MET O    O N N 233 
MET CB   C N N 234 
MET CG   C N N 235 
MET SD   S N N 236 
MET CE   C N N 237 
MET OXT  O N N 238 
MET H    H N N 239 
MET H2   H N N 240 
MET HA   H N N 241 
MET HB2  H N N 242 
MET HB3  H N N 243 
MET HG2  H N N 244 
MET HG3  H N N 245 
MET HE1  H N N 246 
MET HE2  H N N 247 
MET HE3  H N N 248 
MET HXT  H N N 249 
PHE N    N N N 250 
PHE CA   C N S 251 
PHE C    C N N 252 
PHE O    O N N 253 
PHE CB   C N N 254 
PHE CG   C Y N 255 
PHE CD1  C Y N 256 
PHE CD2  C Y N 257 
PHE CE1  C Y N 258 
PHE CE2  C Y N 259 
PHE CZ   C Y N 260 
PHE OXT  O N N 261 
PHE H    H N N 262 
PHE H2   H N N 263 
PHE HA   H N N 264 
PHE HB2  H N N 265 
PHE HB3  H N N 266 
PHE HD1  H N N 267 
PHE HD2  H N N 268 
PHE HE1  H N N 269 
PHE HE2  H N N 270 
PHE HZ   H N N 271 
PHE HXT  H N N 272 
PRO N    N N N 273 
PRO CA   C N S 274 
PRO C    C N N 275 
PRO O    O N N 276 
PRO CB   C N N 277 
PRO CG   C N N 278 
PRO CD   C N N 279 
PRO OXT  O N N 280 
PRO H    H N N 281 
PRO HA   H N N 282 
PRO HB2  H N N 283 
PRO HB3  H N N 284 
PRO HG2  H N N 285 
PRO HG3  H N N 286 
PRO HD2  H N N 287 
PRO HD3  H N N 288 
PRO HXT  H N N 289 
SER N    N N N 290 
SER CA   C N S 291 
SER C    C N N 292 
SER O    O N N 293 
SER CB   C N N 294 
SER OG   O N N 295 
SER OXT  O N N 296 
SER H    H N N 297 
SER H2   H N N 298 
SER HA   H N N 299 
SER HB2  H N N 300 
SER HB3  H N N 301 
SER HG   H N N 302 
SER HXT  H N N 303 
THR N    N N N 304 
THR CA   C N S 305 
THR C    C N N 306 
THR O    O N N 307 
THR CB   C N R 308 
THR OG1  O N N 309 
THR CG2  C N N 310 
THR OXT  O N N 311 
THR H    H N N 312 
THR H2   H N N 313 
THR HA   H N N 314 
THR HB   H N N 315 
THR HG1  H N N 316 
THR HG21 H N N 317 
THR HG22 H N N 318 
THR HG23 H N N 319 
THR HXT  H N N 320 
TRP N    N N N 321 
TRP CA   C N S 322 
TRP C    C N N 323 
TRP O    O N N 324 
TRP CB   C N N 325 
TRP CG   C Y N 326 
TRP CD1  C Y N 327 
TRP CD2  C Y N 328 
TRP NE1  N Y N 329 
TRP CE2  C Y N 330 
TRP CE3  C Y N 331 
TRP CZ2  C Y N 332 
TRP CZ3  C Y N 333 
TRP CH2  C Y N 334 
TRP OXT  O N N 335 
TRP H    H N N 336 
TRP H2   H N N 337 
TRP HA   H N N 338 
TRP HB2  H N N 339 
TRP HB3  H N N 340 
TRP HD1  H N N 341 
TRP HE1  H N N 342 
TRP HE3  H N N 343 
TRP HZ2  H N N 344 
TRP HZ3  H N N 345 
TRP HH2  H N N 346 
TRP HXT  H N N 347 
TYR N    N N N 348 
TYR CA   C N S 349 
TYR C    C N N 350 
TYR O    O N N 351 
TYR CB   C N N 352 
TYR CG   C Y N 353 
TYR CD1  C Y N 354 
TYR CD2  C Y N 355 
TYR CE1  C Y N 356 
TYR CE2  C Y N 357 
TYR CZ   C Y N 358 
TYR OH   O N N 359 
TYR OXT  O N N 360 
TYR H    H N N 361 
TYR H2   H N N 362 
TYR HA   H N N 363 
TYR HB2  H N N 364 
TYR HB3  H N N 365 
TYR HD1  H N N 366 
TYR HD2  H N N 367 
TYR HE1  H N N 368 
TYR HE2  H N N 369 
TYR HH   H N N 370 
TYR HXT  H N N 371 
VAL N    N N N 372 
VAL CA   C N S 373 
VAL C    C N N 374 
VAL O    O N N 375 
VAL CB   C N N 376 
VAL CG1  C N N 377 
VAL CG2  C N N 378 
VAL OXT  O N N 379 
VAL H    H N N 380 
VAL H2   H N N 381 
VAL HA   H N N 382 
VAL HB   H N N 383 
VAL HG11 H N N 384 
VAL HG12 H N N 385 
VAL HG13 H N N 386 
VAL HG21 H N N 387 
VAL HG22 H N N 388 
VAL HG23 H N N 389 
VAL HXT  H N N 390 
# 
loop_
_chem_comp_bond.comp_id 
_chem_comp_bond.atom_id_1 
_chem_comp_bond.atom_id_2 
_chem_comp_bond.value_order 
_chem_comp_bond.pdbx_aromatic_flag 
_chem_comp_bond.pdbx_stereo_config 
_chem_comp_bond.pdbx_ordinal 
ALA N   CA   sing N N 1   
ALA N   H    sing N N 2   
ALA N   H2   sing N N 3   
ALA CA  C    sing N N 4   
ALA CA  CB   sing N N 5   
ALA CA  HA   sing N N 6   
ALA C   O    doub N N 7   
ALA C   OXT  sing N N 8   
ALA CB  HB1  sing N N 9   
ALA CB  HB2  sing N N 10  
ALA CB  HB3  sing N N 11  
ALA OXT HXT  sing N N 12  
ARG N   CA   sing N N 13  
ARG N   H    sing N N 14  
ARG N   H2   sing N N 15  
ARG CA  C    sing N N 16  
ARG CA  CB   sing N N 17  
ARG CA  HA   sing N N 18  
ARG C   O    doub N N 19  
ARG C   OXT  sing N N 20  
ARG CB  CG   sing N N 21  
ARG CB  HB2  sing N N 22  
ARG CB  HB3  sing N N 23  
ARG CG  CD   sing N N 24  
ARG CG  HG2  sing N N 25  
ARG CG  HG3  sing N N 26  
ARG CD  NE   sing N N 27  
ARG CD  HD2  sing N N 28  
ARG CD  HD3  sing N N 29  
ARG NE  CZ   sing N N 30  
ARG NE  HE   sing N N 31  
ARG CZ  NH1  sing N N 32  
ARG CZ  NH2  doub N N 33  
ARG NH1 HH11 sing N N 34  
ARG NH1 HH12 sing N N 35  
ARG NH2 HH21 sing N N 36  
ARG NH2 HH22 sing N N 37  
ARG OXT HXT  sing N N 38  
ASN N   CA   sing N N 39  
ASN N   H    sing N N 40  
ASN N   H2   sing N N 41  
ASN CA  C    sing N N 42  
ASN CA  CB   sing N N 43  
ASN CA  HA   sing N N 44  
ASN C   O    doub N N 45  
ASN C   OXT  sing N N 46  
ASN CB  CG   sing N N 47  
ASN CB  HB2  sing N N 48  
ASN CB  HB3  sing N N 49  
ASN CG  OD1  doub N N 50  
ASN CG  ND2  sing N N 51  
ASN ND2 HD21 sing N N 52  
ASN ND2 HD22 sing N N 53  
ASN OXT HXT  sing N N 54  
ASP N   CA   sing N N 55  
ASP N   H    sing N N 56  
ASP N   H2   sing N N 57  
ASP CA  C    sing N N 58  
ASP CA  CB   sing N N 59  
ASP CA  HA   sing N N 60  
ASP C   O    doub N N 61  
ASP C   OXT  sing N N 62  
ASP CB  CG   sing N N 63  
ASP CB  HB2  sing N N 64  
ASP CB  HB3  sing N N 65  
ASP CG  OD1  doub N N 66  
ASP CG  OD2  sing N N 67  
ASP OD2 HD2  sing N N 68  
ASP OXT HXT  sing N N 69  
CYS N   CA   sing N N 70  
CYS N   H    sing N N 71  
CYS N   H2   sing N N 72  
CYS CA  C    sing N N 73  
CYS CA  CB   sing N N 74  
CYS CA  HA   sing N N 75  
CYS C   O    doub N N 76  
CYS C   OXT  sing N N 77  
CYS CB  SG   sing N N 78  
CYS CB  HB2  sing N N 79  
CYS CB  HB3  sing N N 80  
CYS SG  HG   sing N N 81  
CYS OXT HXT  sing N N 82  
GLN N   CA   sing N N 83  
GLN N   H    sing N N 84  
GLN N   H2   sing N N 85  
GLN CA  C    sing N N 86  
GLN CA  CB   sing N N 87  
GLN CA  HA   sing N N 88  
GLN C   O    doub N N 89  
GLN C   OXT  sing N N 90  
GLN CB  CG   sing N N 91  
GLN CB  HB2  sing N N 92  
GLN CB  HB3  sing N N 93  
GLN CG  CD   sing N N 94  
GLN CG  HG2  sing N N 95  
GLN CG  HG3  sing N N 96  
GLN CD  OE1  doub N N 97  
GLN CD  NE2  sing N N 98  
GLN NE2 HE21 sing N N 99  
GLN NE2 HE22 sing N N 100 
GLN OXT HXT  sing N N 101 
GLU N   CA   sing N N 102 
GLU N   H    sing N N 103 
GLU N   H2   sing N N 104 
GLU CA  C    sing N N 105 
GLU CA  CB   sing N N 106 
GLU CA  HA   sing N N 107 
GLU C   O    doub N N 108 
GLU C   OXT  sing N N 109 
GLU CB  CG   sing N N 110 
GLU CB  HB2  sing N N 111 
GLU CB  HB3  sing N N 112 
GLU CG  CD   sing N N 113 
GLU CG  HG2  sing N N 114 
GLU CG  HG3  sing N N 115 
GLU CD  OE1  doub N N 116 
GLU CD  OE2  sing N N 117 
GLU OE2 HE2  sing N N 118 
GLU OXT HXT  sing N N 119 
GLY N   CA   sing N N 120 
GLY N   H    sing N N 121 
GLY N   H2   sing N N 122 
GLY CA  C    sing N N 123 
GLY CA  HA2  sing N N 124 
GLY CA  HA3  sing N N 125 
GLY C   O    doub N N 126 
GLY C   OXT  sing N N 127 
GLY OXT HXT  sing N N 128 
HIS N   CA   sing N N 129 
HIS N   H    sing N N 130 
HIS N   H2   sing N N 131 
HIS CA  C    sing N N 132 
HIS CA  CB   sing N N 133 
HIS CA  HA   sing N N 134 
HIS C   O    doub N N 135 
HIS C   OXT  sing N N 136 
HIS CB  CG   sing N N 137 
HIS CB  HB2  sing N N 138 
HIS CB  HB3  sing N N 139 
HIS CG  ND1  sing Y N 140 
HIS CG  CD2  doub Y N 141 
HIS ND1 CE1  doub Y N 142 
HIS ND1 HD1  sing N N 143 
HIS CD2 NE2  sing Y N 144 
HIS CD2 HD2  sing N N 145 
HIS CE1 NE2  sing Y N 146 
HIS CE1 HE1  sing N N 147 
HIS NE2 HE2  sing N N 148 
HIS OXT HXT  sing N N 149 
HOH O   H1   sing N N 150 
HOH O   H2   sing N N 151 
ILE N   CA   sing N N 152 
ILE N   H    sing N N 153 
ILE N   H2   sing N N 154 
ILE CA  C    sing N N 155 
ILE CA  CB   sing N N 156 
ILE CA  HA   sing N N 157 
ILE C   O    doub N N 158 
ILE C   OXT  sing N N 159 
ILE CB  CG1  sing N N 160 
ILE CB  CG2  sing N N 161 
ILE CB  HB   sing N N 162 
ILE CG1 CD1  sing N N 163 
ILE CG1 HG12 sing N N 164 
ILE CG1 HG13 sing N N 165 
ILE CG2 HG21 sing N N 166 
ILE CG2 HG22 sing N N 167 
ILE CG2 HG23 sing N N 168 
ILE CD1 HD11 sing N N 169 
ILE CD1 HD12 sing N N 170 
ILE CD1 HD13 sing N N 171 
ILE OXT HXT  sing N N 172 
LEU N   CA   sing N N 173 
LEU N   H    sing N N 174 
LEU N   H2   sing N N 175 
LEU CA  C    sing N N 176 
LEU CA  CB   sing N N 177 
LEU CA  HA   sing N N 178 
LEU C   O    doub N N 179 
LEU C   OXT  sing N N 180 
LEU CB  CG   sing N N 181 
LEU CB  HB2  sing N N 182 
LEU CB  HB3  sing N N 183 
LEU CG  CD1  sing N N 184 
LEU CG  CD2  sing N N 185 
LEU CG  HG   sing N N 186 
LEU CD1 HD11 sing N N 187 
LEU CD1 HD12 sing N N 188 
LEU CD1 HD13 sing N N 189 
LEU CD2 HD21 sing N N 190 
LEU CD2 HD22 sing N N 191 
LEU CD2 HD23 sing N N 192 
LEU OXT HXT  sing N N 193 
LYS N   CA   sing N N 194 
LYS N   H    sing N N 195 
LYS N   H2   sing N N 196 
LYS CA  C    sing N N 197 
LYS CA  CB   sing N N 198 
LYS CA  HA   sing N N 199 
LYS C   O    doub N N 200 
LYS C   OXT  sing N N 201 
LYS CB  CG   sing N N 202 
LYS CB  HB2  sing N N 203 
LYS CB  HB3  sing N N 204 
LYS CG  CD   sing N N 205 
LYS CG  HG2  sing N N 206 
LYS CG  HG3  sing N N 207 
LYS CD  CE   sing N N 208 
LYS CD  HD2  sing N N 209 
LYS CD  HD3  sing N N 210 
LYS CE  NZ   sing N N 211 
LYS CE  HE2  sing N N 212 
LYS CE  HE3  sing N N 213 
LYS NZ  HZ1  sing N N 214 
LYS NZ  HZ2  sing N N 215 
LYS NZ  HZ3  sing N N 216 
LYS OXT HXT  sing N N 217 
MET N   CA   sing N N 218 
MET N   H    sing N N 219 
MET N   H2   sing N N 220 
MET CA  C    sing N N 221 
MET CA  CB   sing N N 222 
MET CA  HA   sing N N 223 
MET C   O    doub N N 224 
MET C   OXT  sing N N 225 
MET CB  CG   sing N N 226 
MET CB  HB2  sing N N 227 
MET CB  HB3  sing N N 228 
MET CG  SD   sing N N 229 
MET CG  HG2  sing N N 230 
MET CG  HG3  sing N N 231 
MET SD  CE   sing N N 232 
MET CE  HE1  sing N N 233 
MET CE  HE2  sing N N 234 
MET CE  HE3  sing N N 235 
MET OXT HXT  sing N N 236 
PHE N   CA   sing N N 237 
PHE N   H    sing N N 238 
PHE N   H2   sing N N 239 
PHE CA  C    sing N N 240 
PHE CA  CB   sing N N 241 
PHE CA  HA   sing N N 242 
PHE C   O    doub N N 243 
PHE C   OXT  sing N N 244 
PHE CB  CG   sing N N 245 
PHE CB  HB2  sing N N 246 
PHE CB  HB3  sing N N 247 
PHE CG  CD1  doub Y N 248 
PHE CG  CD2  sing Y N 249 
PHE CD1 CE1  sing Y N 250 
PHE CD1 HD1  sing N N 251 
PHE CD2 CE2  doub Y N 252 
PHE CD2 HD2  sing N N 253 
PHE CE1 CZ   doub Y N 254 
PHE CE1 HE1  sing N N 255 
PHE CE2 CZ   sing Y N 256 
PHE CE2 HE2  sing N N 257 
PHE CZ  HZ   sing N N 258 
PHE OXT HXT  sing N N 259 
PRO N   CA   sing N N 260 
PRO N   CD   sing N N 261 
PRO N   H    sing N N 262 
PRO CA  C    sing N N 263 
PRO CA  CB   sing N N 264 
PRO CA  HA   sing N N 265 
PRO C   O    doub N N 266 
PRO C   OXT  sing N N 267 
PRO CB  CG   sing N N 268 
PRO CB  HB2  sing N N 269 
PRO CB  HB3  sing N N 270 
PRO CG  CD   sing N N 271 
PRO CG  HG2  sing N N 272 
PRO CG  HG3  sing N N 273 
PRO CD  HD2  sing N N 274 
PRO CD  HD3  sing N N 275 
PRO OXT HXT  sing N N 276 
SER N   CA   sing N N 277 
SER N   H    sing N N 278 
SER N   H2   sing N N 279 
SER CA  C    sing N N 280 
SER CA  CB   sing N N 281 
SER CA  HA   sing N N 282 
SER C   O    doub N N 283 
SER C   OXT  sing N N 284 
SER CB  OG   sing N N 285 
SER CB  HB2  sing N N 286 
SER CB  HB3  sing N N 287 
SER OG  HG   sing N N 288 
SER OXT HXT  sing N N 289 
THR N   CA   sing N N 290 
THR N   H    sing N N 291 
THR N   H2   sing N N 292 
THR CA  C    sing N N 293 
THR CA  CB   sing N N 294 
THR CA  HA   sing N N 295 
THR C   O    doub N N 296 
THR C   OXT  sing N N 297 
THR CB  OG1  sing N N 298 
THR CB  CG2  sing N N 299 
THR CB  HB   sing N N 300 
THR OG1 HG1  sing N N 301 
THR CG2 HG21 sing N N 302 
THR CG2 HG22 sing N N 303 
THR CG2 HG23 sing N N 304 
THR OXT HXT  sing N N 305 
TRP N   CA   sing N N 306 
TRP N   H    sing N N 307 
TRP N   H2   sing N N 308 
TRP CA  C    sing N N 309 
TRP CA  CB   sing N N 310 
TRP CA  HA   sing N N 311 
TRP C   O    doub N N 312 
TRP C   OXT  sing N N 313 
TRP CB  CG   sing N N 314 
TRP CB  HB2  sing N N 315 
TRP CB  HB3  sing N N 316 
TRP CG  CD1  doub Y N 317 
TRP CG  CD2  sing Y N 318 
TRP CD1 NE1  sing Y N 319 
TRP CD1 HD1  sing N N 320 
TRP CD2 CE2  doub Y N 321 
TRP CD2 CE3  sing Y N 322 
TRP NE1 CE2  sing Y N 323 
TRP NE1 HE1  sing N N 324 
TRP CE2 CZ2  sing Y N 325 
TRP CE3 CZ3  doub Y N 326 
TRP CE3 HE3  sing N N 327 
TRP CZ2 CH2  doub Y N 328 
TRP CZ2 HZ2  sing N N 329 
TRP CZ3 CH2  sing Y N 330 
TRP CZ3 HZ3  sing N N 331 
TRP CH2 HH2  sing N N 332 
TRP OXT HXT  sing N N 333 
TYR N   CA   sing N N 334 
TYR N   H    sing N N 335 
TYR N   H2   sing N N 336 
TYR CA  C    sing N N 337 
TYR CA  CB   sing N N 338 
TYR CA  HA   sing N N 339 
TYR C   O    doub N N 340 
TYR C   OXT  sing N N 341 
TYR CB  CG   sing N N 342 
TYR CB  HB2  sing N N 343 
TYR CB  HB3  sing N N 344 
TYR CG  CD1  doub Y N 345 
TYR CG  CD2  sing Y N 346 
TYR CD1 CE1  sing Y N 347 
TYR CD1 HD1  sing N N 348 
TYR CD2 CE2  doub Y N 349 
TYR CD2 HD2  sing N N 350 
TYR CE1 CZ   doub Y N 351 
TYR CE1 HE1  sing N N 352 
TYR CE2 CZ   sing Y N 353 
TYR CE2 HE2  sing N N 354 
TYR CZ  OH   sing N N 355 
TYR OH  HH   sing N N 356 
TYR OXT HXT  sing N N 357 
VAL N   CA   sing N N 358 
VAL N   H    sing N N 359 
VAL N   H2   sing N N 360 
VAL CA  C    sing N N 361 
VAL CA  CB   sing N N 362 
VAL CA  HA   sing N N 363 
VAL C   O    doub N N 364 
VAL C   OXT  sing N N 365 
VAL CB  CG1  sing N N 366 
VAL CB  CG2  sing N N 367 
VAL CB  HB   sing N N 368 
VAL CG1 HG11 sing N N 369 
VAL CG1 HG12 sing N N 370 
VAL CG1 HG13 sing N N 371 
VAL CG2 HG21 sing N N 372 
VAL CG2 HG22 sing N N 373 
VAL CG2 HG23 sing N N 374 
VAL OXT HXT  sing N N 375 
# 
_atom_sites.entry_id                    4ME2 
_atom_sites.fract_transf_matrix[1][1]   0.01301832 
_atom_sites.fract_transf_matrix[1][2]   0.00852093 
_atom_sites.fract_transf_matrix[1][3]   -0.00193106 
_atom_sites.fract_transf_matrix[2][1]   0.01407347 
_atom_sites.fract_transf_matrix[2][2]   -0.00666878 
_atom_sites.fract_transf_matrix[2][3]   0.00180676 
_atom_sites.fract_transf_matrix[3][1]   0.00019117 
_atom_sites.fract_transf_matrix[3][2]   -0.00384979 
_atom_sites.fract_transf_matrix[3][3]   -0.01569872 
_atom_sites.fract_transf_vector[1]      0.457346 
_atom_sites.fract_transf_vector[2]      0.580001 
_atom_sites.fract_transf_vector[3]      0.595346 
# 
loop_
_atom_type.symbol 
C 
N 
O 
S 
# 
loop_
_atom_site.group_PDB 
_atom_site.id 
_atom_site.type_symbol 
_atom_site.label_atom_id 
_atom_site.label_alt_id 
_atom_site.label_comp_id 
_atom_site.label_asym_id 
_atom_site.label_entity_id 
_atom_site.label_seq_id 
_atom_site.pdbx_PDB_ins_code 
_atom_site.Cartn_x 
_atom_site.Cartn_y 
_atom_site.Cartn_z 
_atom_site.occupancy 
_atom_site.B_iso_or_equiv 
_atom_site.pdbx_formal_charge 
_atom_site.auth_seq_id 
_atom_site.auth_comp_id 
_atom_site.auth_asym_id 
_atom_site.auth_atom_id 
_atom_site.pdbx_PDB_model_num 
ATOM   1    N N   . SER A 1 44  ? -15.710 13.681  -8.904  1.00 40.76 ? 44  SER A N   1 
ATOM   2    C CA  . SER A 1 44  ? -17.186 13.707  -9.110  1.00 39.45 ? 44  SER A CA  1 
ATOM   3    C C   . SER A 1 44  ? -17.914 13.052  -7.938  1.00 37.16 ? 44  SER A C   1 
ATOM   4    O O   . SER A 1 44  ? -18.058 11.827  -7.881  1.00 37.65 ? 44  SER A O   1 
ATOM   5    C CB  . SER A 1 44  ? -17.557 13.022  -10.428 1.00 40.87 ? 44  SER A CB  1 
ATOM   6    O OG  . SER A 1 44  ? -17.002 11.719  -10.500 1.00 43.51 ? 44  SER A OG  1 
ATOM   7    N N   . LEU A 1 45  ? -18.355 13.882  -6.999  1.00 34.36 ? 45  LEU A N   1 
ATOM   8    C CA  . LEU A 1 45  ? -19.081 13.416  -5.827  1.00 32.00 ? 45  LEU A CA  1 
ATOM   9    C C   . LEU A 1 45  ? -20.572 13.304  -6.088  1.00 30.37 ? 45  LEU A C   1 
ATOM   10   O O   . LEU A 1 45  ? -21.242 14.298  -6.370  1.00 30.69 ? 45  LEU A O   1 
ATOM   11   C CB  . LEU A 1 45  ? -18.871 14.367  -4.657  1.00 31.97 ? 45  LEU A CB  1 
ATOM   12   C CG  . LEU A 1 45  ? -17.680 14.147  -3.740  1.00 32.35 ? 45  LEU A CG  1 
ATOM   13   C CD1 . LEU A 1 45  ? -17.715 15.226  -2.673  1.00 32.40 ? 45  LEU A CD1 1 
ATOM   14   C CD2 . LEU A 1 45  ? -17.719 12.758  -3.122  1.00 30.83 ? 45  LEU A CD2 1 
ATOM   15   N N   . SER A 1 46  ? -21.098 12.096  -5.969  1.00 27.80 ? 46  SER A N   1 
ATOM   16   C CA  . SER A 1 46  ? -22.529 11.891  -6.089  1.00 26.63 ? 46  SER A CA  1 
ATOM   17   C C   . SER A 1 46  ? -23.231 12.154  -4.765  1.00 26.02 ? 46  SER A C   1 
ATOM   18   O O   . SER A 1 46  ? -22.595 12.285  -3.719  1.00 25.07 ? 46  SER A O   1 
ATOM   19   C CB  . SER A 1 46  ? -22.808 10.462  -6.520  1.00 26.47 ? 46  SER A CB  1 
ATOM   20   O OG  . SER A 1 46  ? -22.345 9.558   -5.530  1.00 25.62 ? 46  SER A OG  1 
ATOM   21   N N   . THR A 1 47  ? -24.556 12.208  -4.815  1.00 25.01 ? 47  THR A N   1 
ATOM   22   C CA  . THR A 1 47  ? -25.353 12.333  -3.608  1.00 25.75 ? 47  THR A CA  1 
ATOM   23   C C   . THR A 1 47  ? -25.031 11.222  -2.606  1.00 25.94 ? 47  THR A C   1 
ATOM   24   O O   . THR A 1 47  ? -24.792 11.488  -1.429  1.00 25.44 ? 47  THR A O   1 
ATOM   25   C CB  . THR A 1 47  ? -26.848 12.305  -3.936  1.00 26.73 ? 47  THR A CB  1 
ATOM   26   O OG1 . THR A 1 47  ? -27.162 13.429  -4.767  1.00 27.67 ? 47  THR A OG1 1 
ATOM   27   C CG2 . THR A 1 47  ? -27.680 12.365  -2.664  1.00 27.30 ? 47  THR A CG2 1 
ATOM   28   N N   . GLU A 1 48  ? -25.013 9.979   -3.076  1.00 26.08 ? 48  GLU A N   1 
ATOM   29   C CA  . GLU A 1 48  ? -24.757 8.861   -2.170  1.00 26.41 ? 48  GLU A CA  1 
ATOM   30   C C   . GLU A 1 48  ? -23.341 8.876   -1.589  1.00 25.36 ? 48  GLU A C   1 
ATOM   31   O O   . GLU A 1 48  ? -23.151 8.498   -0.435  1.00 25.15 ? 48  GLU A O   1 
ATOM   32   C CB  . GLU A 1 48  ? -25.111 7.499   -2.791  1.00 28.13 ? 48  GLU A CB  1 
ATOM   33   C CG  . GLU A 1 48  ? -24.955 7.393   -4.297  1.00 30.25 ? 48  GLU A CG  1 
ATOM   34   C CD  . GLU A 1 48  ? -26.012 8.177   -5.058  1.00 30.83 ? 48  GLU A CD  1 
ATOM   35   O OE1 . GLU A 1 48  ? -27.222 7.946   -4.855  1.00 33.79 ? 48  GLU A OE1 1 
ATOM   36   O OE2 . GLU A 1 48  ? -25.624 9.027   -5.870  1.00 30.58 ? 48  GLU A OE2 1 
ATOM   37   N N   . ALA A 1 49  ? -22.355 9.310   -2.376  1.00 24.49 ? 49  ALA A N   1 
ATOM   38   C CA  . ALA A 1 49  ? -20.981 9.421   -1.875  1.00 24.41 ? 49  ALA A CA  1 
ATOM   39   C C   . ALA A 1 49  ? -20.893 10.480  -0.780  1.00 24.48 ? 49  ALA A C   1 
ATOM   40   O O   . ALA A 1 49  ? -20.319 10.236  0.282   1.00 23.79 ? 49  ALA A O   1 
ATOM   41   C CB  . ALA A 1 49  ? -20.010 9.730   -2.999  1.00 24.42 ? 49  ALA A CB  1 
ATOM   42   N N   . ILE A 1 50  ? -21.472 11.653  -1.039  1.00 24.91 ? 50  ILE A N   1 
ATOM   43   C CA  . ILE A 1 50  ? -21.489 12.730  -0.045  1.00 25.32 ? 50  ILE A CA  1 
ATOM   44   C C   . ILE A 1 50  ? -22.105 12.265  1.274   1.00 25.50 ? 50  ILE A C   1 
ATOM   45   O O   . ILE A 1 50  ? -21.538 12.492  2.350   1.00 24.73 ? 50  ILE A O   1 
ATOM   46   C CB  . ILE A 1 50  ? -22.220 13.988  -0.564  1.00 26.24 ? 50  ILE A CB  1 
ATOM   47   C CG1 . ILE A 1 50  ? -21.375 14.668  -1.642  1.00 27.52 ? 50  ILE A CG1 1 
ATOM   48   C CG2 . ILE A 1 50  ? -22.499 14.959  0.578   1.00 26.74 ? 50  ILE A CG2 1 
ATOM   49   C CD1 . ILE A 1 50  ? -21.989 15.922  -2.226  1.00 28.04 ? 50  ILE A CD1 1 
ATOM   50   N N   . HIS A 1 51  ? -23.264 11.615  1.189   1.00 25.78 ? 51  HIS A N   1 
ATOM   51   C CA  . HIS A 1 51  ? -23.927 11.084  2.376   1.00 26.17 ? 51  HIS A CA  1 
ATOM   52   C C   . HIS A 1 51  ? -23.049 10.107  3.108   1.00 25.10 ? 51  HIS A C   1 
ATOM   53   O O   . HIS A 1 51  ? -22.966 10.145  4.336   1.00 24.96 ? 51  HIS A O   1 
ATOM   54   C CB  . HIS A 1 51  ? -25.273 10.449  2.027   1.00 29.06 ? 51  HIS A CB  1 
ATOM   55   C CG  . HIS A 1 51  ? -26.390 11.448  1.830   1.00 31.71 ? 51  HIS A CG  1 
ATOM   56   N ND1 . HIS A 1 51  ? -27.479 11.182  1.080   1.00 33.42 ? 51  HIS A ND1 1 
ATOM   57   C CD2 . HIS A 1 51  ? -26.552 12.747  2.312   1.00 33.27 ? 51  HIS A CD2 1 
ATOM   58   C CE1 . HIS A 1 51  ? -28.299 12.251  1.085   1.00 33.34 ? 51  HIS A CE1 1 
ATOM   59   N NE2 . HIS A 1 51  ? -27.730 13.209  1.839   1.00 34.07 ? 51  HIS A NE2 1 
ATOM   60   N N   . ALA A 1 52  ? -22.370 9.237   2.358   1.00 23.78 ? 52  ALA A N   1 
ATOM   61   C CA  . ALA A 1 52  ? -21.504 8.219   2.951   1.00 23.25 ? 52  ALA A CA  1 
ATOM   62   C C   . ALA A 1 52  ? -20.288 8.829   3.647   1.00 22.70 ? 52  ALA A C   1 
ATOM   63   O O   . ALA A 1 52  ? -19.888 8.370   4.721   1.00 23.08 ? 52  ALA A O   1 
ATOM   64   C CB  . ALA A 1 52  ? -21.075 7.205   1.902   1.00 22.84 ? 52  ALA A CB  1 
ATOM   65   N N   . VAL A 1 53  ? -19.707 9.860   3.041   1.00 23.27 ? 53  VAL A N   1 
ATOM   66   C CA  . VAL A 1 53  ? -18.583 10.567  3.655   1.00 22.96 ? 53  VAL A CA  1 
ATOM   67   C C   . VAL A 1 53  ? -19.039 11.206  4.961   1.00 23.76 ? 53  VAL A C   1 
ATOM   68   O O   . VAL A 1 53  ? -18.359 11.112  5.987   1.00 22.94 ? 53  VAL A O   1 
ATOM   69   C CB  . VAL A 1 53  ? -17.996 11.646  2.716   1.00 23.03 ? 53  VAL A CB  1 
ATOM   70   C CG1 . VAL A 1 53  ? -17.028 12.561  3.463   1.00 22.81 ? 53  VAL A CG1 1 
ATOM   71   C CG2 . VAL A 1 53  ? -17.298 10.995  1.531   1.00 22.48 ? 53  VAL A CG2 1 
ATOM   72   N N   . GLN A 1 54  ? -20.202 11.846  4.939   1.00 24.24 ? 54  GLN A N   1 
ATOM   73   C CA  . GLN A 1 54  ? -20.675 12.496  6.156   1.00 25.25 ? 54  GLN A CA  1 
ATOM   74   C C   . GLN A 1 54  ? -20.976 11.497  7.270   1.00 24.64 ? 54  GLN A C   1 
ATOM   75   O O   . GLN A 1 54  ? -20.645 11.742  8.431   1.00 24.18 ? 54  GLN A O   1 
ATOM   76   C CB  . GLN A 1 54  ? -21.838 13.447  5.868   1.00 27.13 ? 54  GLN A CB  1 
ATOM   77   C CG  . GLN A 1 54  ? -21.383 14.704  5.133   1.00 28.98 ? 54  GLN A CG  1 
ATOM   78   C CD  . GLN A 1 54  ? -20.230 15.416  5.833   1.00 31.17 ? 54  GLN A CD  1 
ATOM   79   O OE1 . GLN A 1 54  ? -20.389 15.946  6.931   1.00 33.98 ? 54  GLN A OE1 1 
ATOM   80   N NE2 . GLN A 1 54  ? -19.061 15.426  5.197   1.00 31.10 ? 54  GLN A NE2 1 
ATOM   81   N N   . ALA A 1 55  ? -21.574 10.364  6.908   1.00 23.77 ? 55  ALA A N   1 
ATOM   82   C CA  . ALA A 1 55  ? -21.863 9.303   7.869   1.00 24.27 ? 55  ALA A CA  1 
ATOM   83   C C   . ALA A 1 55  ? -20.588 8.742   8.497   1.00 23.58 ? 55  ALA A C   1 
ATOM   84   O O   . ALA A 1 55  ? -20.533 8.536   9.708   1.00 24.32 ? 55  ALA A O   1 
ATOM   85   C CB  . ALA A 1 55  ? -22.676 8.192   7.218   1.00 24.50 ? 55  ALA A CB  1 
ATOM   86   N N   . LEU A 1 56  ? -19.566 8.493   7.681   1.00 22.41 ? 56  LEU A N   1 
ATOM   87   C CA  . LEU A 1 56  ? -18.321 7.939   8.205   1.00 21.77 ? 56  LEU A CA  1 
ATOM   88   C C   . LEU A 1 56  ? -17.670 8.905   9.196   1.00 21.76 ? 56  LEU A C   1 
ATOM   89   O O   . LEU A 1 56  ? -17.166 8.486   10.236  1.00 21.95 ? 56  LEU A O   1 
ATOM   90   C CB  . LEU A 1 56  ? -17.352 7.576   7.074   1.00 21.37 ? 56  LEU A CB  1 
ATOM   91   C CG  . LEU A 1 56  ? -16.026 6.941   7.507   1.00 21.11 ? 56  LEU A CG  1 
ATOM   92   C CD1 . LEU A 1 56  ? -16.254 5.788   8.467   1.00 21.27 ? 56  LEU A CD1 1 
ATOM   93   C CD2 . LEU A 1 56  ? -15.217 6.483   6.302   1.00 20.90 ? 56  LEU A CD2 1 
ATOM   94   N N   . LYS A 1 57  ? -17.687 10.193  8.865   1.00 22.07 ? 57  LYS A N   1 
ATOM   95   C CA  . LYS A 1 57  ? -17.175 11.223  9.770   1.00 22.57 ? 57  LYS A CA  1 
ATOM   96   C C   . LYS A 1 57  ? -17.995 11.269  11.071  1.00 23.23 ? 57  LYS A C   1 
ATOM   97   O O   . LYS A 1 57  ? -17.435 11.270  12.168  1.00 23.07 ? 57  LYS A O   1 
ATOM   98   C CB  . LYS A 1 57  ? -17.123 12.582  9.057   1.00 22.78 ? 57  LYS A CB  1 
ATOM   99   C CG  . LYS A 1 57  ? -16.026 12.665  7.996   1.00 23.41 ? 57  LYS A CG  1 
ATOM   100  C CD  . LYS A 1 57  ? -16.250 13.770  6.967   1.00 24.89 ? 57  LYS A CD  1 
ATOM   101  C CE  . LYS A 1 57  ? -16.244 15.157  7.586   1.00 26.25 ? 57  LYS A CE  1 
ATOM   102  N NZ  . LYS A 1 57  ? -16.465 16.217  6.563   1.00 27.37 ? 57  LYS A NZ  1 
ATOM   103  N N   . ARG A 1 58  ? -19.319 11.265  10.942  1.00 24.04 ? 58  ARG A N   1 
ATOM   104  C CA  . ARG A 1 58  ? -20.220 11.278  12.091  1.00 25.17 ? 58  ARG A CA  1 
ATOM   105  C C   . ARG A 1 58  ? -19.989 10.078  13.013  1.00 24.74 ? 58  ARG A C   1 
ATOM   106  O O   . ARG A 1 58  ? -19.918 10.228  14.234  1.00 24.91 ? 58  ARG A O   1 
ATOM   107  C CB  . ARG A 1 58  ? -21.670 11.307  11.602  1.00 27.12 ? 58  ARG A CB  1 
ATOM   108  C CG  . ARG A 1 58  ? -22.723 11.378  12.694  1.00 29.65 ? 58  ARG A CG  1 
ATOM   109  C CD  . ARG A 1 58  ? -24.128 11.293  12.106  1.00 31.73 ? 58  ARG A CD  1 
ATOM   110  N NE  . ARG A 1 58  ? -24.461 9.949   11.624  1.00 34.29 ? 58  ARG A NE  1 
ATOM   111  C CZ  . ARG A 1 58  ? -24.786 9.642   10.368  1.00 34.99 ? 58  ARG A CZ  1 
ATOM   112  N NH1 . ARG A 1 58  ? -24.847 10.580  9.429   1.00 36.16 ? 58  ARG A NH1 1 
ATOM   113  N NH2 . ARG A 1 58  ? -25.068 8.385   10.051  1.00 35.62 ? 58  ARG A NH2 1 
ATOM   114  N N   . LEU A 1 59  ? -19.861 8.894   12.420  1.00 23.69 ? 59  LEU A N   1 
ATOM   115  C CA  . LEU A 1 59  ? -19.677 7.653   13.176  1.00 23.66 ? 59  LEU A CA  1 
ATOM   116  C C   . LEU A 1 59  ? -18.355 7.591   13.932  1.00 22.95 ? 59  LEU A C   1 
ATOM   117  O O   . LEU A 1 59  ? -18.215 6.824   14.887  1.00 24.95 ? 59  LEU A O   1 
ATOM   118  C CB  . LEU A 1 59  ? -19.797 6.434   12.253  1.00 23.18 ? 59  LEU A CB  1 
ATOM   119  C CG  . LEU A 1 59  ? -21.194 6.138   11.698  1.00 23.81 ? 59  LEU A CG  1 
ATOM   120  C CD1 . LEU A 1 59  ? -21.126 5.096   10.589  1.00 23.78 ? 59  LEU A CD1 1 
ATOM   121  C CD2 . LEU A 1 59  ? -22.129 5.695   12.812  1.00 24.33 ? 59  LEU A CD2 1 
ATOM   122  N N   . THR A 1 60  ? -17.383 8.390   13.514  1.00 22.55 ? 60  THR A N   1 
ATOM   123  C CA  . THR A 1 60  ? -16.059 8.308   14.108  1.00 22.78 ? 60  THR A CA  1 
ATOM   124  C C   . THR A 1 60  ? -15.641 9.605   14.777  1.00 22.93 ? 60  THR A C   1 
ATOM   125  O O   . THR A 1 60  ? -14.461 9.811   15.030  1.00 23.81 ? 60  THR A O   1 
ATOM   126  C CB  . THR A 1 60  ? -14.997 7.942   13.058  1.00 22.10 ? 60  THR A CB  1 
ATOM   127  O OG1 . THR A 1 60  ? -15.038 8.897   11.985  1.00 21.04 ? 60  THR A OG1 1 
ATOM   128  C CG2 . THR A 1 60  ? -15.219 6.518   12.525  1.00 22.25 ? 60  THR A CG2 1 
ATOM   129  N N   . ALA A 1 61  ? -16.603 10.477  15.079  1.00 23.04 ? 61  ALA A N   1 
ATOM   130  C CA  . ALA A 1 61  ? -16.274 11.807  15.585  1.00 23.62 ? 61  ALA A CA  1 
ATOM   131  C C   . ALA A 1 61  ? -15.513 11.747  16.906  1.00 24.27 ? 61  ALA A C   1 
ATOM   132  O O   . ALA A 1 61  ? -14.676 12.607  17.186  1.00 24.91 ? 61  ALA A O   1 
ATOM   133  C CB  . ALA A 1 61  ? -17.531 12.650  15.725  1.00 23.08 ? 61  ALA A CB  1 
ATOM   134  N N   . ALA A 1 62  ? -15.786 10.710  17.690  1.00 25.39 ? 62  ALA A N   1 
ATOM   135  C CA  . ALA A 1 62  ? -15.158 10.540  19.000  1.00 26.62 ? 62  ALA A CA  1 
ATOM   136  C C   . ALA A 1 62  ? -13.995 9.552   18.987  1.00 28.12 ? 62  ALA A C   1 
ATOM   137  O O   . ALA A 1 62  ? -13.098 9.628   19.828  1.00 29.28 ? 62  ALA A O   1 
ATOM   138  C CB  . ALA A 1 62  ? -16.195 10.104  20.018  1.00 26.57 ? 62  ALA A CB  1 
ATOM   139  N N   . ASP A 1 63  ? -14.018 8.623   18.036  1.00 28.74 ? 63  ASP A N   1 
ATOM   140  C CA  . ASP A 1 63  ? -13.059 7.525   18.022  1.00 29.35 ? 63  ASP A CA  1 
ATOM   141  C C   . ASP A 1 63  ? -12.766 7.142   16.583  1.00 29.55 ? 63  ASP A C   1 
ATOM   142  O O   . ASP A 1 63  ? -13.608 6.544   15.913  1.00 30.25 ? 63  ASP A O   1 
ATOM   143  C CB  . ASP A 1 63  ? -13.624 6.327   18.800  1.00 30.49 ? 63  ASP A CB  1 
ATOM   144  C CG  . ASP A 1 63  ? -12.611 5.205   18.987  1.00 31.29 ? 63  ASP A CG  1 
ATOM   145  O OD1 . ASP A 1 63  ? -11.460 5.335   18.521  1.00 31.68 ? 63  ASP A OD1 1 
ATOM   146  O OD2 . ASP A 1 63  ? -12.975 4.180   19.610  1.00 32.38 ? 63  ASP A OD2 1 
ATOM   147  N N   . ARG A 1 64  ? -11.575 7.505   16.117  1.00 28.92 ? 64  ARG A N   1 
ATOM   148  C CA  . ARG A 1 64  ? -11.123 7.152   14.772  1.00 29.68 ? 64  ARG A CA  1 
ATOM   149  C C   . ARG A 1 64  ? -10.043 6.063   14.770  1.00 29.91 ? 64  ARG A C   1 
ATOM   150  O O   . ARG A 1 64  ? -9.347  5.870   13.768  1.00 31.20 ? 64  ARG A O   1 
ATOM   151  C CB  . ARG A 1 64  ? -10.679 8.409   13.998  1.00 28.50 ? 64  ARG A CB  1 
ATOM   152  C CG  . ARG A 1 64  ? -11.725 8.895   13.000  1.00 29.25 ? 64  ARG A CG  1 
ATOM   153  C CD  . ARG A 1 64  ? -11.748 10.404  12.794  1.00 29.25 ? 64  ARG A CD  1 
ATOM   154  N NE  . ARG A 1 64  ? -13.083 10.885  12.411  1.00 27.84 ? 64  ARG A NE  1 
ATOM   155  C CZ  . ARG A 1 64  ? -13.398 12.153  12.154  1.00 29.12 ? 64  ARG A CZ  1 
ATOM   156  N NH1 . ARG A 1 64  ? -12.476 13.105  12.214  1.00 30.95 ? 64  ARG A NH1 1 
ATOM   157  N NH2 . ARG A 1 64  ? -14.648 12.477  11.833  1.00 29.13 ? 64  ARG A NH2 1 
ATOM   158  N N   . SER A 1 65  ? -9.920  5.337   15.882  1.00 30.09 ? 65  SER A N   1 
ATOM   159  C CA  . SER A 1 65  ? -9.000  4.192   15.968  1.00 29.77 ? 65  SER A CA  1 
ATOM   160  C C   . SER A 1 65  ? -9.423  3.050   15.030  1.00 30.02 ? 65  SER A C   1 
ATOM   161  O O   . SER A 1 65  ? -10.604 2.917   14.696  1.00 29.06 ? 65  SER A O   1 
ATOM   162  C CB  . SER A 1 65  ? -8.901  3.680   17.403  1.00 30.43 ? 65  SER A CB  1 
ATOM   163  O OG  . SER A 1 65  ? -10.070 2.967   17.760  1.00 30.30 ? 65  SER A OG  1 
ATOM   164  N N   . PRO A 1 66  ? -8.459  2.210   14.615  1.00 29.59 ? 66  PRO A N   1 
ATOM   165  C CA  . PRO A 1 66  ? -8.752  1.234   13.563  1.00 29.33 ? 66  PRO A CA  1 
ATOM   166  C C   . PRO A 1 66  ? -10.029 0.398   13.773  1.00 28.96 ? 66  PRO A C   1 
ATOM   167  O O   . PRO A 1 66  ? -10.833 0.303   12.849  1.00 28.16 ? 66  PRO A O   1 
ATOM   168  C CB  . PRO A 1 66  ? -7.486  0.372   13.524  1.00 29.73 ? 66  PRO A CB  1 
ATOM   169  C CG  . PRO A 1 66  ? -6.410  1.311   13.958  1.00 29.18 ? 66  PRO A CG  1 
ATOM   170  C CD  . PRO A 1 66  ? -7.039  2.160   15.022  1.00 29.72 ? 66  PRO A CD  1 
ATOM   171  N N   . PRO A 1 67  ? -10.244 -0.173  14.978  1.00 29.27 ? 67  PRO A N   1 
ATOM   172  C CA  . PRO A 1 67  ? -11.494 -0.933  15.117  1.00 28.87 ? 67  PRO A CA  1 
ATOM   173  C C   . PRO A 1 67  ? -12.758 -0.091  14.867  1.00 28.46 ? 67  PRO A C   1 
ATOM   174  O O   . PRO A 1 67  ? -13.690 -0.557  14.197  1.00 28.18 ? 67  PRO A O   1 
ATOM   175  C CB  . PRO A 1 67  ? -11.450 -1.421  16.569  1.00 29.27 ? 67  PRO A CB  1 
ATOM   176  C CG  . PRO A 1 67  ? -10.004 -1.414  16.934  1.00 29.51 ? 67  PRO A CG  1 
ATOM   177  C CD  . PRO A 1 67  ? -9.424  -0.239  16.204  1.00 29.59 ? 67  PRO A CD  1 
ATOM   178  N N   . ALA A 1 68  ? -12.781 1.132   15.398  1.00 28.19 ? 68  ALA A N   1 
ATOM   179  C CA  . ALA A 1 68  ? -13.920 2.034   15.235  1.00 27.23 ? 68  ALA A CA  1 
ATOM   180  C C   . ALA A 1 68  ? -14.076 2.482   13.781  1.00 26.76 ? 68  ALA A C   1 
ATOM   181  O O   . ALA A 1 68  ? -15.193 2.507   13.256  1.00 27.13 ? 68  ALA A O   1 
ATOM   182  C CB  . ALA A 1 68  ? -13.784 3.237   16.155  1.00 28.21 ? 68  ALA A CB  1 
ATOM   183  N N   . ALA A 1 69  ? -12.960 2.823   13.142  1.00 25.81 ? 69  ALA A N   1 
ATOM   184  C CA  . ALA A 1 69  ? -12.990 3.253   11.746  1.00 25.59 ? 69  ALA A CA  1 
ATOM   185  C C   . ALA A 1 69  ? -13.350 2.099   10.821  1.00 25.28 ? 69  ALA A C   1 
ATOM   186  O O   . ALA A 1 69  ? -13.996 2.318   9.802   1.00 23.77 ? 69  ALA A O   1 
ATOM   187  C CB  . ALA A 1 69  ? -11.667 3.873   11.333  1.00 25.01 ? 69  ALA A CB  1 
ATOM   188  N N   . THR A 1 70  ? -12.933 0.884   11.177  1.00 25.72 ? 70  THR A N   1 
ATOM   189  C CA  . THR A 1 70  ? -13.258 -0.306  10.386  1.00 25.83 ? 70  THR A CA  1 
ATOM   190  C C   . THR A 1 70  ? -14.758 -0.599  10.416  1.00 25.87 ? 70  THR A C   1 
ATOM   191  O O   . THR A 1 70  ? -15.383 -0.804  9.372   1.00 26.36 ? 70  THR A O   1 
ATOM   192  C CB  . THR A 1 70  ? -12.463 -1.543  10.859  1.00 26.10 ? 70  THR A CB  1 
ATOM   193  O OG1 . THR A 1 70  ? -11.061 -1.300  10.694  1.00 26.28 ? 70  THR A OG1 1 
ATOM   194  C CG2 . THR A 1 70  ? -12.852 -2.775  10.054  1.00 27.35 ? 70  THR A CG2 1 
ATOM   195  N N   . ALA A 1 71  ? -15.332 -0.608  11.615  1.00 26.52 ? 71  ALA A N   1 
ATOM   196  C CA  . ALA A 1 71  ? -16.760 -0.851  11.777  1.00 26.29 ? 71  ALA A CA  1 
ATOM   197  C C   . ALA A 1 71  ? -17.559 0.260   11.113  1.00 25.79 ? 71  ALA A C   1 
ATOM   198  O O   . ALA A 1 71  ? -18.571 0.012   10.447  1.00 26.70 ? 71  ALA A O   1 
ATOM   199  C CB  . ALA A 1 71  ? -17.114 -0.946  13.253  1.00 27.03 ? 71  ALA A CB  1 
ATOM   200  N N   . ALA A 1 72  ? -17.095 1.491   11.293  1.00 25.04 ? 72  ALA A N   1 
ATOM   201  C CA  . ALA A 1 72  ? -17.816 2.619   10.758  1.00 23.92 ? 72  ALA A CA  1 
ATOM   202  C C   . ALA A 1 72  ? -17.770 2.574   9.241   1.00 22.70 ? 72  ALA A C   1 
ATOM   203  O O   . ALA A 1 72  ? -18.758 2.876   8.596   1.00 22.36 ? 72  ALA A O   1 
ATOM   204  C CB  . ALA A 1 72  ? -17.261 3.926   11.286  1.00 23.44 ? 72  ALA A CB  1 
ATOM   205  N N   . ALA A 1 73  ? -16.630 2.181   8.677   1.00 22.12 ? 73  ALA A N   1 
ATOM   206  C CA  . ALA A 1 73  ? -16.458 2.216   7.221   1.00 21.43 ? 73  ALA A CA  1 
ATOM   207  C C   . ALA A 1 73  ? -17.356 1.212   6.506   1.00 21.42 ? 73  ALA A C   1 
ATOM   208  O O   . ALA A 1 73  ? -17.930 1.525   5.466   1.00 20.40 ? 73  ALA A O   1 
ATOM   209  C CB  . ALA A 1 73  ? -15.000 2.013   6.837   1.00 21.12 ? 73  ALA A CB  1 
ATOM   210  N N   . SER A 1 74  ? -17.491 0.012   7.059   1.00 22.21 ? 74  SER A N   1 
ATOM   211  C CA  . SER A 1 74  ? -18.409 -0.950  6.459   1.00 23.23 ? 74  SER A CA  1 
ATOM   212  C C   . SER A 1 74  ? -19.859 -0.477  6.560   1.00 23.20 ? 74  SER A C   1 
ATOM   213  O O   . SER A 1 74  ? -20.621 -0.626  5.611   1.00 23.72 ? 74  SER A O   1 
ATOM   214  C CB  . SER A 1 74  ? -18.230 -2.356  7.044   1.00 25.00 ? 74  SER A CB  1 
ATOM   215  O OG  . SER A 1 74  ? -18.474 -2.375  8.437   1.00 27.17 ? 74  SER A OG  1 
ATOM   216  N N   . ALA A 1 75  ? -20.234 0.106   7.695   1.00 22.35 ? 75  ALA A N   1 
ATOM   217  C CA  . ALA A 1 75  ? -21.597 0.596   7.880   1.00 22.94 ? 75  ALA A CA  1 
ATOM   218  C C   . ALA A 1 75  ? -21.913 1.768   6.952   1.00 22.80 ? 75  ALA A C   1 
ATOM   219  O O   . ALA A 1 75  ? -22.975 1.813   6.334   1.00 24.28 ? 75  ALA A O   1 
ATOM   220  C CB  . ALA A 1 75  ? -21.833 0.990   9.332   1.00 23.33 ? 75  ALA A CB  1 
ATOM   221  N N   . ALA A 1 76  ? -20.991 2.717   6.848   1.00 22.13 ? 76  ALA A N   1 
ATOM   222  C CA  . ALA A 1 76  ? -21.265 3.933   6.086   1.00 22.50 ? 76  ALA A CA  1 
ATOM   223  C C   . ALA A 1 76  ? -21.094 3.756   4.575   1.00 22.32 ? 76  ALA A C   1 
ATOM   224  O O   . ALA A 1 76  ? -21.810 4.386   3.782   1.00 22.77 ? 76  ALA A O   1 
ATOM   225  C CB  . ALA A 1 76  ? -20.408 5.077   6.599   1.00 22.60 ? 76  ALA A CB  1 
ATOM   226  N N   . LEU A 1 77  ? -20.167 2.887   4.180   1.00 22.20 ? 77  LEU A N   1 
ATOM   227  C CA  . LEU A 1 77  ? -19.776 2.775   2.774   1.00 22.80 ? 77  LEU A CA  1 
ATOM   228  C C   . LEU A 1 77  ? -20.189 1.461   2.120   1.00 23.42 ? 77  LEU A C   1 
ATOM   229  O O   . LEU A 1 77  ? -20.028 1.288   0.909   1.00 23.31 ? 77  LEU A O   1 
ATOM   230  C CB  . LEU A 1 77  ? -18.259 2.953   2.633   1.00 22.91 ? 77  LEU A CB  1 
ATOM   231  C CG  . LEU A 1 77  ? -17.562 4.067   3.419   1.00 22.97 ? 77  LEU A CG  1 
ATOM   232  C CD1 . LEU A 1 77  ? -16.057 3.996   3.215   1.00 22.77 ? 77  LEU A CD1 1 
ATOM   233  C CD2 . LEU A 1 77  ? -18.084 5.445   3.046   1.00 23.69 ? 77  LEU A CD2 1 
ATOM   234  N N   . GLY A 1 78  ? -20.725 0.547   2.918   1.00 24.01 ? 78  GLY A N   1 
ATOM   235  C CA  . GLY A 1 78  ? -20.975 -0.822  2.477   1.00 25.04 ? 78  GLY A CA  1 
ATOM   236  C C   . GLY A 1 78  ? -22.062 -1.039  1.443   1.00 25.92 ? 78  GLY A C   1 
ATOM   237  O O   . GLY A 1 78  ? -22.169 -2.128  0.885   1.00 26.53 ? 78  GLY A O   1 
ATOM   238  N N   . ARG A 1 79  ? -22.875 -0.018  1.187   1.00 26.32 ? 79  ARG A N   1 
ATOM   239  C CA  . ARG A 1 79  ? -23.943 -0.125  0.188   1.00 27.37 ? 79  ARG A CA  1 
ATOM   240  C C   . ARG A 1 79  ? -23.567 0.513   -1.154  1.00 26.32 ? 79  ARG A C   1 
ATOM   241  O O   . ARG A 1 79  ? -24.329 0.425   -2.125  1.00 27.04 ? 79  ARG A O   1 
ATOM   242  C CB  . ARG A 1 79  ? -25.254 0.496   0.706   1.00 29.24 ? 79  ARG A CB  1 
ATOM   243  C CG  . ARG A 1 79  ? -25.711 0.061   2.096   1.00 32.86 ? 79  ARG A CG  1 
ATOM   244  C CD  . ARG A 1 79  ? -26.068 -1.416  2.172   1.00 35.34 ? 79  ARG A CD  1 
ATOM   245  N NE  . ARG A 1 79  ? -26.954 -1.709  3.302   1.00 38.43 ? 79  ARG A NE  1 
ATOM   246  C CZ  . ARG A 1 79  ? -27.160 -2.924  3.808   1.00 39.53 ? 79  ARG A CZ  1 
ATOM   247  N NH1 . ARG A 1 79  ? -26.538 -3.983  3.299   1.00 40.19 ? 79  ARG A NH1 1 
ATOM   248  N NH2 . ARG A 1 79  ? -27.985 -3.083  4.835   1.00 41.69 ? 79  ARG A NH2 1 
ATOM   249  N N   . LEU A 1 80  ? -22.397 1.149   -1.212  1.00 24.46 ? 80  LEU A N   1 
ATOM   250  C CA  . LEU A 1 80  ? -22.004 1.938   -2.386  1.00 23.55 ? 80  LEU A CA  1 
ATOM   251  C C   . LEU A 1 80  ? -21.516 1.091   -3.549  1.00 23.09 ? 80  LEU A C   1 
ATOM   252  O O   . LEU A 1 80  ? -20.769 0.138   -3.351  1.00 22.32 ? 80  LEU A O   1 
ATOM   253  C CB  . LEU A 1 80  ? -20.906 2.935   -2.023  1.00 23.03 ? 80  LEU A CB  1 
ATOM   254  C CG  . LEU A 1 80  ? -21.207 4.068   -1.042  1.00 22.66 ? 80  LEU A CG  1 
ATOM   255  C CD1 . LEU A 1 80  ? -19.923 4.822   -0.743  1.00 22.44 ? 80  LEU A CD1 1 
ATOM   256  C CD2 . LEU A 1 80  ? -22.273 5.015   -1.577  1.00 23.29 ? 80  LEU A CD2 1 
ATOM   257  N N   . LEU A 1 81  ? -21.934 1.464   -4.759  1.00 22.81 ? 81  LEU A N   1 
ATOM   258  C CA  . LEU A 1 81  ? -21.359 0.919   -5.992  1.00 23.21 ? 81  LEU A CA  1 
ATOM   259  C C   . LEU A 1 81  ? -19.939 1.446   -6.186  1.00 22.68 ? 81  LEU A C   1 
ATOM   260  O O   . LEU A 1 81  ? -19.539 2.425   -5.546  1.00 21.73 ? 81  LEU A O   1 
ATOM   261  C CB  . LEU A 1 81  ? -22.227 1.279   -7.201  1.00 24.59 ? 81  LEU A CB  1 
ATOM   262  C CG  . LEU A 1 81  ? -23.700 0.871   -7.183  1.00 25.74 ? 81  LEU A CG  1 
ATOM   263  C CD1 . LEU A 1 81  ? -24.393 1.438   -8.410  1.00 26.51 ? 81  LEU A CD1 1 
ATOM   264  C CD2 . LEU A 1 81  ? -23.865 -0.640  -7.124  1.00 26.96 ? 81  LEU A CD2 1 
ATOM   265  N N   . ARG A 1 82  ? -19.182 0.794   -7.068  1.00 21.82 ? 82  ARG A N   1 
ATOM   266  C CA  . ARG A 1 82  ? -17.761 1.094   -7.252  1.00 21.93 ? 82  ARG A CA  1 
ATOM   267  C C   . ARG A 1 82  ? -17.468 2.586   -7.351  1.00 21.52 ? 82  ARG A C   1 
ATOM   268  O O   . ARG A 1 82  ? -16.676 3.113   -6.579  1.00 21.05 ? 82  ARG A O   1 
ATOM   269  C CB  . ARG A 1 82  ? -17.204 0.393   -8.499  1.00 22.88 ? 82  ARG A CB  1 
ATOM   270  C CG  . ARG A 1 82  ? -15.698 0.563   -8.689  1.00 23.56 ? 82  ARG A CG  1 
ATOM   271  C CD  . ARG A 1 82  ? -15.259 0.179   -10.100 1.00 25.15 ? 82  ARG A CD  1 
ATOM   272  N NE  . ARG A 1 82  ? -16.033 0.927   -11.089 1.00 27.01 ? 82  ARG A NE  1 
ATOM   273  C CZ  . ARG A 1 82  ? -15.751 2.160   -11.508 1.00 27.38 ? 82  ARG A CZ  1 
ATOM   274  N NH1 . ARG A 1 82  ? -14.680 2.802   -11.055 1.00 28.17 ? 82  ARG A NH1 1 
ATOM   275  N NH2 . ARG A 1 82  ? -16.539 2.751   -12.390 1.00 27.94 ? 82  ARG A NH2 1 
ATOM   276  N N   . ALA A 1 83  ? -18.099 3.251   -8.315  1.00 21.95 ? 83  ALA A N   1 
ATOM   277  C CA  . ALA A 1 83  ? -17.803 4.654   -8.593  1.00 21.37 ? 83  ALA A CA  1 
ATOM   278  C C   . ALA A 1 83  ? -18.000 5.527   -7.355  1.00 21.55 ? 83  ALA A C   1 
ATOM   279  O O   . ALA A 1 83  ? -17.166 6.380   -7.057  1.00 20.70 ? 83  ALA A O   1 
ATOM   280  C CB  . ALA A 1 83  ? -18.645 5.163   -9.758  1.00 21.96 ? 83  ALA A CB  1 
ATOM   281  N N   . ASP A 1 84  ? -19.096 5.296   -6.639  1.00 21.74 ? 84  ASP A N   1 
ATOM   282  C CA  . ASP A 1 84  ? -19.407 6.065   -5.437  1.00 22.39 ? 84  ASP A CA  1 
ATOM   283  C C   . ASP A 1 84  ? -18.440 5.753   -4.293  1.00 21.55 ? 84  ASP A C   1 
ATOM   284  O O   . ASP A 1 84  ? -18.035 6.654   -3.548  1.00 20.65 ? 84  ASP A O   1 
ATOM   285  C CB  . ASP A 1 84  ? -20.856 5.831   -5.011  1.00 23.66 ? 84  ASP A CB  1 
ATOM   286  C CG  . ASP A 1 84  ? -21.861 6.328   -6.050  1.00 25.91 ? 84  ASP A CG  1 
ATOM   287  O OD1 . ASP A 1 84  ? -21.654 7.420   -6.618  1.00 26.53 ? 84  ASP A OD1 1 
ATOM   288  O OD2 . ASP A 1 84  ? -22.858 5.620   -6.305  1.00 28.13 ? 84  ASP A OD2 1 
ATOM   289  N N   . LEU A 1 85  ? -18.054 4.487   -4.152  1.00 20.65 ? 85  LEU A N   1 
ATOM   290  C CA  . LEU A 1 85  ? -17.102 4.127   -3.101  1.00 20.19 ? 85  LEU A CA  1 
ATOM   291  C C   . LEU A 1 85  ? -15.752 4.806   -3.322  1.00 19.96 ? 85  LEU A C   1 
ATOM   292  O O   . LEU A 1 85  ? -15.175 5.385   -2.397  1.00 19.85 ? 85  LEU A O   1 
ATOM   293  C CB  . LEU A 1 85  ? -16.923 2.607   -2.996  1.00 19.60 ? 85  LEU A CB  1 
ATOM   294  C CG  . LEU A 1 85  ? -15.941 2.140   -1.908  1.00 19.96 ? 85  LEU A CG  1 
ATOM   295  C CD1 . LEU A 1 85  ? -16.290 2.728   -0.549  1.00 20.51 ? 85  LEU A CD1 1 
ATOM   296  C CD2 . LEU A 1 85  ? -15.876 0.623   -1.810  1.00 20.08 ? 85  LEU A CD2 1 
ATOM   297  N N   . LEU A 1 86  ? -15.242 4.719   -4.546  1.00 19.74 ? 86  LEU A N   1 
ATOM   298  C CA  . LEU A 1 86  ? -13.970 5.335   -4.877  1.00 20.60 ? 86  LEU A CA  1 
ATOM   299  C C   . LEU A 1 86  ? -14.042 6.860   -4.772  1.00 20.42 ? 86  LEU A C   1 
ATOM   300  O O   . LEU A 1 86  ? -13.054 7.493   -4.413  1.00 21.25 ? 86  LEU A O   1 
ATOM   301  C CB  . LEU A 1 86  ? -13.497 4.895   -6.266  1.00 21.23 ? 86  LEU A CB  1 
ATOM   302  C CG  . LEU A 1 86  ? -13.226 3.394   -6.439  1.00 21.28 ? 86  LEU A CG  1 
ATOM   303  C CD1 . LEU A 1 86  ? -12.952 3.069   -7.901  1.00 22.34 ? 86  LEU A CD1 1 
ATOM   304  C CD2 . LEU A 1 86  ? -12.071 2.928   -5.565  1.00 21.63 ? 86  LEU A CD2 1 
ATOM   305  N N   . ALA A 1 87  ? -15.200 7.438   -5.078  1.00 20.72 ? 87  ALA A N   1 
ATOM   306  C CA  . ALA A 1 87  ? -15.375 8.892   -4.964  1.00 21.00 ? 87  ALA A CA  1 
ATOM   307  C C   . ALA A 1 87  ? -15.368 9.312   -3.499  1.00 20.59 ? 87  ALA A C   1 
ATOM   308  O O   . ALA A 1 87  ? -14.774 10.335  -3.153  1.00 21.47 ? 87  ALA A O   1 
ATOM   309  C CB  . ALA A 1 87  ? -16.653 9.357   -5.652  1.00 22.37 ? 87  ALA A CB  1 
ATOM   310  N N   . ALA A 1 88  ? -16.022 8.520   -2.651  1.00 20.05 ? 88  ALA A N   1 
ATOM   311  C CA  . ALA A 1 88  ? -16.035 8.773   -1.204  1.00 19.70 ? 88  ALA A CA  1 
ATOM   312  C C   . ALA A 1 88  ? -14.625 8.673   -0.630  1.00 20.10 ? 88  ALA A C   1 
ATOM   313  O O   . ALA A 1 88  ? -14.200 9.520   0.161   1.00 19.78 ? 88  ALA A O   1 
ATOM   314  C CB  . ALA A 1 88  ? -16.970 7.808   -0.491  1.00 19.41 ? 88  ALA A CB  1 
ATOM   315  N N   . MET A 1 89  ? -13.898 7.630   -1.031  1.00 19.66 ? 89  MET A N   1 
ATOM   316  C CA  . MET A 1 89  ? -12.504 7.474   -0.623  1.00 19.99 ? 89  MET A CA  1 
ATOM   317  C C   . MET A 1 89  ? -11.671 8.694   -1.004  1.00 21.01 ? 89  MET A C   1 
ATOM   318  O O   . MET A 1 89  ? -10.940 9.238   -0.176  1.00 21.38 ? 89  MET A O   1 
ATOM   319  C CB  . MET A 1 89  ? -11.901 6.216   -1.255  1.00 20.04 ? 89  MET A CB  1 
ATOM   320  C CG  . MET A 1 89  ? -10.476 5.936   -0.824  1.00 20.39 ? 89  MET A CG  1 
ATOM   321  S SD  . MET A 1 89  ? -9.794  4.528   -1.711  1.00 21.57 ? 89  MET A SD  1 
ATOM   322  C CE  . MET A 1 89  ? -9.707  5.198   -3.367  1.00 22.70 ? 89  MET A CE  1 
ATOM   323  N N   . ALA A 1 90  ? -11.798 9.126   -2.255  1.00 20.92 ? 90  ALA A N   1 
ATOM   324  C CA  . ALA A 1 90  ? -10.988 10.227  -2.766  1.00 22.01 ? 90  ALA A CA  1 
ATOM   325  C C   . ALA A 1 90  ? -11.336 11.537  -2.072  1.00 22.14 ? 90  ALA A C   1 
ATOM   326  O O   . ALA A 1 90  ? -10.460 12.364  -1.840  1.00 23.34 ? 90  ALA A O   1 
ATOM   327  C CB  . ALA A 1 90  ? -11.150 10.359  -4.275  1.00 23.25 ? 90  ALA A CB  1 
ATOM   328  N N   . GLU A 1 91  ? -12.606 11.727  -1.747  1.00 22.23 ? 91  GLU A N   1 
ATOM   329  C CA  . GLU A 1 91  ? -13.013 12.935  -1.036  1.00 22.61 ? 91  GLU A CA  1 
ATOM   330  C C   . GLU A 1 91  ? -12.491 12.953  0.399   1.00 21.76 ? 91  GLU A C   1 
ATOM   331  O O   . GLU A 1 91  ? -12.093 14.002  0.911   1.00 22.21 ? 91  GLU A O   1 
ATOM   332  C CB  . GLU A 1 91  ? -14.526 13.100  -1.059  1.00 23.02 ? 91  GLU A CB  1 
ATOM   333  C CG  . GLU A 1 91  ? -15.038 14.314  -0.286  1.00 24.49 ? 91  GLU A CG  1 
ATOM   334  C CD  . GLU A 1 91  ? -14.579 15.655  -0.856  1.00 25.69 ? 91  GLU A CD  1 
ATOM   335  O OE1 . GLU A 1 91  ? -13.952 15.696  -1.938  1.00 26.81 ? 91  GLU A OE1 1 
ATOM   336  O OE2 . GLU A 1 91  ? -14.858 16.690  -0.215  1.00 27.00 ? 91  GLU A OE2 1 
ATOM   337  N N   . LEU A 1 92  ? -12.489 11.798  1.053   1.00 20.98 ? 92  LEU A N   1 
ATOM   338  C CA  . LEU A 1 92  ? -11.889 11.710  2.383   1.00 20.83 ? 92  LEU A CA  1 
ATOM   339  C C   . LEU A 1 92  ? -10.387 12.020  2.327   1.00 21.90 ? 92  LEU A C   1 
ATOM   340  O O   . LEU A 1 92  ? -9.861  12.703  3.207   1.00 22.48 ? 92  LEU A O   1 
ATOM   341  C CB  . LEU A 1 92  ? -12.155 10.343  3.015   1.00 19.91 ? 92  LEU A CB  1 
ATOM   342  C CG  . LEU A 1 92  ? -13.600 10.059  3.429   1.00 19.44 ? 92  LEU A CG  1 
ATOM   343  C CD1 . LEU A 1 92  ? -13.814 8.557   3.507   1.00 19.07 ? 92  LEU A CD1 1 
ATOM   344  C CD2 . LEU A 1 92  ? -13.982 10.735  4.744   1.00 19.67 ? 92  LEU A CD2 1 
ATOM   345  N N   . GLN A 1 93  ? -9.711  11.522  1.290   1.00 21.95 ? 93  GLN A N   1 
ATOM   346  C CA  . GLN A 1 93  ? -8.303  11.842  1.038   1.00 23.70 ? 93  GLN A CA  1 
ATOM   347  C C   . GLN A 1 93  ? -8.111  13.351  0.895   1.00 24.32 ? 93  GLN A C   1 
ATOM   348  O O   . GLN A 1 93  ? -7.216  13.927  1.516   1.00 25.19 ? 93  GLN A O   1 
ATOM   349  C CB  . GLN A 1 93  ? -7.797  11.155  -0.238  1.00 24.03 ? 93  GLN A CB  1 
ATOM   350  C CG  . GLN A 1 93  ? -7.567  9.653   -0.151  1.00 24.74 ? 93  GLN A CG  1 
ATOM   351  C CD  . GLN A 1 93  ? -7.159  9.055   -1.493  1.00 25.21 ? 93  GLN A CD  1 
ATOM   352  O OE1 . GLN A 1 93  ? -8.006  8.589   -2.256  1.00 26.08 ? 93  GLN A OE1 1 
ATOM   353  N NE2 . GLN A 1 93  ? -5.860  9.088   -1.793  1.00 24.65 ? 93  GLN A NE2 1 
ATOM   354  N N   . ARG A 1 94  ? -8.962  13.982  0.085   1.00 25.25 ? 94  ARG A N   1 
ATOM   355  C CA  . ARG A 1 94  ? -8.847  15.415  -0.216  1.00 26.43 ? 94  ARG A CA  1 
ATOM   356  C C   . ARG A 1 94  ? -9.037  16.274  1.031   1.00 26.42 ? 94  ARG A C   1 
ATOM   357  O O   . ARG A 1 94  ? -8.332  17.271  1.223   1.00 27.55 ? 94  ARG A O   1 
ATOM   358  C CB  . ARG A 1 94  ? -9.853  15.832  -1.296  1.00 27.79 ? 94  ARG A CB  1 
ATOM   359  C CG  . ARG A 1 94  ? -9.609  17.224  -1.869  1.00 29.90 ? 94  ARG A CG  1 
ATOM   360  C CD  . ARG A 1 94  ? -10.812 17.729  -2.653  1.00 30.97 ? 94  ARG A CD  1 
ATOM   361  N NE  . ARG A 1 94  ? -11.988 17.887  -1.801  1.00 32.10 ? 94  ARG A NE  1 
ATOM   362  C CZ  . ARG A 1 94  ? -12.200 18.923  -0.995  1.00 32.92 ? 94  ARG A CZ  1 
ATOM   363  N NH1 . ARG A 1 94  ? -11.317 19.912  -0.924  1.00 34.41 ? 94  ARG A NH1 1 
ATOM   364  N NH2 . ARG A 1 94  ? -13.299 18.971  -0.254  1.00 32.42 ? 94  ARG A NH2 1 
ATOM   365  N N   . GLN A 1 95  ? -9.983  15.875  1.876   1.00 25.21 ? 95  GLN A N   1 
ATOM   366  C CA  . GLN A 1 95  ? -10.257 16.573  3.132   1.00 24.86 ? 95  GLN A CA  1 
ATOM   367  C C   . GLN A 1 95  ? -9.163  16.349  4.178   1.00 25.16 ? 95  GLN A C   1 
ATOM   368  O O   . GLN A 1 95  ? -9.144  17.017  5.212   1.00 26.05 ? 95  GLN A O   1 
ATOM   369  C CB  . GLN A 1 95  ? -11.625 16.167  3.686   1.00 24.46 ? 95  GLN A CB  1 
ATOM   370  C CG  . GLN A 1 95  ? -12.791 16.619  2.818   1.00 24.40 ? 95  GLN A CG  1 
ATOM   371  C CD  . GLN A 1 95  ? -14.147 16.247  3.382   1.00 24.92 ? 95  GLN A CD  1 
ATOM   372  O OE1 . GLN A 1 95  ? -15.146 16.255  2.663   1.00 26.59 ? 95  GLN A OE1 1 
ATOM   373  N NE2 . GLN A 1 95  ? -14.198 15.928  4.668   1.00 24.35 ? 95  GLN A NE2 1 
ATOM   374  N N   . GLY A 1 96  ? -8.250  15.421  3.903   1.00 24.23 ? 96  GLY A N   1 
ATOM   375  C CA  . GLY A 1 96  ? -7.153  15.122  4.823   1.00 23.16 ? 96  GLY A CA  1 
ATOM   376  C C   . GLY A 1 96  ? -7.502  14.143  5.933   1.00 22.24 ? 96  GLY A C   1 
ATOM   377  O O   . GLY A 1 96  ? -6.745  13.999  6.895   1.00 22.50 ? 96  GLY A O   1 
ATOM   378  N N   . HIS A 1 97  ? -8.642  13.463  5.809   1.00 21.52 ? 97  HIS A N   1 
ATOM   379  C CA  . HIS A 1 97  ? -9.023  12.438  6.779   1.00 20.78 ? 97  HIS A CA  1 
ATOM   380  C C   . HIS A 1 97  ? -8.387  11.136  6.396   1.00 19.79 ? 97  HIS A C   1 
ATOM   381  O O   . HIS A 1 97  ? -9.057  10.229  5.907   1.00 19.31 ? 97  HIS A O   1 
ATOM   382  C CB  . HIS A 1 97  ? -10.533 12.279  6.852   1.00 21.52 ? 97  HIS A CB  1 
ATOM   383  C CG  . HIS A 1 97  ? -11.253 13.532  7.265   1.00 22.06 ? 97  HIS A CG  1 
ATOM   384  N ND1 . HIS A 1 97  ? -11.090 14.098  8.480   1.00 24.13 ? 97  HIS A ND1 1 
ATOM   385  C CD2 . HIS A 1 97  ? -12.147 14.335  6.572   1.00 23.08 ? 97  HIS A CD2 1 
ATOM   386  C CE1 . HIS A 1 97  ? -11.849 15.206  8.556   1.00 24.15 ? 97  HIS A CE1 1 
ATOM   387  N NE2 . HIS A 1 97  ? -12.496 15.350  7.388   1.00 23.95 ? 97  HIS A NE2 1 
ATOM   388  N N   . TRP A 1 98  ? -7.084  11.040  6.626   1.00 19.03 ? 98  TRP A N   1 
ATOM   389  C CA  . TRP A 1 98  ? -6.286  9.923   6.128   1.00 19.01 ? 98  TRP A CA  1 
ATOM   390  C C   . TRP A 1 98  ? -6.747  8.584   6.669   1.00 18.50 ? 98  TRP A C   1 
ATOM   391  O O   . TRP A 1 98  ? -6.945  7.635   5.899   1.00 18.09 ? 98  TRP A O   1 
ATOM   392  C CB  . TRP A 1 98  ? -4.809  10.187  6.388   1.00 18.92 ? 98  TRP A CB  1 
ATOM   393  C CG  . TRP A 1 98  ? -3.928  9.154   5.770   1.00 19.06 ? 98  TRP A CG  1 
ATOM   394  C CD1 . TRP A 1 98  ? -3.409  9.134   4.486   1.00 19.11 ? 98  TRP A CD1 1 
ATOM   395  C CD2 . TRP A 1 98  ? -3.460  7.933   6.402   1.00 19.17 ? 98  TRP A CD2 1 
ATOM   396  N NE1 . TRP A 1 98  ? -2.657  8.006   4.287   1.00 18.93 ? 98  TRP A NE1 1 
ATOM   397  C CE2 . TRP A 1 98  ? -2.655  7.236   5.401   1.00 19.17 ? 98  TRP A CE2 1 
ATOM   398  C CE3 . TRP A 1 98  ? -3.626  7.363   7.651   1.00 19.42 ? 98  TRP A CE3 1 
ATOM   399  C CZ2 . TRP A 1 98  ? -2.044  6.024   5.668   1.00 19.84 ? 98  TRP A CZ2 1 
ATOM   400  C CZ3 . TRP A 1 98  ? -3.006  6.141   7.916   1.00 20.04 ? 98  TRP A CZ3 1 
ATOM   401  C CH2 . TRP A 1 98  ? -2.231  5.486   6.945   1.00 20.05 ? 98  TRP A CH2 1 
ATOM   402  N N   . SER A 1 99  ? -6.956  8.484   7.982   1.00 18.72 ? 99  SER A N   1 
ATOM   403  C CA  . SER A 1 99  ? -7.380  7.206   8.572   1.00 19.06 ? 99  SER A CA  1 
ATOM   404  C C   . SER A 1 99  ? -8.739  6.720   8.035   1.00 18.42 ? 99  SER A C   1 
ATOM   405  O O   . SER A 1 99  ? -8.927  5.521   7.832   1.00 18.14 ? 99  SER A O   1 
ATOM   406  C CB  . SER A 1 99  ? -7.383  7.265   10.102  1.00 20.49 ? 99  SER A CB  1 
ATOM   407  O OG  . SER A 1 99  ? -8.464  8.044   10.565  1.00 24.73 ? 99  SER A OG  1 
ATOM   408  N N   . LEU A 1 100 ? -9.668  7.650   7.804   1.00 17.54 ? 100 LEU A N   1 
ATOM   409  C CA  . LEU A 1 100 ? -10.982 7.316   7.252   1.00 17.63 ? 100 LEU A CA  1 
ATOM   410  C C   . LEU A 1 100 ? -10.863 6.905   5.794   1.00 17.57 ? 100 LEU A C   1 
ATOM   411  O O   . LEU A 1 100 ? -11.566 6.002   5.351   1.00 17.73 ? 100 LEU A O   1 
ATOM   412  C CB  . LEU A 1 100 ? -11.958 8.488   7.361   1.00 17.88 ? 100 LEU A CB  1 
ATOM   413  C CG  . LEU A 1 100 ? -12.286 8.969   8.776   1.00 18.03 ? 100 LEU A CG  1 
ATOM   414  C CD1 . LEU A 1 100 ? -13.411 9.993   8.728   1.00 18.66 ? 100 LEU A CD1 1 
ATOM   415  C CD2 . LEU A 1 100 ? -12.679 7.798   9.655   1.00 18.86 ? 100 LEU A CD2 1 
ATOM   416  N N   . ALA A 1 101 ? -9.981  7.581   5.057   1.00 17.55 ? 101 ALA A N   1 
ATOM   417  C CA  . ALA A 1 101 ? -9.763  7.238   3.646   1.00 17.50 ? 101 ALA A CA  1 
ATOM   418  C C   . ALA A 1 101 ? -9.157  5.843   3.529   1.00 17.77 ? 101 ALA A C   1 
ATOM   419  O O   . ALA A 1 101 ? -9.489  5.093   2.600   1.00 17.75 ? 101 ALA A O   1 
ATOM   420  C CB  . ALA A 1 101 ? -8.883  8.276   2.956   1.00 18.19 ? 101 ALA A CB  1 
ATOM   421  N N   . LEU A 1 102 ? -8.271  5.502   4.464   1.00 17.99 ? 102 LEU A N   1 
ATOM   422  C CA  . LEU A 1 102 ? -7.647  4.174   4.500   1.00 18.15 ? 102 LEU A CA  1 
ATOM   423  C C   . LEU A 1 102 ? -8.706  3.121   4.800   1.00 18.15 ? 102 LEU A C   1 
ATOM   424  O O   . LEU A 1 102 ? -8.720  2.053   4.189   1.00 18.03 ? 102 LEU A O   1 
ATOM   425  C CB  . LEU A 1 102 ? -6.556  4.107   5.575   1.00 19.32 ? 102 LEU A CB  1 
ATOM   426  C CG  . LEU A 1 102 ? -5.259  3.301   5.390   1.00 21.08 ? 102 LEU A CG  1 
ATOM   427  C CD1 . LEU A 1 102 ? -4.820  2.657   6.701   1.00 20.80 ? 102 LEU A CD1 1 
ATOM   428  C CD2 . LEU A 1 102 ? -5.280  2.276   4.263   1.00 20.59 ? 102 LEU A CD2 1 
ATOM   429  N N   . ALA A 1 103 ? -9.593  3.420   5.746   1.00 17.86 ? 103 ALA A N   1 
ATOM   430  C CA  . ALA A 1 103 ? -10.692 2.516   6.044   1.00 17.59 ? 103 ALA A CA  1 
ATOM   431  C C   . ALA A 1 103 ? -11.566 2.325   4.799   1.00 17.33 ? 103 ALA A C   1 
ATOM   432  O O   . ALA A 1 103 ? -12.027 1.212   4.534   1.00 16.85 ? 103 ALA A O   1 
ATOM   433  C CB  . ALA A 1 103 ? -11.507 3.018   7.231   1.00 17.72 ? 103 ALA A CB  1 
ATOM   434  N N   . ALA A 1 104 ? -11.774 3.396   4.029   1.00 16.60 ? 104 ALA A N   1 
ATOM   435  C CA  . ALA A 1 104 ? -12.537 3.287   2.777   1.00 16.98 ? 104 ALA A CA  1 
ATOM   436  C C   . ALA A 1 104 ? -11.817 2.377   1.784   1.00 17.14 ? 104 ALA A C   1 
ATOM   437  O O   . ALA A 1 104 ? -12.451 1.532   1.136   1.00 17.06 ? 104 ALA A O   1 
ATOM   438  C CB  . ALA A 1 104 ? -12.804 4.653   2.165   1.00 16.98 ? 104 ALA A CB  1 
ATOM   439  N N   . LEU A 1 105 ? -10.500 2.551   1.674   1.00 16.95 ? 105 LEU A N   1 
ATOM   440  C CA  . LEU A 1 105 ? -9.673  1.690   0.823   1.00 17.47 ? 105 LEU A CA  1 
ATOM   441  C C   . LEU A 1 105 ? -9.881  0.217   1.173   1.00 17.53 ? 105 LEU A C   1 
ATOM   442  O O   . LEU A 1 105 ? -10.063 -0.610  0.279   1.00 18.03 ? 105 LEU A O   1 
ATOM   443  C CB  . LEU A 1 105 ? -8.183  2.062   0.919   1.00 17.67 ? 105 LEU A CB  1 
ATOM   444  C CG  . LEU A 1 105 ? -7.187  1.196   0.123   1.00 17.93 ? 105 LEU A CG  1 
ATOM   445  C CD1 . LEU A 1 105 ? -7.519  1.200   -1.359  1.00 18.29 ? 105 LEU A CD1 1 
ATOM   446  C CD2 . LEU A 1 105 ? -5.756  1.655   0.358   1.00 18.19 ? 105 LEU A CD2 1 
ATOM   447  N N   . HIS A 1 106 ? -9.849  -0.115  2.460   1.00 17.44 ? 106 HIS A N   1 
ATOM   448  C CA  . HIS A 1 106 ? -10.020 -1.508  2.877   1.00 18.09 ? 106 HIS A CA  1 
ATOM   449  C C   . HIS A 1 106 ? -11.378 -2.079  2.544   1.00 17.90 ? 106 HIS A C   1 
ATOM   450  O O   . HIS A 1 106 ? -11.492 -3.277  2.247   1.00 18.57 ? 106 HIS A O   1 
ATOM   451  C CB  . HIS A 1 106 ? -9.678  -1.688  4.346   1.00 18.38 ? 106 HIS A CB  1 
ATOM   452  C CG  . HIS A 1 106 ? -8.197  -1.664  4.626   1.00 18.55 ? 106 HIS A CG  1 
ATOM   453  N ND1 . HIS A 1 106 ? -7.324  -2.493  4.011   1.00 18.91 ? 106 HIS A ND1 1 
ATOM   454  C CD2 . HIS A 1 106 ? -7.452  -0.887  5.503   1.00 18.58 ? 106 HIS A CD2 1 
ATOM   455  C CE1 . HIS A 1 106 ? -6.084  -2.251  4.473   1.00 19.66 ? 106 HIS A CE1 1 
ATOM   456  N NE2 . HIS A 1 106 ? -6.167  -1.268  5.390   1.00 18.52 ? 106 HIS A NE2 1 
ATOM   457  N N   . VAL A 1 107 ? -12.415 -1.241  2.573   1.00 17.62 ? 107 VAL A N   1 
ATOM   458  C CA  . VAL A 1 107 ? -13.726 -1.660  2.086   1.00 17.66 ? 107 VAL A CA  1 
ATOM   459  C C   . VAL A 1 107 ? -13.609 -1.976  0.592   1.00 17.75 ? 107 VAL A C   1 
ATOM   460  O O   . VAL A 1 107 ? -14.071 -3.027  0.146   1.00 18.13 ? 107 VAL A O   1 
ATOM   461  C CB  . VAL A 1 107 ? -14.825 -0.605  2.333   1.00 17.28 ? 107 VAL A CB  1 
ATOM   462  C CG1 . VAL A 1 107 ? -16.147 -1.058  1.731   1.00 17.47 ? 107 VAL A CG1 1 
ATOM   463  C CG2 . VAL A 1 107 ? -15.009 -0.346  3.829   1.00 17.53 ? 107 VAL A CG2 1 
ATOM   464  N N   . ALA A 1 108 ? -12.976 -1.092  -0.178  1.00 17.64 ? 108 ALA A N   1 
ATOM   465  C CA  . ALA A 1 108 ? -12.828 -1.323  -1.624  1.00 17.59 ? 108 ALA A CA  1 
ATOM   466  C C   . ALA A 1 108 ? -12.080 -2.625  -1.917  1.00 18.29 ? 108 ALA A C   1 
ATOM   467  O O   . ALA A 1 108 ? -12.427 -3.361  -2.848  1.00 18.87 ? 108 ALA A O   1 
ATOM   468  C CB  . ALA A 1 108 ? -12.129 -0.146  -2.288  1.00 17.03 ? 108 ALA A CB  1 
ATOM   469  N N   . ARG A 1 109 ? -11.059 -2.905  -1.109  1.00 18.53 ? 109 ARG A N   1 
ATOM   470  C CA  . ARG A 1 109 ? -10.183 -4.056  -1.341  1.00 19.73 ? 109 ARG A CA  1 
ATOM   471  C C   . ARG A 1 109 ? -10.930 -5.393  -1.284  1.00 20.49 ? 109 ARG A C   1 
ATOM   472  O O   . ARG A 1 109 ? -10.464 -6.376  -1.853  1.00 22.02 ? 109 ARG A O   1 
ATOM   473  C CB  . ARG A 1 109 ? -9.017  -4.059  -0.343  1.00 19.81 ? 109 ARG A CB  1 
ATOM   474  C CG  . ARG A 1 109 ? -7.975  -2.959  -0.553  1.00 20.05 ? 109 ARG A CG  1 
ATOM   475  C CD  . ARG A 1 109 ? -6.813  -3.071  0.437   1.00 20.63 ? 109 ARG A CD  1 
ATOM   476  N NE  . ARG A 1 109 ? -6.311  -4.441  0.429   1.00 20.98 ? 109 ARG A NE  1 
ATOM   477  C CZ  . ARG A 1 109 ? -6.545  -5.346  1.375   1.00 21.45 ? 109 ARG A CZ  1 
ATOM   478  N NH1 . ARG A 1 109 ? -7.224  -5.026  2.466   1.00 21.93 ? 109 ARG A NH1 1 
ATOM   479  N NH2 . ARG A 1 109 ? -6.080  -6.581  1.231   1.00 22.03 ? 109 ARG A NH2 1 
ATOM   480  N N   . ALA A 1 110 ? -12.077 -5.421  -0.606  1.00 20.03 ? 110 ALA A N   1 
ATOM   481  C CA  . ALA A 1 110 ? -12.879 -6.642  -0.468  1.00 21.17 ? 110 ALA A CA  1 
ATOM   482  C C   . ALA A 1 110 ? -13.963 -6.783  -1.542  1.00 22.27 ? 110 ALA A C   1 
ATOM   483  O O   . ALA A 1 110 ? -14.674 -7.798  -1.583  1.00 23.48 ? 110 ALA A O   1 
ATOM   484  C CB  . ALA A 1 110 ? -13.506 -6.714  0.913   1.00 21.42 ? 110 ALA A CB  1 
ATOM   485  N N   . GLU A 1 111 ? -14.102 -5.771  -2.394  1.00 22.06 ? 111 GLU A N   1 
ATOM   486  C CA  . GLU A 1 111 ? -15.142 -5.777  -3.426  1.00 22.47 ? 111 GLU A CA  1 
ATOM   487  C C   . GLU A 1 111 ? -14.754 -6.617  -4.637  1.00 23.50 ? 111 GLU A C   1 
ATOM   488  O O   . GLU A 1 111 ? -13.579 -6.670  -5.007  1.00 23.34 ? 111 GLU A O   1 
ATOM   489  C CB  . GLU A 1 111 ? -15.503 -4.355  -3.870  1.00 22.96 ? 111 GLU A CB  1 
ATOM   490  C CG  . GLU A 1 111 ? -16.239 -3.540  -2.816  1.00 23.48 ? 111 GLU A CG  1 
ATOM   491  C CD  . GLU A 1 111 ? -17.546 -4.182  -2.379  1.00 24.59 ? 111 GLU A CD  1 
ATOM   492  O OE1 . GLU A 1 111 ? -18.588 -3.912  -3.003  1.00 26.07 ? 111 GLU A OE1 1 
ATOM   493  O OE2 . GLU A 1 111 ? -17.539 -4.956  -1.403  1.00 26.30 ? 111 GLU A OE2 1 
ATOM   494  N N   . PRO A 1 112 ? -15.749 -7.261  -5.270  1.00 24.81 ? 112 PRO A N   1 
ATOM   495  C CA  . PRO A 1 112 ? -15.495 -8.112  -6.434  1.00 25.40 ? 112 PRO A CA  1 
ATOM   496  C C   . PRO A 1 112 ? -14.799 -7.406  -7.598  1.00 25.08 ? 112 PRO A C   1 
ATOM   497  O O   . PRO A 1 112 ? -14.092 -8.058  -8.359  1.00 26.04 ? 112 PRO A O   1 
ATOM   498  C CB  . PRO A 1 112 ? -16.899 -8.549  -6.862  1.00 25.37 ? 112 PRO A CB  1 
ATOM   499  C CG  . PRO A 1 112 ? -17.717 -8.465  -5.625  1.00 26.32 ? 112 PRO A CG  1 
ATOM   500  C CD  . PRO A 1 112 ? -17.167 -7.288  -4.867  1.00 25.50 ? 112 PRO A CD  1 
ATOM   501  N N   . TRP A 1 113 ? -15.000 -6.098  -7.747  1.00 23.55 ? 113 TRP A N   1 
ATOM   502  C CA  . TRP A 1 113 ? -14.402 -5.350  -8.854  1.00 23.18 ? 113 TRP A CA  1 
ATOM   503  C C   . TRP A 1 113 ? -12.982 -4.896  -8.616  1.00 23.46 ? 113 TRP A C   1 
ATOM   504  O O   . TRP A 1 113 ? -12.317 -4.402  -9.535  1.00 23.81 ? 113 TRP A O   1 
ATOM   505  C CB  . TRP A 1 113 ? -15.291 -4.168  -9.233  1.00 22.50 ? 113 TRP A CB  1 
ATOM   506  C CG  . TRP A 1 113 ? -15.730 -3.352  -8.052  1.00 22.11 ? 113 TRP A CG  1 
ATOM   507  C CD1 . TRP A 1 113 ? -16.964 -3.377  -7.413  1.00 21.76 ? 113 TRP A CD1 1 
ATOM   508  C CD2 . TRP A 1 113 ? -14.930 -2.376  -7.309  1.00 21.97 ? 113 TRP A CD2 1 
ATOM   509  N NE1 . TRP A 1 113 ? -16.986 -2.488  -6.361  1.00 21.80 ? 113 TRP A NE1 1 
ATOM   510  C CE2 . TRP A 1 113 ? -15.799 -1.858  -6.248  1.00 21.61 ? 113 TRP A CE2 1 
ATOM   511  C CE3 . TRP A 1 113 ? -13.636 -1.882  -7.429  1.00 21.56 ? 113 TRP A CE3 1 
ATOM   512  C CZ2 . TRP A 1 113 ? -15.364 -0.889  -5.350  1.00 21.52 ? 113 TRP A CZ2 1 
ATOM   513  C CZ3 . TRP A 1 113 ? -13.205 -0.907  -6.518  1.00 21.53 ? 113 TRP A CZ3 1 
ATOM   514  C CH2 . TRP A 1 113 ? -14.051 -0.424  -5.506  1.00 21.24 ? 113 TRP A CH2 1 
ATOM   515  N N   . TYR A 1 114 ? -12.489 -5.075  -7.392  1.00 23.49 ? 114 TYR A N   1 
ATOM   516  C CA  . TYR A 1 114 ? -11.199 -4.499  -6.999  1.00 24.53 ? 114 TYR A CA  1 
ATOM   517  C C   . TYR A 1 114 ? -9.996  -5.106  -7.713  1.00 25.63 ? 114 TYR A C   1 
ATOM   518  O O   . TYR A 1 114 ? -9.901  -6.326  -7.857  1.00 27.53 ? 114 TYR A O   1 
ATOM   519  C CB  . TYR A 1 114 ? -11.009 -4.594  -5.483  1.00 23.72 ? 114 TYR A CB  1 
ATOM   520  C CG  . TYR A 1 114 ? -9.766  -3.895  -4.983  1.00 23.08 ? 114 TYR A CG  1 
ATOM   521  C CD1 . TYR A 1 114 ? -9.736  -2.509  -4.836  1.00 23.04 ? 114 TYR A CD1 1 
ATOM   522  C CD2 . TYR A 1 114 ? -8.618  -4.618  -4.665  1.00 22.95 ? 114 TYR A CD2 1 
ATOM   523  C CE1 . TYR A 1 114 ? -8.598  -1.866  -4.382  1.00 23.02 ? 114 TYR A CE1 1 
ATOM   524  C CE2 . TYR A 1 114 ? -7.472  -3.979  -4.213  1.00 22.79 ? 114 TYR A CE2 1 
ATOM   525  C CZ  . TYR A 1 114 ? -7.471  -2.604  -4.080  1.00 22.92 ? 114 TYR A CZ  1 
ATOM   526  O OH  . TYR A 1 114 ? -6.349  -1.955  -3.628  1.00 23.25 ? 114 TYR A OH  1 
ATOM   527  N N   . ARG A 1 115 ? -9.089  -4.238  -8.153  1.00 26.80 ? 115 ARG A N   1 
ATOM   528  C CA  . ARG A 1 115 ? -7.793  -4.639  -8.703  1.00 27.99 ? 115 ARG A CA  1 
ATOM   529  C C   . ARG A 1 115 ? -6.641  -3.921  -7.998  1.00 27.06 ? 115 ARG A C   1 
ATOM   530  O O   . ARG A 1 115 ? -6.515  -2.698  -8.101  1.00 28.30 ? 115 ARG A O   1 
ATOM   531  C CB  . ARG A 1 115 ? -7.728  -4.345  -10.195 1.00 30.17 ? 115 ARG A CB  1 
ATOM   532  C CG  . ARG A 1 115 ? -8.589  -5.260  -11.045 1.00 32.46 ? 115 ARG A CG  1 
ATOM   533  C CD  . ARG A 1 115 ? -9.435  -4.452  -12.011 1.00 35.43 ? 115 ARG A CD  1 
ATOM   534  N NE  . ARG A 1 115 ? -8.673  -3.916  -13.139 1.00 38.40 ? 115 ARG A NE  1 
ATOM   535  C CZ  . ARG A 1 115 ? -8.467  -4.556  -14.289 1.00 40.37 ? 115 ARG A CZ  1 
ATOM   536  N NH1 . ARG A 1 115 ? -8.954  -5.774  -14.480 1.00 41.43 ? 115 ARG A NH1 1 
ATOM   537  N NH2 . ARG A 1 115 ? -7.763  -3.976  -15.250 1.00 42.41 ? 115 ARG A NH2 1 
ATOM   538  N N   . PRO A 1 116 ? -5.780  -4.683  -7.305  1.00 27.42 ? 116 PRO A N   1 
ATOM   539  C CA  . PRO A 1 116 ? -4.655  -4.097  -6.576  1.00 27.23 ? 116 PRO A CA  1 
ATOM   540  C C   . PRO A 1 116 ? -3.817  -3.189  -7.468  1.00 28.13 ? 116 PRO A C   1 
ATOM   541  O O   . PRO A 1 116 ? -3.443  -3.577  -8.579  1.00 27.77 ? 116 PRO A O   1 
ATOM   542  C CB  . PRO A 1 116 ? -3.838  -5.319  -6.147  1.00 27.28 ? 116 PRO A CB  1 
ATOM   543  C CG  . PRO A 1 116 ? -4.834  -6.422  -6.072  1.00 27.55 ? 116 PRO A CG  1 
ATOM   544  C CD  . PRO A 1 116 ? -5.812  -6.152  -7.177  1.00 27.41 ? 116 PRO A CD  1 
ATOM   545  N N   . ASP A 1 117 ? -3.554  -1.980  -6.983  1.00 27.42 ? 117 ASP A N   1 
ATOM   546  C CA  . ASP A 1 117 ? -2.750  -1.009  -7.699  1.00 27.14 ? 117 ASP A CA  1 
ATOM   547  C C   . ASP A 1 117 ? -1.702  -0.492  -6.720  1.00 26.58 ? 117 ASP A C   1 
ATOM   548  O O   . ASP A 1 117 ? -2.035  0.259   -5.802  1.00 25.27 ? 117 ASP A O   1 
ATOM   549  C CB  . ASP A 1 117 ? -3.634  0.130   -8.224  1.00 28.60 ? 117 ASP A CB  1 
ATOM   550  C CG  . ASP A 1 117 ? -2.847  1.225   -8.930  1.00 29.28 ? 117 ASP A CG  1 
ATOM   551  O OD1 . ASP A 1 117 ? -1.645  1.045   -9.212  1.00 30.17 ? 117 ASP A OD1 1 
ATOM   552  O OD2 . ASP A 1 117 ? -3.448  2.283   -9.210  1.00 31.22 ? 117 ASP A OD2 1 
ATOM   553  N N   . PRO A 1 118 ? -0.437  -0.913  -6.898  1.00 25.89 ? 118 PRO A N   1 
ATOM   554  C CA  . PRO A 1 118 ? 0.615   -0.449  -5.994  1.00 25.55 ? 118 PRO A CA  1 
ATOM   555  C C   . PRO A 1 118 ? 0.797   1.067   -6.020  1.00 24.86 ? 118 PRO A C   1 
ATOM   556  O O   . PRO A 1 118 ? 1.277   1.637   -5.046  1.00 23.59 ? 118 PRO A O   1 
ATOM   557  C CB  . PRO A 1 118 ? 1.876   -1.145  -6.523  1.00 26.34 ? 118 PRO A CB  1 
ATOM   558  C CG  . PRO A 1 118 ? 1.379   -2.317  -7.297  1.00 25.97 ? 118 PRO A CG  1 
ATOM   559  C CD  . PRO A 1 118 ? 0.071   -1.891  -7.882  1.00 26.73 ? 118 PRO A CD  1 
ATOM   560  N N   . GLU A 1 119 ? 0.428   1.711   -7.123  1.00 24.72 ? 119 GLU A N   1 
ATOM   561  C CA  . GLU A 1 119 ? 0.550   3.161   -7.219  1.00 25.04 ? 119 GLU A CA  1 
ATOM   562  C C   . GLU A 1 119 ? -0.482  3.863   -6.333  1.00 23.58 ? 119 GLU A C   1 
ATOM   563  O O   . GLU A 1 119 ? -0.187  4.903   -5.739  1.00 22.94 ? 119 GLU A O   1 
ATOM   564  C CB  . GLU A 1 119 ? 0.468   3.631   -8.680  1.00 27.48 ? 119 GLU A CB  1 
ATOM   565  C CG  . GLU A 1 119 ? 0.817   5.099   -8.870  1.00 29.27 ? 119 GLU A CG  1 
ATOM   566  C CD  . GLU A 1 119 ? 1.202   5.446   -10.297 1.00 31.33 ? 119 GLU A CD  1 
ATOM   567  O OE1 . GLU A 1 119 ? 1.170   4.550   -11.167 1.00 32.93 ? 119 GLU A OE1 1 
ATOM   568  O OE2 . GLU A 1 119 ? 1.540   6.621   -10.543 1.00 32.13 ? 119 GLU A OE2 1 
ATOM   569  N N   . LEU A 1 120 ? -1.678  3.290   -6.229  1.00 22.44 ? 120 LEU A N   1 
ATOM   570  C CA  . LEU A 1 120 ? -2.686  3.822   -5.317  1.00 21.70 ? 120 LEU A CA  1 
ATOM   571  C C   . LEU A 1 120 ? -2.187  3.655   -3.886  1.00 20.88 ? 120 LEU A C   1 
ATOM   572  O O   . LEU A 1 120 ? -2.264  4.584   -3.068  1.00 20.07 ? 120 LEU A O   1 
ATOM   573  C CB  . LEU A 1 120 ? -4.027  3.110   -5.495  1.00 22.32 ? 120 LEU A CB  1 
ATOM   574  C CG  . LEU A 1 120 ? -5.132  3.545   -4.526  1.00 22.07 ? 120 LEU A CG  1 
ATOM   575  C CD1 . LEU A 1 120 ? -5.362  5.053   -4.586  1.00 22.66 ? 120 LEU A CD1 1 
ATOM   576  C CD2 . LEU A 1 120 ? -6.420  2.787   -4.811  1.00 22.71 ? 120 LEU A CD2 1 
ATOM   577  N N   . TYR A 1 121 ? -1.655  2.475   -3.589  1.00 19.88 ? 121 TYR A N   1 
ATOM   578  C CA  . TYR A 1 121 ? -1.060  2.259   -2.273  1.00 19.30 ? 121 TYR A CA  1 
ATOM   579  C C   . TYR A 1 121 ? 0.064   3.266   -2.001  1.00 19.16 ? 121 TYR A C   1 
ATOM   580  O O   . TYR A 1 121 ? 0.196   3.770   -0.884  1.00 17.77 ? 121 TYR A O   1 
ATOM   581  C CB  . TYR A 1 121 ? -0.556  0.823   -2.109  1.00 19.51 ? 121 TYR A CB  1 
ATOM   582  C CG  . TYR A 1 121 ? -1.640  -0.239  -2.147  1.00 19.51 ? 121 TYR A CG  1 
ATOM   583  C CD1 . TYR A 1 121 ? -2.970  0.056   -1.812  1.00 19.50 ? 121 TYR A CD1 1 
ATOM   584  C CD2 . TYR A 1 121 ? -1.331  -1.549  -2.513  1.00 19.98 ? 121 TYR A CD2 1 
ATOM   585  C CE1 . TYR A 1 121 ? -3.953  -0.926  -1.842  1.00 19.70 ? 121 TYR A CE1 1 
ATOM   586  C CE2 . TYR A 1 121 ? -2.307  -2.538  -2.542  1.00 19.79 ? 121 TYR A CE2 1 
ATOM   587  C CZ  . TYR A 1 121 ? -3.613  -2.228  -2.215  1.00 19.27 ? 121 TYR A CZ  1 
ATOM   588  O OH  . TYR A 1 121 ? -4.579  -3.217  -2.249  1.00 19.73 ? 121 TYR A OH  1 
ATOM   589  N N   . ALA A 1 122 ? 0.872   3.557   -3.021  1.00 19.11 ? 122 ALA A N   1 
ATOM   590  C CA  . ALA A 1 122 ? 1.951   4.529   -2.877  1.00 19.35 ? 122 ALA A CA  1 
ATOM   591  C C   . ALA A 1 122 ? 1.410   5.889   -2.451  1.00 19.57 ? 122 ALA A C   1 
ATOM   592  O O   . ALA A 1 122 ? 2.012   6.554   -1.610  1.00 19.67 ? 122 ALA A O   1 
ATOM   593  C CB  . ALA A 1 122 ? 2.759   4.646   -4.167  1.00 19.77 ? 122 ALA A CB  1 
ATOM   594  N N   . THR A 1 123 ? 0.268   6.284   -3.013  1.00 19.72 ? 123 THR A N   1 
ATOM   595  C CA  . THR A 1 123 ? -0.368  7.552   -2.652  1.00 19.89 ? 123 THR A CA  1 
ATOM   596  C C   . THR A 1 123 ? -0.804  7.588   -1.178  1.00 19.45 ? 123 THR A C   1 
ATOM   597  O O   . THR A 1 123 ? -0.617  8.600   -0.493  1.00 19.78 ? 123 THR A O   1 
ATOM   598  C CB  . THR A 1 123 ? -1.525  7.891   -3.610  1.00 20.90 ? 123 THR A CB  1 
ATOM   599  O OG1 . THR A 1 123 ? -0.979  8.130   -4.915  1.00 22.67 ? 123 THR A OG1 1 
ATOM   600  C CG2 . THR A 1 123 ? -2.266  9.143   -3.149  1.00 22.30 ? 123 THR A CG2 1 
ATOM   601  N N   . PHE A 1 124 ? -1.357  6.483   -0.682  1.00 18.50 ? 124 PHE A N   1 
ATOM   602  C CA  . PHE A 1 124 ? -1.701  6.399   0.737   1.00 18.30 ? 124 PHE A CA  1 
ATOM   603  C C   . PHE A 1 124 ? -0.462  6.447   1.626   1.00 18.29 ? 124 PHE A C   1 
ATOM   604  O O   . PHE A 1 124 ? -0.500  7.006   2.718   1.00 17.97 ? 124 PHE A O   1 
ATOM   605  C CB  . PHE A 1 124 ? -2.548  5.156   1.023   1.00 18.63 ? 124 PHE A CB  1 
ATOM   606  C CG  . PHE A 1 124 ? -4.011  5.368   0.785   1.00 19.29 ? 124 PHE A CG  1 
ATOM   607  C CD1 . PHE A 1 124 ? -4.836  5.796   1.819   1.00 20.04 ? 124 PHE A CD1 1 
ATOM   608  C CD2 . PHE A 1 124 ? -4.566  5.179   -0.480  1.00 19.37 ? 124 PHE A CD2 1 
ATOM   609  C CE1 . PHE A 1 124 ? -6.190  6.009   1.607   1.00 19.95 ? 124 PHE A CE1 1 
ATOM   610  C CE2 . PHE A 1 124 ? -5.923  5.393   -0.698  1.00 20.28 ? 124 PHE A CE2 1 
ATOM   611  C CZ  . PHE A 1 124 ? -6.733  5.811   0.349   1.00 20.49 ? 124 PHE A CZ  1 
ATOM   612  N N   . VAL A 1 125 ? 0.644   5.875   1.159   1.00 17.77 ? 125 VAL A N   1 
ATOM   613  C CA  . VAL A 1 125 ? 1.882   5.920   1.927   1.00 18.12 ? 125 VAL A CA  1 
ATOM   614  C C   . VAL A 1 125 ? 2.405   7.355   2.032   1.00 19.04 ? 125 VAL A C   1 
ATOM   615  O O   . VAL A 1 125 ? 2.704   7.841   3.129   1.00 19.36 ? 125 VAL A O   1 
ATOM   616  C CB  . VAL A 1 125 ? 2.972   5.003   1.331   1.00 17.52 ? 125 VAL A CB  1 
ATOM   617  C CG1 . VAL A 1 125 ? 4.291   5.181   2.073   1.00 17.71 ? 125 VAL A CG1 1 
ATOM   618  C CG2 . VAL A 1 125 ? 2.536   3.544   1.386   1.00 17.45 ? 125 VAL A CG2 1 
ATOM   619  N N   . SER A 1 126 ? 2.515   8.022   0.884   1.00 19.98 ? 126 SER A N   1 
ATOM   620  C CA  . SER A 1 126 ? 3.056   9.382   0.818   1.00 20.63 ? 126 SER A CA  1 
ATOM   621  C C   . SER A 1 126 ? 2.207   10.415  1.559   1.00 20.65 ? 126 SER A C   1 
ATOM   622  O O   . SER A 1 126 ? 2.736   11.400  2.081   1.00 21.45 ? 126 SER A O   1 
ATOM   623  C CB  . SER A 1 126 ? 3.246   9.800   -0.642  1.00 21.42 ? 126 SER A CB  1 
ATOM   624  O OG  . SER A 1 126 ? 4.205   8.960   -1.263  1.00 24.42 ? 126 SER A OG  1 
ATOM   625  N N   . SER A 1 127 ? 0.900   10.180  1.609   1.00 20.25 ? 127 SER A N   1 
ATOM   626  C CA  . SER A 1 127 ? -0.036  11.103  2.248   1.00 20.11 ? 127 SER A CA  1 
ATOM   627  C C   . SER A 1 127 ? -0.253  10.794  3.725   1.00 20.11 ? 127 SER A C   1 
ATOM   628  O O   . SER A 1 127 ? -0.957  11.537  4.411   1.00 20.73 ? 127 SER A O   1 
ATOM   629  C CB  . SER A 1 127 ? -1.377  11.118  1.499   1.00 20.88 ? 127 SER A CB  1 
ATOM   630  O OG  . SER A 1 127 ? -2.046  9.865   1.591   1.00 20.02 ? 127 SER A OG  1 
ATOM   631  N N   . SER A 1 128 ? 0.343   9.712   4.225   1.00 20.10 ? 128 SER A N   1 
ATOM   632  C CA  . SER A 1 128 ? 0.206   9.390   5.646   1.00 20.70 ? 128 SER A CA  1 
ATOM   633  C C   . SER A 1 128 ? 0.995   10.406  6.453   1.00 21.74 ? 128 SER A C   1 
ATOM   634  O O   . SER A 1 128 ? 1.988   10.936  5.966   1.00 22.00 ? 128 SER A O   1 
ATOM   635  C CB  . SER A 1 128 ? 0.695   7.975   5.965   1.00 20.17 ? 128 SER A CB  1 
ATOM   636  O OG  . SER A 1 128 ? 2.090   7.838   5.780   1.00 20.20 ? 128 SER A OG  1 
ATOM   637  N N   . PRO A 1 129 ? 0.548   10.692  7.684   1.00 23.10 ? 129 PRO A N   1 
ATOM   638  C CA  . PRO A 1 129 ? 1.295   11.616  8.544   1.00 24.66 ? 129 PRO A CA  1 
ATOM   639  C C   . PRO A 1 129 ? 2.642   11.028  8.963   1.00 25.12 ? 129 PRO A C   1 
ATOM   640  O O   . PRO A 1 129 ? 2.690   9.900   9.448   1.00 25.34 ? 129 PRO A O   1 
ATOM   641  C CB  . PRO A 1 129 ? 0.391   11.774  9.773   1.00 24.89 ? 129 PRO A CB  1 
ATOM   642  C CG  . PRO A 1 129 ? -0.950  11.267  9.364   1.00 25.18 ? 129 PRO A CG  1 
ATOM   643  C CD  . PRO A 1 129 ? -0.707  10.235  8.308   1.00 23.75 ? 129 PRO A CD  1 
ATOM   644  N N   . SER A 1 130 ? 3.721   11.787  8.770   1.00 26.64 ? 130 SER A N   1 
ATOM   645  C CA  . SER A 1 130 ? 5.067   11.345  9.148   1.00 27.43 ? 130 SER A CA  1 
ATOM   646  C C   . SER A 1 130 ? 5.237   11.286  10.664  1.00 28.18 ? 130 SER A C   1 
ATOM   647  O O   . SER A 1 130 ? 4.598   12.039  11.393  1.00 28.64 ? 130 SER A O   1 
ATOM   648  C CB  . SER A 1 130 ? 6.127   12.289  8.578   1.00 28.01 ? 130 SER A CB  1 
ATOM   649  O OG  . SER A 1 130 ? 6.260   12.154  7.174   1.00 28.36 ? 130 SER A OG  1 
ATOM   650  N N   . ASN A 1 131 ? 6.108   10.393  11.125  1.00 28.83 ? 131 ASN A N   1 
ATOM   651  C CA  . ASN A 1 131 ? 6.411   10.268  12.553  1.00 29.35 ? 131 ASN A CA  1 
ATOM   652  C C   . ASN A 1 131 ? 5.146   10.177  13.405  1.00 29.03 ? 131 ASN A C   1 
ATOM   653  O O   . ASN A 1 131 ? 5.039   10.833  14.443  1.00 29.16 ? 131 ASN A O   1 
ATOM   654  C CB  . ASN A 1 131 ? 7.293   11.434  13.028  1.00 30.28 ? 131 ASN A CB  1 
ATOM   655  C CG  . ASN A 1 131 ? 8.562   11.580  12.211  1.00 31.15 ? 131 ASN A CG  1 
ATOM   656  O OD1 . ASN A 1 131 ? 9.429   10.704  12.222  1.00 32.71 ? 131 ASN A OD1 1 
ATOM   657  N ND2 . ASN A 1 131 ? 8.681   12.696  11.500  1.00 31.19 ? 131 ASN A ND2 1 
ATOM   658  N N   . ASP A 1 132 ? 4.179   9.391   12.933  1.00 28.11 ? 132 ASP A N   1 
ATOM   659  C CA  . ASP A 1 132 ? 2.983   9.088   13.703  1.00 27.52 ? 132 ASP A CA  1 
ATOM   660  C C   . ASP A 1 132 ? 2.856   7.578   13.804  1.00 26.69 ? 132 ASP A C   1 
ATOM   661  O O   . ASP A 1 132 ? 2.631   6.902   12.801  1.00 25.12 ? 132 ASP A O   1 
ATOM   662  C CB  . ASP A 1 132 ? 1.725   9.677   13.067  1.00 28.29 ? 132 ASP A CB  1 
ATOM   663  C CG  . ASP A 1 132 ? 0.471   9.336   13.857  1.00 29.90 ? 132 ASP A CG  1 
ATOM   664  O OD1 . ASP A 1 132 ? 0.354   9.792   15.019  1.00 32.21 ? 132 ASP A OD1 1 
ATOM   665  O OD2 . ASP A 1 132 ? -0.394  8.606   13.333  1.00 29.63 ? 132 ASP A OD2 1 
ATOM   666  N N   . PRO A 1 133 ? 3.002   7.043   15.022  1.00 25.47 ? 133 PRO A N   1 
ATOM   667  C CA  . PRO A 1 133 ? 3.091   5.602   15.231  1.00 25.04 ? 133 PRO A CA  1 
ATOM   668  C C   . PRO A 1 133 ? 1.871   4.840   14.712  1.00 23.77 ? 133 PRO A C   1 
ATOM   669  O O   . PRO A 1 133 ? 2.028   3.762   14.141  1.00 23.23 ? 133 PRO A O   1 
ATOM   670  C CB  . PRO A 1 133 ? 3.207   5.475   16.754  1.00 25.42 ? 133 PRO A CB  1 
ATOM   671  C CG  . PRO A 1 133 ? 3.765   6.781   17.196  1.00 26.14 ? 133 PRO A CG  1 
ATOM   672  C CD  . PRO A 1 133 ? 3.165   7.797   16.280  1.00 26.58 ? 133 PRO A CD  1 
ATOM   673  N N   . ALA A 1 134 ? 0.681   5.402   14.896  1.00 23.53 ? 134 ALA A N   1 
ATOM   674  C CA  . ALA A 1 134 ? -0.550  4.739   14.477  1.00 23.38 ? 134 ALA A CA  1 
ATOM   675  C C   . ALA A 1 134 ? -0.624  4.654   12.957  1.00 22.47 ? 134 ALA A C   1 
ATOM   676  O O   . ALA A 1 134 ? -0.994  3.611   12.411  1.00 22.16 ? 134 ALA A O   1 
ATOM   677  C CB  . ALA A 1 134 ? -1.770  5.455   15.041  1.00 23.70 ? 134 ALA A CB  1 
ATOM   678  N N   . ALA A 1 135 ? -0.255  5.744   12.285  1.00 22.18 ? 135 ALA A N   1 
ATOM   679  C CA  . ALA A 1 135 ? -0.240  5.771   10.816  1.00 21.63 ? 135 ALA A CA  1 
ATOM   680  C C   . ALA A 1 135 ? 0.840   4.836   10.258  1.00 21.17 ? 135 ALA A C   1 
ATOM   681  O O   . ALA A 1 135 ? 0.607   4.127   9.269   1.00 20.15 ? 135 ALA A O   1 
ATOM   682  C CB  . ALA A 1 135 ? -0.067  7.194   10.292  1.00 21.57 ? 135 ALA A CB  1 
ATOM   683  N N   . ALA A 1 136 ? 2.004   4.815   10.907  1.00 20.79 ? 136 ALA A N   1 
ATOM   684  C CA  . ALA A 1 136 ? 3.089   3.911   10.525  1.00 20.10 ? 136 ALA A CA  1 
ATOM   685  C C   . ALA A 1 136 ? 2.633   2.455   10.595  1.00 20.07 ? 136 ALA A C   1 
ATOM   686  O O   . ALA A 1 136 ? 2.889   1.658   9.687   1.00 19.52 ? 136 ALA A O   1 
ATOM   687  C CB  . ALA A 1 136 ? 4.303   4.140   11.415  1.00 21.34 ? 136 ALA A CB  1 
ATOM   688  N N   . ALA A 1 137 ? 1.944   2.119   11.682  1.00 19.93 ? 137 ALA A N   1 
ATOM   689  C CA  . ALA A 1 137 ? 1.414   0.780   11.878  1.00 19.82 ? 137 ALA A CA  1 
ATOM   690  C C   . ALA A 1 137 ? 0.396   0.443   10.801  1.00 19.27 ? 137 ALA A C   1 
ATOM   691  O O   . ALA A 1 137 ? 0.375   -0.683  10.298  1.00 19.76 ? 137 ALA A O   1 
ATOM   692  C CB  . ALA A 1 137 ? 0.771   0.663   13.253  1.00 20.26 ? 137 ALA A CB  1 
ATOM   693  N N   . ALA A 1 138 ? -0.447  1.415   10.461  1.00 19.02 ? 138 ALA A N   1 
ATOM   694  C CA  . ALA A 1 138 ? -1.474  1.203   9.442   1.00 18.19 ? 138 ALA A CA  1 
ATOM   695  C C   . ALA A 1 138 ? -0.851  1.021   8.055   1.00 18.15 ? 138 ALA A C   1 
ATOM   696  O O   . ALA A 1 138 ? -1.345  0.226   7.253   1.00 17.60 ? 138 ALA A O   1 
ATOM   697  C CB  . ALA A 1 138 ? -2.490  2.338   9.447   1.00 18.93 ? 138 ALA A CB  1 
ATOM   698  N N   . VAL A 1 139 ? 0.226   1.756   7.778   1.00 17.54 ? 139 VAL A N   1 
ATOM   699  C CA  . VAL A 1 139 ? 0.935   1.598   6.504   1.00 17.16 ? 139 VAL A CA  1 
ATOM   700  C C   . VAL A 1 139 ? 1.604   0.220   6.430   1.00 17.52 ? 139 VAL A C   1 
ATOM   701  O O   . VAL A 1 139 ? 1.533   -0.453  5.401   1.00 17.43 ? 139 VAL A O   1 
ATOM   702  C CB  . VAL A 1 139 ? 1.972   2.715   6.257   1.00 17.02 ? 139 VAL A CB  1 
ATOM   703  C CG1 . VAL A 1 139 ? 2.895   2.348   5.104   1.00 16.96 ? 139 VAL A CG1 1 
ATOM   704  C CG2 . VAL A 1 139 ? 1.278   4.035   5.963   1.00 18.04 ? 139 VAL A CG2 1 
ATOM   705  N N   . ASP A 1 140 ? 2.254   -0.211  7.511   1.00 17.83 ? 140 ASP A N   1 
ATOM   706  C CA  . ASP A 1 140 ? 2.884   -1.535  7.512   1.00 18.39 ? 140 ASP A CA  1 
ATOM   707  C C   . ASP A 1 140 ? 1.850   -2.628  7.264   1.00 18.49 ? 140 ASP A C   1 
ATOM   708  O O   . ASP A 1 140 ? 2.118   -3.594  6.539   1.00 18.45 ? 140 ASP A O   1 
ATOM   709  C CB  . ASP A 1 140 ? 3.608   -1.818  8.832   1.00 19.50 ? 140 ASP A CB  1 
ATOM   710  C CG  . ASP A 1 140 ? 4.805   -0.923  9.058   1.00 20.16 ? 140 ASP A CG  1 
ATOM   711  O OD1 . ASP A 1 140 ? 5.215   -0.175  8.144   1.00 19.71 ? 140 ASP A OD1 1 
ATOM   712  O OD2 . ASP A 1 140 ? 5.335   -0.971  10.188  1.00 21.13 ? 140 ASP A OD2 1 
ATOM   713  N N   . ALA A 1 141 ? 0.679   -2.469  7.881   1.00 18.26 ? 141 ALA A N   1 
ATOM   714  C CA  . ALA A 1 141 ? -0.412  -3.421  7.725   1.00 18.17 ? 141 ALA A CA  1 
ATOM   715  C C   . ALA A 1 141 ? -0.947  -3.430  6.293   1.00 18.18 ? 141 ALA A C   1 
ATOM   716  O O   . ALA A 1 141 ? -1.259  -4.495  5.759   1.00 18.38 ? 141 ALA A O   1 
ATOM   717  C CB  . ALA A 1 141 ? -1.530  -3.139  8.726   1.00 18.09 ? 141 ALA A CB  1 
ATOM   718  N N   . LEU A 1 142 ? -1.030  -2.255  5.673   1.00 17.92 ? 142 LEU A N   1 
ATOM   719  C CA  . LEU A 1 142 ? -1.472  -2.160  4.281   1.00 17.60 ? 142 LEU A CA  1 
ATOM   720  C C   . LEU A 1 142 ? -0.526  -2.929  3.357   1.00 17.70 ? 142 LEU A C   1 
ATOM   721  O O   . LEU A 1 142 ? -0.974  -3.602  2.420   1.00 17.82 ? 142 LEU A O   1 
ATOM   722  C CB  . LEU A 1 142 ? -1.584  -0.694  3.848   1.00 17.47 ? 142 LEU A CB  1 
ATOM   723  C CG  . LEU A 1 142 ? -1.964  -0.432  2.382   1.00 18.01 ? 142 LEU A CG  1 
ATOM   724  C CD1 . LEU A 1 142 ? -3.327  -1.032  2.057   1.00 18.10 ? 142 LEU A CD1 1 
ATOM   725  C CD2 . LEU A 1 142 ? -1.929  1.057   2.080   1.00 18.49 ? 142 LEU A CD2 1 
ATOM   726  N N   . VAL A 1 143 ? 0.775   -2.842  3.634   1.00 17.62 ? 143 VAL A N   1 
ATOM   727  C CA  . VAL A 1 143 ? 1.770   -3.554  2.836   1.00 18.01 ? 143 VAL A CA  1 
ATOM   728  C C   . VAL A 1 143 ? 1.637   -5.069  3.004   1.00 18.48 ? 143 VAL A C   1 
ATOM   729  O O   . VAL A 1 143 ? 1.706   -5.808  2.024   1.00 18.60 ? 143 VAL A O   1 
ATOM   730  C CB  . VAL A 1 143 ? 3.204   -3.063  3.114   1.00 18.80 ? 143 VAL A CB  1 
ATOM   731  C CG1 . VAL A 1 143 ? 4.227   -4.000  2.495   1.00 19.27 ? 143 VAL A CG1 1 
ATOM   732  C CG2 . VAL A 1 143 ? 3.378   -1.657  2.564   1.00 18.85 ? 143 VAL A CG2 1 
ATOM   733  N N   . GLU A 1 144 ? 1.420   -5.527  4.235   1.00 19.14 ? 144 GLU A N   1 
ATOM   734  C CA  . GLU A 1 144 ? 1.137   -6.946  4.455   1.00 19.97 ? 144 GLU A CA  1 
ATOM   735  C C   . GLU A 1 144 ? -0.106  -7.393  3.689   1.00 19.88 ? 144 GLU A C   1 
ATOM   736  O O   . GLU A 1 144 ? -0.117  -8.484  3.122   1.00 20.30 ? 144 GLU A O   1 
ATOM   737  C CB  . GLU A 1 144 ? 0.986   -7.261  5.944   1.00 21.20 ? 144 GLU A CB  1 
ATOM   738  C CG  . GLU A 1 144 ? 2.271   -7.091  6.735   1.00 22.55 ? 144 GLU A CG  1 
ATOM   739  C CD  . GLU A 1 144 ? 3.402   -7.953  6.218   1.00 23.61 ? 144 GLU A CD  1 
ATOM   740  O OE1 . GLU A 1 144 ? 3.217   -9.185  6.108   1.00 25.97 ? 144 GLU A OE1 1 
ATOM   741  O OE2 . GLU A 1 144 ? 4.484   -7.403  5.927   1.00 24.35 ? 144 GLU A OE2 1 
ATOM   742  N N   . ALA A 1 145 ? -1.133  -6.541  3.656   1.00 19.48 ? 145 ALA A N   1 
ATOM   743  C CA  . ALA A 1 145 ? -2.384  -6.854  2.960   1.00 19.36 ? 145 ALA A CA  1 
ATOM   744  C C   . ALA A 1 145 ? -2.180  -6.941  1.449   1.00 20.05 ? 145 ALA A C   1 
ATOM   745  O O   . ALA A 1 145 ? -2.784  -7.785  0.788   1.00 21.02 ? 145 ALA A O   1 
ATOM   746  C CB  . ALA A 1 145 ? -3.473  -5.842  3.308   1.00 19.25 ? 145 ALA A CB  1 
ATOM   747  N N   . PHE A 1 146 ? -1.323  -6.076  0.920   1.00 19.37 ? 146 PHE A N   1 
ATOM   748  C CA  . PHE A 1 146 ? -0.988  -6.081  -0.495  1.00 19.97 ? 146 PHE A CA  1 
ATOM   749  C C   . PHE A 1 146 ? -0.270  -7.378  -0.852  1.00 20.50 ? 146 PHE A C   1 
ATOM   750  O O   . PHE A 1 146 ? -0.625  -8.040  -1.823  1.00 20.98 ? 146 PHE A O   1 
ATOM   751  C CB  . PHE A 1 146 ? -0.122  -4.864  -0.833  1.00 20.20 ? 146 PHE A CB  1 
ATOM   752  C CG  . PHE A 1 146 ? 0.520   -4.917  -2.196  1.00 20.24 ? 146 PHE A CG  1 
ATOM   753  C CD1 . PHE A 1 146 ? -0.234  -5.185  -3.338  1.00 20.43 ? 146 PHE A CD1 1 
ATOM   754  C CD2 . PHE A 1 146 ? 1.879   -4.662  -2.342  1.00 20.74 ? 146 PHE A CD2 1 
ATOM   755  C CE1 . PHE A 1 146 ? 0.359   -5.217  -4.593  1.00 20.82 ? 146 PHE A CE1 1 
ATOM   756  C CE2 . PHE A 1 146 ? 2.480   -4.684  -3.594  1.00 21.01 ? 146 PHE A CE2 1 
ATOM   757  C CZ  . PHE A 1 146 ? 1.719   -4.966  -4.721  1.00 21.35 ? 146 PHE A CZ  1 
ATOM   758  N N   . ILE A 1 147 ? 0.728   -7.745  -0.056  1.00 21.03 ? 147 ILE A N   1 
ATOM   759  C CA  . ILE A 1 147 ? 1.495   -8.958  -0.340  1.00 21.92 ? 147 ILE A CA  1 
ATOM   760  C C   . ILE A 1 147 ? 0.579   -10.180 -0.289  1.00 22.73 ? 147 ILE A C   1 
ATOM   761  O O   . ILE A 1 147 ? 0.624   -11.033 -1.179  1.00 23.47 ? 147 ILE A O   1 
ATOM   762  C CB  . ILE A 1 147 ? 2.720   -9.102  0.591   1.00 22.20 ? 147 ILE A CB  1 
ATOM   763  C CG1 . ILE A 1 147 ? 3.718   -7.976  0.307   1.00 22.46 ? 147 ILE A CG1 1 
ATOM   764  C CG2 . ILE A 1 147 ? 3.397   -10.456 0.401   1.00 23.39 ? 147 ILE A CG2 1 
ATOM   765  C CD1 . ILE A 1 147 ? 4.835   -7.854  1.323   1.00 23.14 ? 147 ILE A CD1 1 
ATOM   766  N N   . GLU A 1 148 ? -0.271  -10.231 0.735   1.00 23.46 ? 148 GLU A N   1 
ATOM   767  C CA  . GLU A 1 148 ? -1.218  -11.334 0.900   1.00 25.08 ? 148 GLU A CA  1 
ATOM   768  C C   . GLU A 1 148 ? -2.221  -11.409 -0.252  1.00 24.88 ? 148 GLU A C   1 
ATOM   769  O O   . GLU A 1 148 ? -2.435  -12.486 -0.818  1.00 26.14 ? 148 GLU A O   1 
ATOM   770  C CB  . GLU A 1 148 ? -1.942  -11.253 2.248   1.00 27.31 ? 148 GLU A CB  1 
ATOM   771  C CG  . GLU A 1 148 ? -3.125  -12.212 2.361   1.00 30.70 ? 148 GLU A CG  1 
ATOM   772  C CD  . GLU A 1 148 ? -3.380  -12.708 3.776   1.00 34.39 ? 148 GLU A CD  1 
ATOM   773  O OE1 . GLU A 1 148 ? -2.692  -12.256 4.715   1.00 36.45 ? 148 GLU A OE1 1 
ATOM   774  O OE2 . GLU A 1 148 ? -4.274  -13.570 3.946   1.00 36.95 ? 148 GLU A OE2 1 
ATOM   775  N N   . GLU A 1 149 ? -2.828  -10.280 -0.613  1.00 23.67 ? 149 GLU A N   1 
ATOM   776  C CA  . GLU A 1 149 ? -3.822  -10.303 -1.686  1.00 23.96 ? 149 GLU A CA  1 
ATOM   777  C C   . GLU A 1 149 ? -3.229  -10.776 -3.016  1.00 24.48 ? 149 GLU A C   1 
ATOM   778  O O   . GLU A 1 149 ? -3.933  -11.352 -3.839  1.00 25.16 ? 149 GLU A O   1 
ATOM   779  C CB  . GLU A 1 149 ? -4.546  -8.957  -1.838  1.00 23.06 ? 149 GLU A CB  1 
ATOM   780  C CG  . GLU A 1 149 ? -3.728  -7.851  -2.486  1.00 22.45 ? 149 GLU A CG  1 
ATOM   781  C CD  . GLU A 1 149 ? -4.327  -6.466  -2.301  1.00 22.25 ? 149 GLU A CD  1 
ATOM   782  O OE1 . GLU A 1 149 ? -5.439  -6.347  -1.749  1.00 21.97 ? 149 GLU A OE1 1 
ATOM   783  O OE2 . GLU A 1 149 ? -3.680  -5.491  -2.724  1.00 22.67 ? 149 GLU A OE2 1 
ATOM   784  N N   . LYS A 1 150 ? -1.933  -10.555 -3.217  1.00 25.42 ? 150 LYS A N   1 
ATOM   785  C CA  . LYS A 1 150 ? -1.265  -11.034 -4.421  1.00 27.07 ? 150 LYS A CA  1 
ATOM   786  C C   . LYS A 1 150 ? -0.960  -12.522 -4.315  1.00 28.09 ? 150 LYS A C   1 
ATOM   787  O O   . LYS A 1 150 ? -1.306  -13.298 -5.202  1.00 28.62 ? 150 LYS A O   1 
ATOM   788  C CB  . LYS A 1 150 ? 0.029   -10.258 -4.668  1.00 27.67 ? 150 LYS A CB  1 
ATOM   789  C CG  . LYS A 1 150 ? -0.159  -8.763  -4.843  1.00 29.11 ? 150 LYS A CG  1 
ATOM   790  C CD  . LYS A 1 150 ? -0.771  -8.413  -6.190  1.00 30.46 ? 150 LYS A CD  1 
ATOM   791  C CE  . LYS A 1 150 ? 0.197   -8.716  -7.324  1.00 31.63 ? 150 LYS A CE  1 
ATOM   792  N NZ  . LYS A 1 150 ? -0.309  -8.201  -8.625  1.00 33.64 ? 150 LYS A NZ  1 
ATOM   793  N N   . GLU A 1 151 ? -0.321  -12.916 -3.219  1.00 28.61 ? 151 GLU A N   1 
ATOM   794  C CA  . GLU A 1 151 ? 0.191   -14.278 -3.084  1.00 30.40 ? 151 GLU A CA  1 
ATOM   795  C C   . GLU A 1 151 ? -0.900  -15.320 -2.857  1.00 31.61 ? 151 GLU A C   1 
ATOM   796  O O   . GLU A 1 151 ? -0.779  -16.458 -3.311  1.00 31.81 ? 151 GLU A O   1 
ATOM   797  C CB  . GLU A 1 151 ? 1.253   -14.343 -1.987  1.00 31.50 ? 151 GLU A CB  1 
ATOM   798  C CG  . GLU A 1 151 ? 2.477   -13.503 -2.304  1.00 32.58 ? 151 GLU A CG  1 
ATOM   799  C CD  . GLU A 1 151 ? 3.611   -13.712 -1.324  1.00 33.51 ? 151 GLU A CD  1 
ATOM   800  O OE1 . GLU A 1 151 ? 4.762   -13.389 -1.687  1.00 35.22 ? 151 GLU A OE1 1 
ATOM   801  O OE2 . GLU A 1 151 ? 3.359   -14.193 -0.199  1.00 35.34 ? 151 GLU A OE2 1 
ATOM   802  N N   . ARG A 1 152 ? -1.967  -14.927 -2.172  1.00 32.41 ? 152 ARG A N   1 
ATOM   803  C CA  . ARG A 1 152 ? -3.096  -15.823 -1.936  1.00 33.81 ? 152 ARG A CA  1 
ATOM   804  C C   . ARG A 1 152 ? -4.230  -15.584 -2.942  1.00 33.43 ? 152 ARG A C   1 
ATOM   805  O O   . ARG A 1 152 ? -5.314  -16.155 -2.810  1.00 33.98 ? 152 ARG A O   1 
ATOM   806  C CB  . ARG A 1 152 ? -3.600  -15.676 -0.496  1.00 36.16 ? 152 ARG A CB  1 
ATOM   807  C CG  . ARG A 1 152 ? -2.528  -15.862 0.569   1.00 39.00 ? 152 ARG A CG  1 
ATOM   808  C CD  . ARG A 1 152 ? -3.100  -15.658 1.967   1.00 41.84 ? 152 ARG A CD  1 
ATOM   809  N NE  . ARG A 1 152 ? -4.563  -15.739 1.979   1.00 44.84 ? 152 ARG A NE  1 
ATOM   810  C CZ  . ARG A 1 152 ? -5.271  -16.688 2.587   1.00 46.17 ? 152 ARG A CZ  1 
ATOM   811  N NH1 . ARG A 1 152 ? -4.663  -17.653 3.265   1.00 48.11 ? 152 ARG A NH1 1 
ATOM   812  N NH2 . ARG A 1 152 ? -6.596  -16.667 2.526   1.00 47.59 ? 152 ARG A NH2 1 
ATOM   813  N N   . GLY A 1 153 ? -3.968  -14.745 -3.946  1.00 32.25 ? 153 GLY A N   1 
ATOM   814  C CA  . GLY A 1 153 ? -4.938  -14.445 -5.000  1.00 32.53 ? 153 GLY A CA  1 
ATOM   815  C C   . GLY A 1 153 ? -5.035  -15.569 -6.013  1.00 33.13 ? 153 GLY A C   1 
ATOM   816  O O   . GLY A 1 153 ? -4.354  -16.586 -5.878  1.00 33.26 ? 153 GLY A O   1 
ATOM   817  N N   . ALA A 1 154 ? -5.867  -15.371 -7.035  1.00 33.20 ? 154 ALA A N   1 
ATOM   818  C CA  . ALA A 1 154 ? -6.208  -16.416 -8.009  1.00 34.66 ? 154 ALA A CA  1 
ATOM   819  C C   . ALA A 1 154 ? -4.982  -16.904 -8.758  1.00 35.69 ? 154 ALA A C   1 
ATOM   820  O O   . ALA A 1 154 ? -4.884  -18.076 -9.133  1.00 34.84 ? 154 ALA A O   1 
ATOM   821  C CB  . ALA A 1 154 ? -7.249  -15.900 -8.983  1.00 34.13 ? 154 ALA A CB  1 
ATOM   822  N N   . ALA A 1 155 ? -4.043  -15.993 -8.964  1.00 36.83 ? 155 ALA A N   1 
ATOM   823  C CA  . ALA A 1 155 ? -2.828  -16.321 -9.673  1.00 38.66 ? 155 ALA A CA  1 
ATOM   824  C C   . ALA A 1 155 ? -1.812  -16.978 -8.759  1.00 40.31 ? 155 ALA A C   1 
ATOM   825  O O   . ALA A 1 155 ? -0.753  -17.392 -9.211  1.00 41.06 ? 155 ALA A O   1 
ATOM   826  C CB  . ALA A 1 155 ? -2.237  -15.074 -10.306 1.00 38.30 ? 155 ALA A CB  1 
ATOM   827  N N   . GLY A 1 156 ? -2.137  -17.062 -7.474  1.00 42.13 ? 156 GLY A N   1 
ATOM   828  C CA  . GLY A 1 156 ? -1.207  -17.568 -6.467  1.00 44.66 ? 156 GLY A CA  1 
ATOM   829  C C   . GLY A 1 156 ? -0.611  -18.956 -6.617  1.00 47.34 ? 156 GLY A C   1 
ATOM   830  O O   . GLY A 1 156 ? 0.470   -19.222 -6.084  1.00 47.57 ? 156 GLY A O   1 
ATOM   831  N N   . GLY A 1 157 ? -1.311  -19.845 -7.318  1.00 49.43 ? 157 GLY A N   1 
ATOM   832  C CA  . GLY A 1 157 ? -0.832  -21.201 -7.535  1.00 52.74 ? 157 GLY A CA  1 
ATOM   833  C C   . GLY A 1 157 ? 0.186   -21.102 -8.638  1.00 55.86 ? 157 GLY A C   1 
ATOM   834  O O   . GLY A 1 157 ? 0.483   -20.003 -9.095  1.00 55.50 ? 157 GLY A O   1 
ATOM   835  N N   . SER A 1 158 ? 0.714   -22.245 -9.058  1.00 59.17 ? 158 SER A N   1 
ATOM   836  C CA  . SER A 1 158 ? 1.746   -22.313 -10.109 1.00 61.72 ? 158 SER A CA  1 
ATOM   837  C C   . SER A 1 158 ? 1.352   -21.727 -11.429 1.00 62.85 ? 158 SER A C   1 
ATOM   838  O O   . SER A 1 158 ? 0.190   -21.779 -11.791 1.00 63.30 ? 158 SER A O   1 
ATOM   839  C CB  . SER A 1 158 ? 2.019   -23.743 -10.498 1.00 63.48 ? 158 SER A CB  1 
ATOM   840  O OG  . SER A 1 158 ? 2.210   -24.574 -9.384  1.00 65.06 ? 158 SER A OG  1 
ATOM   841  N N   . SER A 1 159 ? 2.357   -21.351 -12.229 1.00 63.20 ? 159 SER A N   1 
ATOM   842  C CA  . SER A 1 159 ? 3.772   -21.643 -11.909 1.00 62.79 ? 159 SER A CA  1 
ATOM   843  C C   . SER A 1 159 ? 4.882   -20.575 -12.128 1.00 62.30 ? 159 SER A C   1 
ATOM   844  O O   . SER A 1 159 ? 6.000   -20.704 -11.589 1.00 63.69 ? 159 SER A O   1 
ATOM   845  C CB  . SER A 1 159 ? 4.046   -22.880 -12.705 1.00 63.22 ? 159 SER A CB  1 
ATOM   846  O OG  . SER A 1 159 ? 3.191   -22.779 -13.825 1.00 63.16 ? 159 SER A OG  1 
ATOM   847  N N   . GLU A 1 160 ? 4.581   -19.549 -12.921 1.00 60.83 ? 160 GLU A N   1 
ATOM   848  C CA  . GLU A 1 160 ? 5.436   -18.392 -13.077 1.00 59.14 ? 160 GLU A CA  1 
ATOM   849  C C   . GLU A 1 160 ? 5.490   -17.622 -11.763 1.00 57.02 ? 160 GLU A C   1 
ATOM   850  O O   . GLU A 1 160 ? 6.550   -17.153 -11.331 1.00 57.21 ? 160 GLU A O   1 
ATOM   851  C CB  . GLU A 1 160 ? 4.832   -17.496 -14.147 1.00 60.49 ? 160 GLU A CB  1 
ATOM   852  C CG  . GLU A 1 160 ? 5.793   -17.077 -15.244 1.00 61.55 ? 160 GLU A CG  1 
ATOM   853  C CD  . GLU A 1 160 ? 5.125   -16.252 -16.332 1.00 62.66 ? 160 GLU A CD  1 
ATOM   854  O OE1 . GLU A 1 160 ? 3.903   -16.408 -16.555 1.00 64.05 ? 160 GLU A OE1 1 
ATOM   855  O OE2 . GLU A 1 160 ? 5.829   -15.443 -16.974 1.00 62.77 ? 160 GLU A OE2 1 
ATOM   856  N N   . GLY A 1 161 ? 4.330   -17.507 -11.131 1.00 54.31 ? 161 GLY A N   1 
ATOM   857  C CA  . GLY A 1 161 ? 4.218   -16.813 -9.861  1.00 50.10 ? 161 GLY A CA  1 
ATOM   858  C C   . GLY A 1 161 ? 3.471   -15.499 -9.963  1.00 47.00 ? 161 GLY A C   1 
ATOM   859  O O   . GLY A 1 161 ? 3.297   -14.947 -11.050 1.00 47.42 ? 161 GLY A O   1 
ATOM   860  N N   . VAL A 1 162 ? 3.046   -14.986 -8.818  1.00 43.60 ? 162 VAL A N   1 
ATOM   861  C CA  . VAL A 1 162 ? 2.195   -13.813 -8.799  1.00 41.43 ? 162 VAL A CA  1 
ATOM   862  C C   . VAL A 1 162 ? 2.916   -12.547 -9.225  1.00 40.44 ? 162 VAL A C   1 
ATOM   863  O O   . VAL A 1 162 ? 2.272   -11.577 -9.600  1.00 41.23 ? 162 VAL A O   1 
ATOM   864  C CB  . VAL A 1 162 ? 1.589   -13.581 -7.405  1.00 40.33 ? 162 VAL A CB  1 
ATOM   865  C CG1 . VAL A 1 162 ? 0.681   -14.737 -7.026  1.00 40.25 ? 162 VAL A CG1 1 
ATOM   866  C CG2 . VAL A 1 162 ? 2.686   -13.400 -6.366  1.00 38.90 ? 162 VAL A CG2 1 
ATOM   867  N N   . TRP A 1 163 ? 4.242   -12.557 -9.171  1.00 39.71 ? 163 TRP A N   1 
ATOM   868  C CA  . TRP A 1 163 ? 5.001   -11.321 -9.272  1.00 38.86 ? 163 TRP A CA  1 
ATOM   869  C C   . TRP A 1 163 ? 5.728   -11.100 -10.561 1.00 40.38 ? 163 TRP A C   1 
ATOM   870  O O   . TRP A 1 163 ? 6.107   -9.973  -10.856 1.00 40.40 ? 163 TRP A O   1 
ATOM   871  C CB  . TRP A 1 163 ? 6.015   -11.242 -8.152  1.00 36.40 ? 163 TRP A CB  1 
ATOM   872  C CG  . TRP A 1 163 ? 5.446   -11.188 -6.768  1.00 33.85 ? 163 TRP A CG  1 
ATOM   873  C CD1 . TRP A 1 163 ? 5.461   -12.185 -5.813  1.00 33.30 ? 163 TRP A CD1 1 
ATOM   874  C CD2 . TRP A 1 163 ? 4.802   -10.056 -6.126  1.00 32.65 ? 163 TRP A CD2 1 
ATOM   875  N NE1 . TRP A 1 163 ? 4.875   -11.758 -4.657  1.00 32.77 ? 163 TRP A NE1 1 
ATOM   876  C CE2 . TRP A 1 163 ? 4.458   -10.495 -4.777  1.00 32.19 ? 163 TRP A CE2 1 
ATOM   877  C CE3 . TRP A 1 163 ? 4.481   -8.778  -6.517  1.00 31.64 ? 163 TRP A CE3 1 
ATOM   878  C CZ2 . TRP A 1 163 ? 3.815   -9.675  -3.880  1.00 31.12 ? 163 TRP A CZ2 1 
ATOM   879  C CZ3 . TRP A 1 163 ? 3.835   -7.953  -5.603  1.00 31.25 ? 163 TRP A CZ3 1 
ATOM   880  C CH2 . TRP A 1 163 ? 3.511   -8.394  -4.314  1.00 30.58 ? 163 TRP A CH2 1 
ATOM   881  N N   . VAL A 1 164 ? 5.952   -12.159 -11.333 1.00 42.34 ? 164 VAL A N   1 
ATOM   882  C CA  . VAL A 1 164 ? 6.744   -12.053 -12.568 1.00 43.14 ? 164 VAL A CA  1 
ATOM   883  C C   . VAL A 1 164 ? 6.186   -11.050 -13.591 1.00 43.00 ? 164 VAL A C   1 
ATOM   884  O O   . VAL A 1 164 ? 6.949   -10.427 -14.335 1.00 43.66 ? 164 VAL A O   1 
ATOM   885  C CB  . VAL A 1 164 ? 6.979   -13.440 -13.209 1.00 44.08 ? 164 VAL A CB  1 
ATOM   886  C CG1 . VAL A 1 164 ? 7.576   -13.321 -14.605 1.00 44.92 ? 164 VAL A CG1 1 
ATOM   887  C CG2 . VAL A 1 164 ? 7.893   -14.270 -12.323 1.00 44.35 ? 164 VAL A CG2 1 
ATOM   888  N N   . GLY A 1 165 ? 4.866   -10.886 -13.613 1.00 42.68 ? 165 GLY A N   1 
ATOM   889  C CA  . GLY A 1 165 ? 4.224   -9.950  -14.533 1.00 42.17 ? 165 GLY A CA  1 
ATOM   890  C C   . GLY A 1 165 ? 3.884   -8.594  -13.938 1.00 42.14 ? 165 GLY A C   1 
ATOM   891  O O   . GLY A 1 165 ? 3.180   -7.796  -14.564 1.00 42.69 ? 165 GLY A O   1 
ATOM   892  N N   . GLU A 1 166 ? 4.385   -8.323  -12.734 1.00 41.20 ? 166 GLU A N   1 
ATOM   893  C CA  . GLU A 1 166 ? 4.085   -7.076  -12.021 1.00 40.04 ? 166 GLU A CA  1 
ATOM   894  C C   . GLU A 1 166 ? 4.628   -5.828  -12.712 1.00 38.86 ? 166 GLU A C   1 
ATOM   895  O O   . GLU A 1 166 ? 5.743   -5.840  -13.235 1.00 39.37 ? 166 GLU A O   1 
ATOM   896  C CB  . GLU A 1 166 ? 4.632   -7.139  -10.591 1.00 40.37 ? 166 GLU A CB  1 
ATOM   897  C CG  . GLU A 1 166 ? 4.121   -6.032  -9.684  1.00 40.67 ? 166 GLU A CG  1 
ATOM   898  C CD  . GLU A 1 166 ? 2.638   -6.160  -9.387  1.00 41.24 ? 166 GLU A CD  1 
ATOM   899  O OE1 . GLU A 1 166 ? 2.109   -7.291  -9.446  1.00 40.58 ? 166 GLU A OE1 1 
ATOM   900  O OE2 . GLU A 1 166 ? 2.000   -5.128  -9.098  1.00 40.90 ? 166 GLU A OE2 1 
ATOM   901  N N   . ASP A 1 167 ? 3.839   -4.753  -12.696 1.00 36.78 ? 167 ASP A N   1 
ATOM   902  C CA  . ASP A 1 167 ? 4.276   -3.459  -13.218 1.00 35.02 ? 167 ASP A CA  1 
ATOM   903  C C   . ASP A 1 167 ? 5.383   -2.878  -12.331 1.00 33.77 ? 167 ASP A C   1 
ATOM   904  O O   . ASP A 1 167 ? 5.116   -2.264  -11.290 1.00 33.28 ? 167 ASP A O   1 
ATOM   905  C CB  . ASP A 1 167 ? 3.096   -2.486  -13.346 1.00 34.98 ? 167 ASP A CB  1 
ATOM   906  C CG  . ASP A 1 167 ? 3.493   -1.147  -13.962 1.00 34.37 ? 167 ASP A CG  1 
ATOM   907  O OD1 . ASP A 1 167 ? 4.648   -0.705  -13.784 1.00 34.60 ? 167 ASP A OD1 1 
ATOM   908  O OD2 . ASP A 1 167 ? 2.643   -0.520  -14.626 1.00 35.65 ? 167 ASP A OD2 1 
ATOM   909  N N   . VAL A 1 168 ? 6.625   -3.073  -12.769 1.00 32.32 ? 168 VAL A N   1 
ATOM   910  C CA  . VAL A 1 168 ? 7.807   -2.669  -12.008 1.00 31.41 ? 168 VAL A CA  1 
ATOM   911  C C   . VAL A 1 168 ? 7.807   -1.181  -11.666 1.00 29.93 ? 168 VAL A C   1 
ATOM   912  O O   . VAL A 1 168 ? 8.218   -0.797  -10.571 1.00 28.27 ? 168 VAL A O   1 
ATOM   913  C CB  . VAL A 1 168 ? 9.110   -3.057  -12.739 1.00 31.76 ? 168 VAL A CB  1 
ATOM   914  C CG1 . VAL A 1 168 ? 10.319  -2.380  -12.106 1.00 32.58 ? 168 VAL A CG1 1 
ATOM   915  C CG2 . VAL A 1 168 ? 9.283   -4.571  -12.738 1.00 32.97 ? 168 VAL A CG2 1 
ATOM   916  N N   . TYR A 1 169 ? 7.343   -0.350  -12.595 1.00 29.14 ? 169 TYR A N   1 
ATOM   917  C CA  . TYR A 1 169 ? 7.295   1.089   -12.356 1.00 28.91 ? 169 TYR A CA  1 
ATOM   918  C C   . TYR A 1 169 ? 6.400   1.423   -11.162 1.00 27.92 ? 169 TYR A C   1 
ATOM   919  O O   . TYR A 1 169 ? 6.796   2.174   -10.270 1.00 27.14 ? 169 TYR A O   1 
ATOM   920  C CB  . TYR A 1 169 ? 6.831   1.840   -13.610 1.00 30.12 ? 169 TYR A CB  1 
ATOM   921  C CG  . TYR A 1 169 ? 6.571   3.307   -13.373 1.00 30.80 ? 169 TYR A CG  1 
ATOM   922  C CD1 . TYR A 1 169 ? 7.611   4.238   -13.410 1.00 31.63 ? 169 TYR A CD1 1 
ATOM   923  C CD2 . TYR A 1 169 ? 5.282   3.768   -13.112 1.00 31.85 ? 169 TYR A CD2 1 
ATOM   924  C CE1 . TYR A 1 169 ? 7.375   5.583   -13.186 1.00 33.08 ? 169 TYR A CE1 1 
ATOM   925  C CE2 . TYR A 1 169 ? 5.037   5.112   -12.889 1.00 32.71 ? 169 TYR A CE2 1 
ATOM   926  C CZ  . TYR A 1 169 ? 6.083   6.013   -12.931 1.00 33.18 ? 169 TYR A CZ  1 
ATOM   927  O OH  . TYR A 1 169 ? 5.839   7.347   -12.710 1.00 35.62 ? 169 TYR A OH  1 
ATOM   928  N N   . LYS A 1 170 ? 5.202   0.855   -11.145 1.00 27.84 ? 170 LYS A N   1 
ATOM   929  C CA  . LYS A 1 170 ? 4.274   1.080   -10.043 1.00 27.22 ? 170 LYS A CA  1 
ATOM   930  C C   . LYS A 1 170 ? 4.779   0.441   -8.752  1.00 26.03 ? 170 LYS A C   1 
ATOM   931  O O   . LYS A 1 170 ? 4.642   1.023   -7.672  1.00 24.35 ? 170 LYS A O   1 
ATOM   932  C CB  . LYS A 1 170 ? 2.886   0.557   -10.398 1.00 28.61 ? 170 LYS A CB  1 
ATOM   933  C CG  . LYS A 1 170 ? 2.202   1.358   -11.490 1.00 29.64 ? 170 LYS A CG  1 
ATOM   934  C CD  . LYS A 1 170 ? 0.897   0.706   -11.908 1.00 31.46 ? 170 LYS A CD  1 
ATOM   935  C CE  . LYS A 1 170 ? -0.145  1.758   -12.249 1.00 33.06 ? 170 LYS A CE  1 
ATOM   936  N NZ  . LYS A 1 170 ? -1.421  1.117   -12.675 1.00 35.32 ? 170 LYS A NZ  1 
ATOM   937  N N   . LEU A 1 171 ? 5.368   -0.745  -8.857  1.00 24.98 ? 171 LEU A N   1 
ATOM   938  C CA  . LEU A 1 171 ? 5.945   -1.395  -7.682  1.00 24.15 ? 171 LEU A CA  1 
ATOM   939  C C   . LEU A 1 171 ? 7.064   -0.540  -7.091  1.00 23.52 ? 171 LEU A C   1 
ATOM   940  O O   . LEU A 1 171 ? 7.191   -0.422  -5.865  1.00 22.17 ? 171 LEU A O   1 
ATOM   941  C CB  . LEU A 1 171 ? 6.467   -2.789  -8.031  1.00 25.01 ? 171 LEU A CB  1 
ATOM   942  C CG  . LEU A 1 171 ? 6.892   -3.652  -6.840  1.00 25.17 ? 171 LEU A CG  1 
ATOM   943  C CD1 . LEU A 1 171 ? 5.677   -4.096  -6.035  1.00 26.38 ? 171 LEU A CD1 1 
ATOM   944  C CD2 . LEU A 1 171 ? 7.706   -4.849  -7.305  1.00 26.81 ? 171 LEU A CD2 1 
ATOM   945  N N   . THR A 1 172 ? 7.867   0.067   -7.961  1.00 23.44 ? 172 THR A N   1 
ATOM   946  C CA  . THR A 1 172 ? 8.989   0.889   -7.510  1.00 23.28 ? 172 THR A CA  1 
ATOM   947  C C   . THR A 1 172 ? 8.487   2.170   -6.844  1.00 22.76 ? 172 THR A C   1 
ATOM   948  O O   . THR A 1 172 ? 9.090   2.657   -5.883  1.00 21.96 ? 172 THR A O   1 
ATOM   949  C CB  . THR A 1 172 ? 9.976   1.204   -8.658  1.00 23.68 ? 172 THR A CB  1 
ATOM   950  O OG1 . THR A 1 172 ? 10.440  -0.026  -9.237  1.00 24.12 ? 172 THR A OG1 1 
ATOM   951  C CG2 . THR A 1 172 ? 11.185  1.977   -8.132  1.00 24.21 ? 172 THR A CG2 1 
ATOM   952  N N   . ARG A 1 173 ? 7.381   2.707   -7.356  1.00 23.08 ? 173 ARG A N   1 
ATOM   953  C CA  . ARG A 1 173 ? 6.733   3.875   -6.759  1.00 23.15 ? 173 ARG A CA  1 
ATOM   954  C C   . ARG A 1 173 ? 6.327   3.605   -5.316  1.00 21.11 ? 173 ARG A C   1 
ATOM   955  O O   . ARG A 1 173 ? 6.539   4.449   -4.444  1.00 20.81 ? 173 ARG A O   1 
ATOM   956  C CB  . ARG A 1 173 ? 5.497   4.296   -7.555  1.00 25.50 ? 173 ARG A CB  1 
ATOM   957  C CG  . ARG A 1 173 ? 5.804   5.071   -8.824  1.00 29.03 ? 173 ARG A CG  1 
ATOM   958  C CD  . ARG A 1 173 ? 4.587   5.821   -9.345  1.00 31.62 ? 173 ARG A CD  1 
ATOM   959  N NE  . ARG A 1 173 ? 4.224   6.970   -8.514  1.00 33.89 ? 173 ARG A NE  1 
ATOM   960  C CZ  . ARG A 1 173 ? 4.877   8.131   -8.499  1.00 35.17 ? 173 ARG A CZ  1 
ATOM   961  N NH1 . ARG A 1 173 ? 5.951   8.316   -9.260  1.00 35.95 ? 173 ARG A NH1 1 
ATOM   962  N NH2 . ARG A 1 173 ? 4.459   9.113   -7.709  1.00 36.30 ? 173 ARG A NH2 1 
ATOM   963  N N   . LEU A 1 174 ? 5.738   2.436   -5.075  1.00 20.40 ? 174 LEU A N   1 
ATOM   964  C CA  . LEU A 1 174 ? 5.366   2.038   -3.718  1.00 19.30 ? 174 LEU A CA  1 
ATOM   965  C C   . LEU A 1 174 ? 6.602   1.909   -2.826  1.00 18.97 ? 174 LEU A C   1 
ATOM   966  O O   . LEU A 1 174 ? 6.611   2.393   -1.687  1.00 17.95 ? 174 LEU A O   1 
ATOM   967  C CB  . LEU A 1 174 ? 4.561   0.738   -3.733  1.00 19.27 ? 174 LEU A CB  1 
ATOM   968  C CG  . LEU A 1 174 ? 4.260   0.114   -2.366  1.00 18.61 ? 174 LEU A CG  1 
ATOM   969  C CD1 . LEU A 1 174 ? 3.466   1.059   -1.471  1.00 18.63 ? 174 LEU A CD1 1 
ATOM   970  C CD2 . LEU A 1 174 ? 3.506   -1.195  -2.540  1.00 18.65 ? 174 LEU A CD2 1 
ATOM   971  N N   . VAL A 1 175 ? 7.651   1.278   -3.347  1.00 19.29 ? 175 VAL A N   1 
ATOM   972  C CA  . VAL A 1 175 ? 8.873   1.077   -2.569  1.00 19.32 ? 175 VAL A CA  1 
ATOM   973  C C   . VAL A 1 175 ? 9.549   2.422   -2.258  1.00 19.10 ? 175 VAL A C   1 
ATOM   974  O O   . VAL A 1 175 ? 10.002  2.651   -1.139  1.00 18.51 ? 175 VAL A O   1 
ATOM   975  C CB  . VAL A 1 175 ? 9.847   0.100   -3.272  1.00 19.81 ? 175 VAL A CB  1 
ATOM   976  C CG1 . VAL A 1 175 ? 11.213  0.146   -2.611  1.00 19.97 ? 175 VAL A CG1 1 
ATOM   977  C CG2 . VAL A 1 175 ? 9.288   -1.320  -3.257  1.00 20.22 ? 175 VAL A CG2 1 
ATOM   978  N N   . ARG A 1 176 ? 9.604   3.310   -3.250  1.00 19.26 ? 176 ARG A N   1 
ATOM   979  C CA  . ARG A 1 176 ? 10.093  4.681   -3.056  1.00 19.90 ? 176 ARG A CA  1 
ATOM   980  C C   . ARG A 1 176 ? 9.321   5.389   -1.946  1.00 18.75 ? 176 ARG A C   1 
ATOM   981  O O   . ARG A 1 176 ? 9.900   6.056   -1.083  1.00 18.62 ? 176 ARG A O   1 
ATOM   982  C CB  . ARG A 1 176 ? 9.885   5.493   -4.336  1.00 22.66 ? 176 ARG A CB  1 
ATOM   983  C CG  . ARG A 1 176 ? 11.119  5.816   -5.158  1.00 26.42 ? 176 ARG A CG  1 
ATOM   984  C CD  . ARG A 1 176 ? 10.710  6.632   -6.388  1.00 28.21 ? 176 ARG A CD  1 
ATOM   985  N NE  . ARG A 1 176 ? 10.617  8.070   -6.126  1.00 31.14 ? 176 ARG A NE  1 
ATOM   986  C CZ  . ARG A 1 176 ? 10.279  8.982   -7.034  1.00 32.50 ? 176 ARG A CZ  1 
ATOM   987  N NH1 . ARG A 1 176 ? 9.987   8.616   -8.274  1.00 34.27 ? 176 ARG A NH1 1 
ATOM   988  N NH2 . ARG A 1 176 ? 10.224  10.264  -6.704  1.00 34.16 ? 176 ARG A NH2 1 
ATOM   989  N N   . ALA A 1 177 ? 7.999   5.259   -1.994  1.00 18.65 ? 177 ALA A N   1 
ATOM   990  C CA  . ALA A 1 177 ? 7.148   5.946   -1.028  1.00 18.14 ? 177 ALA A CA  1 
ATOM   991  C C   . ALA A 1 177 ? 7.401   5.403   0.371   1.00 18.18 ? 177 ALA A C   1 
ATOM   992  O O   . ALA A 1 177 ? 7.506   6.167   1.327   1.00 18.27 ? 177 ALA A O   1 
ATOM   993  C CB  . ALA A 1 177 ? 5.678   5.818   -1.408  1.00 18.16 ? 177 ALA A CB  1 
ATOM   994  N N   . LEU A 1 178 ? 7.524   4.083   0.487   1.00 17.76 ? 178 LEU A N   1 
ATOM   995  C CA  . LEU A 1 178 ? 7.751   3.466   1.794   1.00 17.52 ? 178 LEU A CA  1 
ATOM   996  C C   . LEU A 1 178 ? 9.079   3.908   2.399   1.00 18.26 ? 178 LEU A C   1 
ATOM   997  O O   . LEU A 1 178 ? 9.150   4.253   3.577   1.00 18.19 ? 178 LEU A O   1 
ATOM   998  C CB  . LEU A 1 178 ? 7.699   1.943   1.693   1.00 17.19 ? 178 LEU A CB  1 
ATOM   999  C CG  . LEU A 1 178 ? 6.315   1.344   1.428   1.00 16.71 ? 178 LEU A CG  1 
ATOM   1000 C CD1 . LEU A 1 178 ? 6.424   -0.114  1.002   1.00 17.07 ? 178 LEU A CD1 1 
ATOM   1001 C CD2 . LEU A 1 178 ? 5.425   1.489   2.654   1.00 17.36 ? 178 LEU A CD2 1 
ATOM   1002 N N   . VAL A 1 179 ? 10.135  3.893   1.594   1.00 17.95 ? 179 VAL A N   1 
ATOM   1003 C CA  . VAL A 1 179 ? 11.445  4.313   2.071   1.00 19.19 ? 179 VAL A CA  1 
ATOM   1004 C C   . VAL A 1 179 ? 11.428  5.787   2.506   1.00 19.02 ? 179 VAL A C   1 
ATOM   1005 O O   . VAL A 1 179 ? 11.898  6.119   3.598   1.00 19.61 ? 179 VAL A O   1 
ATOM   1006 C CB  . VAL A 1 179 ? 12.542  4.017   1.033   1.00 19.85 ? 179 VAL A CB  1 
ATOM   1007 C CG1 . VAL A 1 179 ? 13.806  4.773   1.370   1.00 21.04 ? 179 VAL A CG1 1 
ATOM   1008 C CG2 . VAL A 1 179 ? 12.809  2.512   0.973   1.00 20.05 ? 179 VAL A CG2 1 
ATOM   1009 N N   . ALA A 1 180 ? 10.849  6.661   1.687   1.00 19.28 ? 180 ALA A N   1 
ATOM   1010 C CA  . ALA A 1 180 ? 10.756  8.081   2.050   1.00 19.26 ? 180 ALA A CA  1 
ATOM   1011 C C   . ALA A 1 180 ? 9.991   8.309   3.366   1.00 20.04 ? 180 ALA A C   1 
ATOM   1012 O O   . ALA A 1 180 ? 10.350  9.186   4.157   1.00 20.12 ? 180 ALA A O   1 
ATOM   1013 C CB  . ALA A 1 180 ? 10.157  8.902   0.909   1.00 19.44 ? 180 ALA A CB  1 
ATOM   1014 N N   . LYS A 1 181 ? 8.958   7.500   3.600   1.00 19.74 ? 181 LYS A N   1 
ATOM   1015 C CA  . LYS A 1 181 ? 8.152   7.600   4.817   1.00 20.36 ? 181 LYS A CA  1 
ATOM   1016 C C   . LYS A 1 181 ? 8.789   6.929   6.021   1.00 20.53 ? 181 LYS A C   1 
ATOM   1017 O O   . LYS A 1 181 ? 8.218   6.954   7.113   1.00 21.89 ? 181 LYS A O   1 
ATOM   1018 C CB  . LYS A 1 181 ? 6.762   7.015   4.592   1.00 20.99 ? 181 LYS A CB  1 
ATOM   1019 C CG  . LYS A 1 181 ? 5.775   8.025   4.061   1.00 22.45 ? 181 LYS A CG  1 
ATOM   1020 C CD  . LYS A 1 181 ? 5.452   9.067   5.114   1.00 22.65 ? 181 LYS A CD  1 
ATOM   1021 C CE  . LYS A 1 181 ? 4.748   10.228  4.458   1.00 23.72 ? 181 LYS A CE  1 
ATOM   1022 N NZ  . LYS A 1 181 ? 4.609   11.380  5.382   1.00 23.97 ? 181 LYS A NZ  1 
ATOM   1023 N N   . GLY A 1 182 ? 9.966   6.338   5.827   1.00 19.47 ? 182 GLY A N   1 
ATOM   1024 C CA  . GLY A 1 182 ? 10.693  5.672   6.909   1.00 19.85 ? 182 GLY A CA  1 
ATOM   1025 C C   . GLY A 1 182 ? 10.226  4.268   7.247   1.00 19.75 ? 182 GLY A C   1 
ATOM   1026 O O   . GLY A 1 182 ? 10.607  3.719   8.285   1.00 20.43 ? 182 GLY A O   1 
ATOM   1027 N N   . ARG A 1 183 ? 9.429   3.664   6.369   1.00 19.02 ? 183 ARG A N   1 
ATOM   1028 C CA  . ARG A 1 183 ? 8.875   2.341   6.647   1.00 18.83 ? 183 ARG A CA  1 
ATOM   1029 C C   . ARG A 1 183 ? 9.762   1.267   6.029   1.00 18.76 ? 183 ARG A C   1 
ATOM   1030 O O   . ARG A 1 183 ? 9.430   0.658   5.002   1.00 18.42 ? 183 ARG A O   1 
ATOM   1031 C CB  . ARG A 1 183 ? 7.415   2.236   6.180   1.00 18.87 ? 183 ARG A CB  1 
ATOM   1032 C CG  . ARG A 1 183 ? 6.477   3.325   6.710   1.00 19.64 ? 183 ARG A CG  1 
ATOM   1033 C CD  . ARG A 1 183 ? 6.624   3.610   8.200   1.00 20.79 ? 183 ARG A CD  1 
ATOM   1034 N NE  . ARG A 1 183 ? 6.583   2.403   9.024   1.00 20.69 ? 183 ARG A NE  1 
ATOM   1035 C CZ  . ARG A 1 183 ? 7.195   2.283   10.202  1.00 20.99 ? 183 ARG A CZ  1 
ATOM   1036 N NH1 . ARG A 1 183 ? 7.897   3.296   10.702  1.00 22.21 ? 183 ARG A NH1 1 
ATOM   1037 N NH2 . ARG A 1 183 ? 7.109   1.147   10.883  1.00 21.48 ? 183 ARG A NH2 1 
ATOM   1038 N N   . ALA A 1 184 ? 10.895  1.041   6.684   1.00 18.33 ? 184 ALA A N   1 
ATOM   1039 C CA  . ALA A 1 184 ? 11.972  0.216   6.148   1.00 18.81 ? 184 ALA A CA  1 
ATOM   1040 C C   . ALA A 1 184 ? 11.607  -1.253  6.030   1.00 18.79 ? 184 ALA A C   1 
ATOM   1041 O O   . ALA A 1 184 ? 11.841  -1.874  4.992   1.00 18.76 ? 184 ALA A O   1 
ATOM   1042 C CB  . ALA A 1 184 ? 13.222  0.382   6.993   1.00 19.26 ? 184 ALA A CB  1 
ATOM   1043 N N   . ARG A 1 185 ? 11.049  -1.811  7.098   1.00 19.03 ? 185 ARG A N   1 
ATOM   1044 C CA  . ARG A 1 185 ? 10.652  -3.212  7.090   1.00 19.10 ? 185 ARG A CA  1 
ATOM   1045 C C   . ARG A 1 185 ? 9.606   -3.486  6.007   1.00 18.75 ? 185 ARG A C   1 
ATOM   1046 O O   . ARG A 1 185 ? 9.698   -4.488  5.291   1.00 19.27 ? 185 ARG A O   1 
ATOM   1047 C CB  . ARG A 1 185 ? 10.132  -3.626  8.474   1.00 20.12 ? 185 ARG A CB  1 
ATOM   1048 C CG  . ARG A 1 185 ? 9.688   -5.079  8.579   1.00 22.40 ? 185 ARG A CG  1 
ATOM   1049 C CD  . ARG A 1 185 ? 10.793  -6.053  8.200   1.00 22.63 ? 185 ARG A CD  1 
ATOM   1050 N NE  . ARG A 1 185 ? 11.980  -5.908  9.043   1.00 24.12 ? 185 ARG A NE  1 
ATOM   1051 C CZ  . ARG A 1 185 ? 13.166  -6.441  8.773   1.00 23.93 ? 185 ARG A CZ  1 
ATOM   1052 N NH1 . ARG A 1 185 ? 13.343  -7.166  7.676   1.00 25.28 ? 185 ARG A NH1 1 
ATOM   1053 N NH2 . ARG A 1 185 ? 14.183  -6.242  9.606   1.00 25.43 ? 185 ARG A NH2 1 
ATOM   1054 N N   . ALA A 1 186 ? 8.618   -2.596  5.903   1.00 18.69 ? 186 ALA A N   1 
ATOM   1055 C CA  . ALA A 1 186 ? 7.588   -2.690  4.863   1.00 18.56 ? 186 ALA A CA  1 
ATOM   1056 C C   . ALA A 1 186 ? 8.206   -2.679  3.460   1.00 18.75 ? 186 ALA A C   1 
ATOM   1057 O O   . ALA A 1 186 ? 7.845   -3.501  2.613   1.00 18.63 ? 186 ALA A O   1 
ATOM   1058 C CB  . ALA A 1 186 ? 6.554   -1.578  5.013   1.00 18.56 ? 186 ALA A CB  1 
ATOM   1059 N N   . ALA A 1 187 ? 9.146   -1.764  3.222   1.00 18.61 ? 187 ALA A N   1 
ATOM   1060 C CA  . ALA A 1 187 ? 9.826   -1.703  1.925   1.00 18.84 ? 187 ALA A CA  1 
ATOM   1061 C C   . ALA A 1 187 ? 10.577  -3.013  1.649   1.00 19.53 ? 187 ALA A C   1 
ATOM   1062 O O   . ALA A 1 187 ? 10.476  -3.599  0.558   1.00 19.68 ? 187 ALA A O   1 
ATOM   1063 C CB  . ALA A 1 187 ? 10.772  -0.504  1.870   1.00 18.86 ? 187 ALA A CB  1 
ATOM   1064 N N   . TRP A 1 188 ? 11.317  -3.485  2.646   1.00 19.95 ? 188 TRP A N   1 
ATOM   1065 C CA  . TRP A 1 188 ? 12.000  -4.759  2.515   1.00 20.88 ? 188 TRP A CA  1 
ATOM   1066 C C   . TRP A 1 188 ? 11.032  -5.879  2.194   1.00 21.43 ? 188 TRP A C   1 
ATOM   1067 O O   . TRP A 1 188 ? 11.302  -6.704  1.316   1.00 21.43 ? 188 TRP A O   1 
ATOM   1068 C CB  . TRP A 1 188 ? 12.800  -5.074  3.767   1.00 21.43 ? 188 TRP A CB  1 
ATOM   1069 C CG  . TRP A 1 188 ? 13.365  -6.449  3.695   1.00 22.16 ? 188 TRP A CG  1 
ATOM   1070 C CD1 . TRP A 1 188 ? 12.927  -7.583  4.362   1.00 22.63 ? 188 TRP A CD1 1 
ATOM   1071 C CD2 . TRP A 1 188 ? 14.450  -6.899  2.833   1.00 22.15 ? 188 TRP A CD2 1 
ATOM   1072 N NE1 . TRP A 1 188 ? 13.678  -8.669  4.006   1.00 23.10 ? 188 TRP A NE1 1 
ATOM   1073 C CE2 . TRP A 1 188 ? 14.612  -8.326  3.097   1.00 23.19 ? 188 TRP A CE2 1 
ATOM   1074 C CE3 . TRP A 1 188 ? 15.296  -6.277  1.927   1.00 22.63 ? 188 TRP A CE3 1 
ATOM   1075 C CZ2 . TRP A 1 188 ? 15.577  -9.084  2.456   1.00 23.16 ? 188 TRP A CZ2 1 
ATOM   1076 C CZ3 . TRP A 1 188 ? 16.268  -7.049  1.288   1.00 22.86 ? 188 TRP A CZ3 1 
ATOM   1077 C CH2 . TRP A 1 188 ? 16.402  -8.418  1.546   1.00 23.48 ? 188 TRP A CH2 1 
ATOM   1078 N N   . ARG A 1 189 ? 9.897   -5.912  2.894   1.00 21.78 ? 189 ARG A N   1 
ATOM   1079 C CA  . ARG A 1 189 ? 8.895   -6.956  2.670   1.00 23.42 ? 189 ARG A CA  1 
ATOM   1080 C C   . ARG A 1 189 ? 8.480   -7.011  1.205   1.00 23.14 ? 189 ARG A C   1 
ATOM   1081 O O   . ARG A 1 189 ? 8.468   -8.087  0.605   1.00 24.16 ? 189 ARG A O   1 
ATOM   1082 C CB  . ARG A 1 189 ? 7.671   -6.768  3.579   1.00 24.03 ? 189 ARG A CB  1 
ATOM   1083 C CG  . ARG A 1 189 ? 7.831   -7.348  4.981   1.00 25.78 ? 189 ARG A CG  1 
ATOM   1084 C CD  . ARG A 1 189 ? 6.899   -8.535  5.234   1.00 28.68 ? 189 ARG A CD  1 
ATOM   1085 N NE  . ARG A 1 189 ? 6.979   -9.569  4.208   1.00 30.77 ? 189 ARG A NE  1 
ATOM   1086 C CZ  . ARG A 1 189 ? 5.961   -10.327 3.801   1.00 30.61 ? 189 ARG A CZ  1 
ATOM   1087 N NH1 . ARG A 1 189 ? 4.745   -10.180 4.311   1.00 31.79 ? 189 ARG A NH1 1 
ATOM   1088 N NH2 . ARG A 1 189 ? 6.159   -11.238 2.860   1.00 32.20 ? 189 ARG A NH2 1 
ATOM   1089 N N   . VAL A 1 190 ? 8.154   -5.855  0.630   1.00 22.74 ? 190 VAL A N   1 
ATOM   1090 C CA  . VAL A 1 190 ? 7.750   -5.779  -0.780  1.00 23.24 ? 190 VAL A CA  1 
ATOM   1091 C C   . VAL A 1 190 ? 8.890   -6.192  -1.711  1.00 24.29 ? 190 VAL A C   1 
ATOM   1092 O O   . VAL A 1 190 ? 8.697   -7.004  -2.631  1.00 25.00 ? 190 VAL A O   1 
ATOM   1093 C CB  . VAL A 1 190 ? 7.287   -4.361  -1.178  1.00 22.71 ? 190 VAL A CB  1 
ATOM   1094 C CG1 . VAL A 1 190 ? 7.104   -4.267  -2.687  1.00 23.10 ? 190 VAL A CG1 1 
ATOM   1095 C CG2 . VAL A 1 190 ? 5.994   -3.994  -0.469  1.00 23.06 ? 190 VAL A CG2 1 
ATOM   1096 N N   . TYR A 1 191 ? 10.066  -5.606  -1.488  1.00 24.59 ? 191 TYR A N   1 
ATOM   1097 C CA  . TYR A 1 191 ? 11.236  -5.917  -2.304  1.00 25.88 ? 191 TYR A CA  1 
ATOM   1098 C C   . TYR A 1 191 ? 11.554  -7.415  -2.276  1.00 26.96 ? 191 TYR A C   1 
ATOM   1099 O O   . TYR A 1 191 ? 11.773  -8.033  -3.321  1.00 28.74 ? 191 TYR A O   1 
ATOM   1100 C CB  . TYR A 1 191 ? 12.445  -5.087  -1.856  1.00 25.24 ? 191 TYR A CB  1 
ATOM   1101 C CG  . TYR A 1 191 ? 13.728  -5.451  -2.570  1.00 25.75 ? 191 TYR A CG  1 
ATOM   1102 C CD1 . TYR A 1 191 ? 14.628  -6.357  -2.005  1.00 26.30 ? 191 TYR A CD1 1 
ATOM   1103 C CD2 . TYR A 1 191 ? 14.043  -4.893  -3.809  1.00 25.99 ? 191 TYR A CD2 1 
ATOM   1104 C CE1 . TYR A 1 191 ? 15.808  -6.696  -2.656  1.00 26.43 ? 191 TYR A CE1 1 
ATOM   1105 C CE2 . TYR A 1 191 ? 15.223  -5.223  -4.467  1.00 25.99 ? 191 TYR A CE2 1 
ATOM   1106 C CZ  . TYR A 1 191 ? 16.098  -6.125  -3.887  1.00 26.49 ? 191 TYR A CZ  1 
ATOM   1107 O OH  . TYR A 1 191 ? 17.263  -6.451  -4.539  1.00 26.78 ? 191 TYR A OH  1 
ATOM   1108 N N   . GLU A 1 192 ? 11.563  -8.000  -1.083  1.00 27.65 ? 192 GLU A N   1 
ATOM   1109 C CA  . GLU A 1 192 ? 11.874  -9.416  -0.938  1.00 29.07 ? 192 GLU A CA  1 
ATOM   1110 C C   . GLU A 1 192 ? 10.846  -10.306 -1.636  1.00 30.30 ? 192 GLU A C   1 
ATOM   1111 O O   . GLU A 1 192 ? 11.215  -11.193 -2.404  1.00 31.43 ? 192 GLU A O   1 
ATOM   1112 C CB  . GLU A 1 192 ? 11.994  -9.802  0.533   1.00 29.46 ? 192 GLU A CB  1 
ATOM   1113 C CG  . GLU A 1 192 ? 12.184  -11.291 0.752   1.00 30.52 ? 192 GLU A CG  1 
ATOM   1114 C CD  . GLU A 1 192 ? 12.233  -11.657 2.217   1.00 30.61 ? 192 GLU A CD  1 
ATOM   1115 O OE1 . GLU A 1 192 ? 13.253  -12.227 2.652   1.00 31.76 ? 192 GLU A OE1 1 
ATOM   1116 O OE2 . GLU A 1 192 ? 11.255  -11.367 2.937   1.00 32.01 ? 192 GLU A OE2 1 
ATOM   1117 N N   . ALA A 1 193 ? 9.564   -10.061 -1.377  1.00 29.74 ? 193 ALA A N   1 
ATOM   1118 C CA  . ALA A 1 193 ? 8.502   -10.890 -1.951  1.00 30.30 ? 193 ALA A CA  1 
ATOM   1119 C C   . ALA A 1 193 ? 8.452   -10.800 -3.477  1.00 31.12 ? 193 ALA A C   1 
ATOM   1120 O O   . ALA A 1 193 ? 8.381   -11.826 -4.155  1.00 32.02 ? 193 ALA A O   1 
ATOM   1121 C CB  . ALA A 1 193 ? 7.151   -10.541 -1.341  1.00 29.50 ? 193 ALA A CB  1 
ATOM   1122 N N   . ALA A 1 194 ? 8.512   -9.584  -4.013  1.00 31.03 ? 194 ALA A N   1 
ATOM   1123 C CA  . ALA A 1 194 ? 8.365   -9.375  -5.454  1.00 32.77 ? 194 ALA A CA  1 
ATOM   1124 C C   . ALA A 1 194 ? 9.657   -9.601  -6.241  1.00 34.38 ? 194 ALA A C   1 
ATOM   1125 O O   . ALA A 1 194 ? 9.670   -10.344 -7.227  1.00 34.74 ? 194 ALA A O   1 
ATOM   1126 C CB  . ALA A 1 194 ? 7.806   -7.989  -5.739  1.00 32.76 ? 194 ALA A CB  1 
ATOM   1127 N N   . VAL A 1 195 ? 10.739  -8.961  -5.798  1.00 34.99 ? 195 VAL A N   1 
ATOM   1128 C CA  . VAL A 1 195 ? 12.004  -8.964  -6.537  1.00 35.60 ? 195 VAL A CA  1 
ATOM   1129 C C   . VAL A 1 195 ? 12.849  -10.210 -6.270  1.00 37.17 ? 195 VAL A C   1 
ATOM   1130 O O   . VAL A 1 195 ? 13.188  -10.945 -7.199  1.00 38.86 ? 195 VAL A O   1 
ATOM   1131 C CB  . VAL A 1 195 ? 12.837  -7.694  -6.251  1.00 34.49 ? 195 VAL A CB  1 
ATOM   1132 C CG1 . VAL A 1 195 ? 14.230  -7.817  -6.852  1.00 35.02 ? 195 VAL A CG1 1 
ATOM   1133 C CG2 . VAL A 1 195 ? 12.130  -6.459  -6.788  1.00 34.62 ? 195 VAL A CG2 1 
ATOM   1134 N N   . ARG A 1 196 ? 13.198  -10.440 -5.009  1.00 37.69 ? 196 ARG A N   1 
ATOM   1135 C CA  . ARG A 1 196 ? 14.061  -11.565 -4.655  1.00 38.50 ? 196 ARG A CA  1 
ATOM   1136 C C   . ARG A 1 196 ? 13.377  -12.911 -4.867  1.00 39.99 ? 196 ARG A C   1 
ATOM   1137 O O   . ARG A 1 196 ? 13.851  -13.733 -5.652  1.00 41.89 ? 196 ARG A O   1 
ATOM   1138 C CB  . ARG A 1 196 ? 14.564  -11.433 -3.217  1.00 37.77 ? 196 ARG A CB  1 
ATOM   1139 C CG  . ARG A 1 196 ? 15.598  -10.331 -3.050  1.00 37.20 ? 196 ARG A CG  1 
ATOM   1140 C CD  . ARG A 1 196 ? 15.810  -9.938  -1.595  1.00 37.00 ? 196 ARG A CD  1 
ATOM   1141 N NE  . ARG A 1 196 ? 16.491  -10.954 -0.791  1.00 37.66 ? 196 ARG A NE  1 
ATOM   1142 C CZ  . ARG A 1 196 ? 17.790  -11.241 -0.855  1.00 36.51 ? 196 ARG A CZ  1 
ATOM   1143 N NH1 . ARG A 1 196 ? 18.585  -10.613 -1.712  1.00 35.88 ? 196 ARG A NH1 1 
ATOM   1144 N NH2 . ARG A 1 196 ? 18.296  -12.174 -0.065  1.00 36.17 ? 196 ARG A NH2 1 
ATOM   1145 N N   . LYS A 1 197 ? 12.258  -13.115 -4.179  1.00 40.44 ? 197 LYS A N   1 
ATOM   1146 C CA  . LYS A 1 197 ? 11.550  -14.396 -4.183  1.00 41.72 ? 197 LYS A CA  1 
ATOM   1147 C C   . LYS A 1 197 ? 10.587  -14.571 -5.359  1.00 42.36 ? 197 LYS A C   1 
ATOM   1148 O O   . LYS A 1 197 ? 10.439  -15.678 -5.882  1.00 43.46 ? 197 LYS A O   1 
ATOM   1149 C CB  . LYS A 1 197 ? 10.786  -14.586 -2.871  1.00 41.77 ? 197 LYS A CB  1 
ATOM   1150 C CG  . LYS A 1 197 ? 11.617  -15.111 -1.722  1.00 43.39 ? 197 LYS A CG  1 
ATOM   1151 C CD  . LYS A 1 197 ? 10.759  -15.186 -0.469  1.00 44.02 ? 197 LYS A CD  1 
ATOM   1152 C CE  . LYS A 1 197 ? 11.081  -16.415 0.363   1.00 44.97 ? 197 LYS A CE  1 
ATOM   1153 N NZ  . LYS A 1 197 ? 11.990  -16.146 1.517   1.00 46.58 ? 197 LYS A NZ  1 
ATOM   1154 N N   . GLY A 1 198 ? 9.928   -13.490 -5.761  1.00 42.26 ? 198 GLY A N   1 
ATOM   1155 C CA  . GLY A 1 198 ? 8.928   -13.550 -6.821  1.00 42.70 ? 198 GLY A CA  1 
ATOM   1156 C C   . GLY A 1 198 ? 9.532   -13.446 -8.204  1.00 43.40 ? 198 GLY A C   1 
ATOM   1157 O O   . GLY A 1 198 ? 8.813   -13.362 -9.206  1.00 43.84 ? 198 GLY A O   1 
ATOM   1158 N N   . GLY A 1 199 ? 10.860  -13.434 -8.255  1.00 43.59 ? 199 GLY A N   1 
ATOM   1159 C CA  . GLY A 1 199 ? 11.590  -13.379 -9.513  1.00 44.05 ? 199 GLY A CA  1 
ATOM   1160 C C   . GLY A 1 199 ? 11.129  -12.270 -10.436 1.00 43.96 ? 199 GLY A C   1 
ATOM   1161 O O   . GLY A 1 199 ? 11.128  -12.435 -11.654 1.00 44.04 ? 199 GLY A O   1 
ATOM   1162 N N   . CYS A 1 200 ? 10.722  -11.142 -9.861  1.00 43.86 ? 200 CYS A N   1 
ATOM   1163 C CA  . CYS A 1 200 ? 10.356  -9.978  -10.657 1.00 43.30 ? 200 CYS A CA  1 
ATOM   1164 C C   . CYS A 1 200 ? 11.635  -9.286  -11.122 1.00 43.63 ? 200 CYS A C   1 
ATOM   1165 O O   . CYS A 1 200 ? 12.380  -8.738  -10.308 1.00 43.61 ? 200 CYS A O   1 
ATOM   1166 C CB  . CYS A 1 200 ? 9.475   -9.024  -9.844  1.00 43.02 ? 200 CYS A CB  1 
ATOM   1167 S SG  . CYS A 1 200 ? 8.762   -7.641  -10.770 1.00 42.77 ? 200 CYS A SG  1 
ATOM   1168 N N   . GLU A 1 201 ? 11.904  -9.335  -12.425 1.00 43.85 ? 201 GLU A N   1 
ATOM   1169 C CA  . GLU A 1 201 ? 13.107  -8.699  -12.975 1.00 44.36 ? 201 GLU A CA  1 
ATOM   1170 C C   . GLU A 1 201 ? 13.007  -7.183  -12.905 1.00 42.63 ? 201 GLU A C   1 
ATOM   1171 O O   . GLU A 1 201 ? 12.123  -6.578  -13.509 1.00 42.08 ? 201 GLU A O   1 
ATOM   1172 C CB  . GLU A 1 201 ? 13.392  -9.162  -14.415 1.00 46.24 ? 201 GLU A CB  1 
ATOM   1173 C CG  . GLU A 1 201 ? 14.591  -10.098 -14.572 1.00 49.11 ? 201 GLU A CG  1 
ATOM   1174 C CD  . GLU A 1 201 ? 15.798  -9.453  -15.251 1.00 50.91 ? 201 GLU A CD  1 
ATOM   1175 O OE1 . GLU A 1 201 ? 15.636  -8.395  -15.899 1.00 52.09 ? 201 GLU A OE1 1 
ATOM   1176 O OE2 . GLU A 1 201 ? 16.911  -10.016 -15.144 1.00 51.30 ? 201 GLU A OE2 1 
ATOM   1177 N N   . VAL A 1 202 ? 13.915  -6.576  -12.149 1.00 41.33 ? 202 VAL A N   1 
ATOM   1178 C CA  . VAL A 1 202 ? 13.832  -5.155  -11.835 1.00 40.04 ? 202 VAL A CA  1 
ATOM   1179 C C   . VAL A 1 202 ? 15.052  -4.386  -12.359 1.00 40.03 ? 202 VAL A C   1 
ATOM   1180 O O   . VAL A 1 202 ? 16.002  -4.991  -12.860 1.00 42.11 ? 202 VAL A O   1 
ATOM   1181 C CB  . VAL A 1 202 ? 13.637  -4.959  -10.314 1.00 38.86 ? 202 VAL A CB  1 
ATOM   1182 C CG1 . VAL A 1 202 ? 14.975  -4.962  -9.589  1.00 37.16 ? 202 VAL A CG1 1 
ATOM   1183 C CG2 . VAL A 1 202 ? 12.840  -3.697  -10.031 1.00 37.91 ? 202 VAL A CG2 1 
ATOM   1184 N N   . ASP A 1 203 ? 15.021  -3.062  -12.240 1.00 39.88 ? 203 ASP A N   1 
ATOM   1185 C CA  . ASP A 1 203 ? 16.051  -2.188  -12.805 1.00 39.25 ? 203 ASP A CA  1 
ATOM   1186 C C   . ASP A 1 203 ? 17.117  -1.810  -11.776 1.00 37.06 ? 203 ASP A C   1 
ATOM   1187 O O   . ASP A 1 203 ? 16.988  -2.123  -10.591 1.00 36.40 ? 203 ASP A O   1 
ATOM   1188 C CB  . ASP A 1 203 ? 15.397  -0.918  -13.380 1.00 41.12 ? 203 ASP A CB  1 
ATOM   1189 C CG  . ASP A 1 203 ? 16.412  0.087   -13.921 1.00 42.00 ? 203 ASP A CG  1 
ATOM   1190 O OD1 . ASP A 1 203 ? 17.280  -0.307  -14.732 1.00 44.12 ? 203 ASP A OD1 1 
ATOM   1191 O OD2 . ASP A 1 203 ? 16.343  1.274   -13.533 1.00 42.02 ? 203 ASP A OD2 1 
ATOM   1192 N N   . GLU A 1 204 ? 18.172  -1.141  -12.238 1.00 36.43 ? 204 GLU A N   1 
ATOM   1193 C CA  . GLU A 1 204 ? 19.187  -0.584  -11.347 1.00 35.66 ? 204 GLU A CA  1 
ATOM   1194 C C   . GLU A 1 204 ? 18.551  0.366   -10.347 1.00 33.75 ? 204 GLU A C   1 
ATOM   1195 O O   . GLU A 1 204 ? 18.939  0.394   -9.178  1.00 32.82 ? 204 GLU A O   1 
ATOM   1196 C CB  . GLU A 1 204 ? 20.268  0.158   -12.133 1.00 37.38 ? 204 GLU A CB  1 
ATOM   1197 C CG  . GLU A 1 204 ? 21.290  0.871   -11.260 1.00 39.40 ? 204 GLU A CG  1 
ATOM   1198 C CD  . GLU A 1 204 ? 22.419  1.496   -12.059 1.00 40.97 ? 204 GLU A CD  1 
ATOM   1199 O OE1 . GLU A 1 204 ? 22.195  1.880   -13.227 1.00 42.47 ? 204 GLU A OE1 1 
ATOM   1200 O OE2 . GLU A 1 204 ? 23.536  1.613   -11.511 1.00 41.99 ? 204 GLU A OE2 1 
ATOM   1201 N N   . TYR A 1 205 ? 17.581  1.147   -10.820 1.00 32.25 ? 205 TYR A N   1 
ATOM   1202 C CA  . TYR A 1 205 ? 16.869  2.097   -9.967  1.00 29.69 ? 205 TYR A CA  1 
ATOM   1203 C C   . TYR A 1 205 ? 16.253  1.462   -8.715  1.00 28.29 ? 205 TYR A C   1 
ATOM   1204 O O   . TYR A 1 205 ? 16.387  2.006   -7.630  1.00 27.16 ? 205 TYR A O   1 
ATOM   1205 C CB  . TYR A 1 205 ? 15.814  2.870   -10.765 1.00 29.90 ? 205 TYR A CB  1 
ATOM   1206 C CG  . TYR A 1 205 ? 15.104  3.943   -9.973  1.00 29.14 ? 205 TYR A CG  1 
ATOM   1207 C CD1 . TYR A 1 205 ? 15.821  4.916   -9.281  1.00 29.50 ? 205 TYR A CD1 1 
ATOM   1208 C CD2 . TYR A 1 205 ? 13.713  3.987   -9.922  1.00 29.08 ? 205 TYR A CD2 1 
ATOM   1209 C CE1 . TYR A 1 205 ? 15.176  5.897   -8.554  1.00 28.77 ? 205 TYR A CE1 1 
ATOM   1210 C CE2 . TYR A 1 205 ? 13.057  4.968   -9.204  1.00 28.64 ? 205 TYR A CE2 1 
ATOM   1211 C CZ  . TYR A 1 205 ? 13.795  5.917   -8.521  1.00 28.96 ? 205 TYR A CZ  1 
ATOM   1212 O OH  . TYR A 1 205 ? 13.155  6.895   -7.812  1.00 29.54 ? 205 TYR A OH  1 
ATOM   1213 N N   . MET A 1 206 ? 15.580  0.323   -8.858  1.00 27.62 ? 206 MET A N   1 
ATOM   1214 C CA  . MET A 1 206 ? 15.015  -0.350  -7.685  1.00 26.92 ? 206 MET A CA  1 
ATOM   1215 C C   . MET A 1 206 ? 16.102  -0.701  -6.669  1.00 27.08 ? 206 MET A C   1 
ATOM   1216 O O   . MET A 1 206 ? 15.914  -0.524  -5.464  1.00 26.38 ? 206 MET A O   1 
ATOM   1217 C CB  . MET A 1 206 ? 14.255  -1.610  -8.085  1.00 27.46 ? 206 MET A CB  1 
ATOM   1218 C CG  . MET A 1 206 ? 13.790  -2.462  -6.913  1.00 26.19 ? 206 MET A CG  1 
ATOM   1219 S SD  . MET A 1 206 ? 12.562  -1.664  -5.860  1.00 25.41 ? 206 MET A SD  1 
ATOM   1220 C CE  . MET A 1 206 ? 11.047  -2.206  -6.644  1.00 25.90 ? 206 MET A CE  1 
ATOM   1221 N N   . TYR A 1 207 ? 17.230  -1.205  -7.162  1.00 28.17 ? 207 TYR A N   1 
ATOM   1222 C CA  . TYR A 1 207 ? 18.338  -1.584  -6.285  1.00 27.68 ? 207 TYR A CA  1 
ATOM   1223 C C   . TYR A 1 207 ? 18.894  -0.387  -5.524  1.00 27.35 ? 207 TYR A C   1 
ATOM   1224 O O   . TYR A 1 207 ? 19.161  -0.470  -4.325  1.00 27.40 ? 207 TYR A O   1 
ATOM   1225 C CB  . TYR A 1 207 ? 19.459  -2.264  -7.075  1.00 27.23 ? 207 TYR A CB  1 
ATOM   1226 C CG  . TYR A 1 207 ? 19.054  -3.559  -7.732  1.00 28.03 ? 207 TYR A CG  1 
ATOM   1227 C CD1 . TYR A 1 207 ? 18.433  -4.568  -7.003  1.00 27.37 ? 207 TYR A CD1 1 
ATOM   1228 C CD2 . TYR A 1 207 ? 19.303  -3.783  -9.082  1.00 28.53 ? 207 TYR A CD2 1 
ATOM   1229 C CE1 . TYR A 1 207 ? 18.060  -5.759  -7.601  1.00 28.22 ? 207 TYR A CE1 1 
ATOM   1230 C CE2 . TYR A 1 207 ? 18.932  -4.969  -9.689  1.00 29.63 ? 207 TYR A CE2 1 
ATOM   1231 C CZ  . TYR A 1 207 ? 18.316  -5.952  -8.945  1.00 28.48 ? 207 TYR A CZ  1 
ATOM   1232 O OH  . TYR A 1 207 ? 17.948  -7.129  -9.540  1.00 30.85 ? 207 TYR A OH  1 
ATOM   1233 N N   . ARG A 1 208 ? 19.076  0.728   -6.225  1.00 28.34 ? 208 ARG A N   1 
ATOM   1234 C CA  . ARG A 1 208 ? 19.643  1.915   -5.605  1.00 27.88 ? 208 ARG A CA  1 
ATOM   1235 C C   . ARG A 1 208 ? 18.702  2.481   -4.547  1.00 27.59 ? 208 ARG A C   1 
ATOM   1236 O O   . ARG A 1 208 ? 19.147  2.894   -3.479  1.00 26.27 ? 208 ARG A O   1 
ATOM   1237 C CB  . ARG A 1 208 ? 19.974  2.978   -6.655  1.00 30.22 ? 208 ARG A CB  1 
ATOM   1238 C CG  . ARG A 1 208 ? 20.999  2.536   -7.693  1.00 32.39 ? 208 ARG A CG  1 
ATOM   1239 C CD  . ARG A 1 208 ? 21.392  3.687   -8.604  1.00 34.47 ? 208 ARG A CD  1 
ATOM   1240 N NE  . ARG A 1 208 ? 21.740  4.873   -7.823  1.00 36.30 ? 208 ARG A NE  1 
ATOM   1241 C CZ  . ARG A 1 208 ? 22.292  5.979   -8.314  1.00 38.06 ? 208 ARG A CZ  1 
ATOM   1242 N NH1 . ARG A 1 208 ? 22.581  6.076   -9.608  1.00 38.73 ? 208 ARG A NH1 1 
ATOM   1243 N NH2 . ARG A 1 208 ? 22.564  6.992   -7.500  1.00 38.60 ? 208 ARG A NH2 1 
ATOM   1244 N N   . VAL A 1 209 ? 17.405  2.493   -4.853  1.00 26.36 ? 209 VAL A N   1 
ATOM   1245 C CA  . VAL A 1 209 ? 16.397  2.954   -3.901  1.00 26.12 ? 209 VAL A CA  1 
ATOM   1246 C C   . VAL A 1 209 ? 16.526  2.163   -2.604  1.00 24.46 ? 209 VAL A C   1 
ATOM   1247 O O   . VAL A 1 209 ? 16.602  2.739   -1.516  1.00 24.50 ? 209 VAL A O   1 
ATOM   1248 C CB  . VAL A 1 209 ? 14.964  2.790   -4.459  1.00 25.93 ? 209 VAL A CB  1 
ATOM   1249 C CG1 . VAL A 1 209 ? 13.923  3.027   -3.370  1.00 25.78 ? 209 VAL A CG1 1 
ATOM   1250 C CG2 . VAL A 1 209 ? 14.731  3.744   -5.623  1.00 26.18 ? 209 VAL A CG2 1 
ATOM   1251 N N   . MET A 1 210 ? 16.569  0.843   -2.751  1.00 25.00 ? 210 MET A N   1 
ATOM   1252 C CA  . MET A 1 210 ? 16.541  -0.072  -1.616  1.00 24.10 ? 210 MET A CA  1 
ATOM   1253 C C   . MET A 1 210 ? 17.858  -0.099  -0.843  1.00 25.11 ? 210 MET A C   1 
ATOM   1254 O O   . MET A 1 210 ? 17.857  -0.011  0.384   1.00 24.16 ? 210 MET A O   1 
ATOM   1255 C CB  . MET A 1 210 ? 16.124  -1.471  -2.070  1.00 24.47 ? 210 MET A CB  1 
ATOM   1256 C CG  . MET A 1 210 ? 14.621  -1.612  -2.271  1.00 23.44 ? 210 MET A CG  1 
ATOM   1257 S SD  . MET A 1 210 ? 13.728  -1.393  -0.716  1.00 23.48 ? 210 MET A SD  1 
ATOM   1258 C CE  . MET A 1 210 ? 14.364  -2.790  0.208   1.00 22.65 ? 210 MET A CE  1 
ATOM   1259 N N   . ALA A 1 211 ? 18.975  -0.200  -1.556  1.00 25.77 ? 211 ALA A N   1 
ATOM   1260 C CA  . ALA A 1 211 ? 20.285  -0.265  -0.898  1.00 26.50 ? 211 ALA A CA  1 
ATOM   1261 C C   . ALA A 1 211 ? 20.552  0.966   -0.030  1.00 26.71 ? 211 ALA A C   1 
ATOM   1262 O O   . ALA A 1 211 ? 20.969  0.841   1.123   1.00 27.62 ? 211 ALA A O   1 
ATOM   1263 C CB  . ALA A 1 211 ? 21.399  -0.467  -1.919  1.00 26.17 ? 211 ALA A CB  1 
ATOM   1264 N N   . LYS A 1 212 ? 20.295  2.150   -0.580  1.00 27.35 ? 212 LYS A N   1 
ATOM   1265 C CA  . LYS A 1 212 ? 20.509  3.401   0.144   1.00 27.36 ? 212 LYS A CA  1 
ATOM   1266 C C   . LYS A 1 212 ? 19.442  3.600   1.225   1.00 26.46 ? 212 LYS A C   1 
ATOM   1267 O O   . LYS A 1 212 ? 19.722  4.124   2.306   1.00 26.04 ? 212 LYS A O   1 
ATOM   1268 C CB  . LYS A 1 212 ? 20.548  4.587   -0.834  1.00 29.42 ? 212 LYS A CB  1 
ATOM   1269 C CG  . LYS A 1 212 ? 21.523  4.395   -1.998  1.00 30.61 ? 212 LYS A CG  1 
ATOM   1270 C CD  . LYS A 1 212 ? 21.346  5.416   -3.122  1.00 32.66 ? 212 LYS A CD  1 
ATOM   1271 C CE  . LYS A 1 212 ? 22.204  6.658   -2.920  1.00 34.11 ? 212 LYS A CE  1 
ATOM   1272 N NZ  . LYS A 1 212 ? 22.405  7.405   -4.195  1.00 36.58 ? 212 LYS A NZ  1 
ATOM   1273 N N   . GLY A 1 213 ? 18.219  3.165   0.929   1.00 25.08 ? 213 GLY A N   1 
ATOM   1274 C CA  . GLY A 1 213 ? 17.121  3.264   1.885   1.00 23.92 ? 213 GLY A CA  1 
ATOM   1275 C C   . GLY A 1 213 ? 17.331  2.414   3.129   1.00 23.30 ? 213 GLY A C   1 
ATOM   1276 O O   . GLY A 1 213 ? 17.196  2.901   4.249   1.00 22.88 ? 213 GLY A O   1 
ATOM   1277 N N   . MET A 1 214 ? 17.667  1.144   2.929   1.00 23.68 ? 214 MET A N   1 
ATOM   1278 C CA  . MET A 1 214 ? 17.891  0.245   4.063   1.00 23.05 ? 214 MET A CA  1 
ATOM   1279 C C   . MET A 1 214 ? 19.017  0.757   4.955   1.00 24.54 ? 214 MET A C   1 
ATOM   1280 O O   . MET A 1 214 ? 18.887  0.769   6.179   1.00 24.92 ? 214 MET A O   1 
ATOM   1281 C CB  . MET A 1 214 ? 18.174  -1.176  3.585   1.00 22.41 ? 214 MET A CB  1 
ATOM   1282 C CG  . MET A 1 214 ? 17.008  -1.844  2.871   1.00 21.32 ? 214 MET A CG  1 
ATOM   1283 S SD  . MET A 1 214 ? 15.479  -1.955  3.824   1.00 20.02 ? 214 MET A SD  1 
ATOM   1284 C CE  . MET A 1 214 ? 14.589  -0.519  3.211   1.00 20.54 ? 214 MET A CE  1 
ATOM   1285 N N   . LYS A 1 215 ? 20.103  1.204   4.334   1.00 25.32 ? 215 LYS A N   1 
ATOM   1286 C CA  . LYS A 1 215 ? 21.251  1.702   5.088   1.00 27.64 ? 215 LYS A CA  1 
ATOM   1287 C C   . LYS A 1 215 ? 20.864  2.917   5.916   1.00 27.11 ? 215 LYS A C   1 
ATOM   1288 O O   . LYS A 1 215 ? 21.086  2.959   7.126   1.00 27.71 ? 215 LYS A O   1 
ATOM   1289 C CB  . LYS A 1 215 ? 22.400  2.044   4.142   1.00 29.45 ? 215 LYS A CB  1 
ATOM   1290 C CG  . LYS A 1 215 ? 23.624  2.603   4.841   1.00 32.22 ? 215 LYS A CG  1 
ATOM   1291 C CD  . LYS A 1 215 ? 24.784  2.701   3.869   1.00 34.55 ? 215 LYS A CD  1 
ATOM   1292 C CE  . LYS A 1 215 ? 26.108  2.726   4.610   1.00 35.97 ? 215 LYS A CE  1 
ATOM   1293 N NZ  . LYS A 1 215 ? 27.236  2.423   3.687   1.00 37.95 ? 215 LYS A NZ  1 
ATOM   1294 N N   . ARG A 1 216 ? 20.260  3.898   5.250   1.00 26.63 ? 216 ARG A N   1 
ATOM   1295 C CA  . ARG A 1 216 ? 19.851  5.142   5.885   1.00 26.30 ? 216 ARG A CA  1 
ATOM   1296 C C   . ARG A 1 216 ? 18.933  4.913   7.094   1.00 25.15 ? 216 ARG A C   1 
ATOM   1297 O O   . ARG A 1 216 ? 19.010  5.630   8.086   1.00 25.21 ? 216 ARG A O   1 
ATOM   1298 C CB  . ARG A 1 216 ? 19.174  6.047   4.843   1.00 26.75 ? 216 ARG A CB  1 
ATOM   1299 C CG  . ARG A 1 216 ? 18.909  7.480   5.282   1.00 27.44 ? 216 ARG A CG  1 
ATOM   1300 C CD  . ARG A 1 216 ? 18.357  8.328   4.137   1.00 27.75 ? 216 ARG A CD  1 
ATOM   1301 N NE  . ARG A 1 216 ? 17.069  7.829   3.664   1.00 27.37 ? 216 ARG A NE  1 
ATOM   1302 C CZ  . ARG A 1 216 ? 15.914  8.077   4.272   1.00 27.94 ? 216 ARG A CZ  1 
ATOM   1303 N NH1 . ARG A 1 216 ? 15.893  8.826   5.366   1.00 28.47 ? 216 ARG A NH1 1 
ATOM   1304 N NH2 . ARG A 1 216 ? 14.786  7.581   3.789   1.00 27.71 ? 216 ARG A NH2 1 
ATOM   1305 N N   . LEU A 1 217 ? 18.080  3.895   7.009   1.00 24.51 ? 217 LEU A N   1 
ATOM   1306 C CA  . LEU A 1 217 ? 17.094  3.616   8.049   1.00 23.79 ? 217 LEU A CA  1 
ATOM   1307 C C   . LEU A 1 217 ? 17.546  2.572   9.076   1.00 24.27 ? 217 LEU A C   1 
ATOM   1308 O O   . LEU A 1 217 ? 16.790  2.204   9.976   1.00 25.03 ? 217 LEU A O   1 
ATOM   1309 C CB  . LEU A 1 217 ? 15.760  3.212   7.414   1.00 23.73 ? 217 LEU A CB  1 
ATOM   1310 C CG  . LEU A 1 217 ? 15.143  4.329   6.571   1.00 23.23 ? 217 LEU A CG  1 
ATOM   1311 C CD1 . LEU A 1 217 ? 14.057  3.776   5.662   1.00 22.90 ? 217 LEU A CD1 1 
ATOM   1312 C CD2 . LEU A 1 217 ? 14.609  5.434   7.465   1.00 23.12 ? 217 LEU A CD2 1 
ATOM   1313 N N   . GLY A 1 218 ? 18.780  2.107   8.935   1.00 23.68 ? 218 GLY A N   1 
ATOM   1314 C CA  . GLY A 1 218 ? 19.392  1.258   9.951   1.00 24.52 ? 218 GLY A CA  1 
ATOM   1315 C C   . GLY A 1 218 ? 19.150  -0.232  9.821   1.00 24.18 ? 218 GLY A C   1 
ATOM   1316 O O   . GLY A 1 218 ? 19.476  -0.988  10.739  1.00 23.87 ? 218 GLY A O   1 
ATOM   1317 N N   . LEU A 1 219 ? 18.574  -0.668  8.700   1.00 23.77 ? 219 LEU A N   1 
ATOM   1318 C CA  . LEU A 1 219 ? 18.450  -2.103  8.438   1.00 24.15 ? 219 LEU A CA  1 
ATOM   1319 C C   . LEU A 1 219 ? 19.675  -2.547  7.658   1.00 24.74 ? 219 LEU A C   1 
ATOM   1320 O O   . LEU A 1 219 ? 19.606  -2.749  6.444   1.00 23.53 ? 219 LEU A O   1 
ATOM   1321 C CB  . LEU A 1 219 ? 17.187  -2.442  7.636   1.00 23.96 ? 219 LEU A CB  1 
ATOM   1322 C CG  . LEU A 1 219 ? 15.777  -1.991  8.029   1.00 24.86 ? 219 LEU A CG  1 
ATOM   1323 C CD1 . LEU A 1 219 ? 14.747  -3.078  7.733   1.00 22.83 ? 219 LEU A CD1 1 
ATOM   1324 C CD2 . LEU A 1 219 ? 15.659  -1.502  9.463   1.00 24.23 ? 219 LEU A CD2 1 
ATOM   1325 N N   . ASP A 1 220 ? 20.806  -2.698  8.341   1.00 25.67 ? 220 ASP A N   1 
ATOM   1326 C CA  . ASP A 1 220 ? 22.058  -2.951  7.628   1.00 26.68 ? 220 ASP A CA  1 
ATOM   1327 C C   . ASP A 1 220 ? 22.192  -4.347  7.019   1.00 26.00 ? 220 ASP A C   1 
ATOM   1328 O O   . ASP A 1 220 ? 22.916  -4.513  6.042   1.00 25.74 ? 220 ASP A O   1 
ATOM   1329 C CB  . ASP A 1 220 ? 23.301  -2.567  8.453   1.00 29.38 ? 220 ASP A CB  1 
ATOM   1330 C CG  . ASP A 1 220 ? 23.113  -2.782  9.934   1.00 31.37 ? 220 ASP A CG  1 
ATOM   1331 O OD1 . ASP A 1 220 ? 23.153  -1.781  10.688  1.00 33.51 ? 220 ASP A OD1 1 
ATOM   1332 O OD2 . ASP A 1 220 ? 22.914  -3.940  10.343  1.00 32.95 ? 220 ASP A OD2 1 
ATOM   1333 N N   . GLU A 1 221 ? 21.488  -5.335  7.568   1.00 26.25 ? 221 GLU A N   1 
ATOM   1334 C CA  . GLU A 1 221 ? 21.505  -6.675  6.979   1.00 26.23 ? 221 GLU A CA  1 
ATOM   1335 C C   . GLU A 1 221 ? 20.763  -6.667  5.653   1.00 24.99 ? 221 GLU A C   1 
ATOM   1336 O O   . GLU A 1 221 ? 21.220  -7.249  4.677   1.00 24.72 ? 221 GLU A O   1 
ATOM   1337 C CB  . GLU A 1 221 ? 20.877  -7.706  7.910   1.00 28.03 ? 221 GLU A CB  1 
ATOM   1338 C CG  . GLU A 1 221 ? 21.759  -8.085  9.086   1.00 30.31 ? 221 GLU A CG  1 
ATOM   1339 C CD  . GLU A 1 221 ? 21.230  -9.275  9.866   1.00 31.55 ? 221 GLU A CD  1 
ATOM   1340 O OE1 . GLU A 1 221 ? 20.013  -9.556  9.798   1.00 33.48 ? 221 GLU A OE1 1 
ATOM   1341 O OE2 . GLU A 1 221 ? 22.039  -9.935  10.553  1.00 33.26 ? 221 GLU A OE2 1 
ATOM   1342 N N   . GLU A 1 222 ? 19.614  -6.001  5.642   1.00 23.86 ? 222 GLU A N   1 
ATOM   1343 C CA  . GLU A 1 222 ? 18.807  -5.860  4.433   1.00 23.39 ? 222 GLU A CA  1 
ATOM   1344 C C   . GLU A 1 222 ? 19.572  -5.040  3.403   1.00 23.49 ? 222 GLU A C   1 
ATOM   1345 O O   . GLU A 1 222 ? 19.577  -5.372  2.222   1.00 22.81 ? 222 GLU A O   1 
ATOM   1346 C CB  . GLU A 1 222 ? 17.454  -5.215  4.752   1.00 23.37 ? 222 GLU A CB  1 
ATOM   1347 C CG  . GLU A 1 222 ? 16.475  -6.118  5.498   1.00 23.92 ? 222 GLU A CG  1 
ATOM   1348 C CD  . GLU A 1 222 ? 16.759  -6.246  6.989   1.00 24.75 ? 222 GLU A CD  1 
ATOM   1349 O OE1 . GLU A 1 222 ? 17.573  -5.470  7.534   1.00 25.02 ? 222 GLU A OE1 1 
ATOM   1350 O OE2 . GLU A 1 222 ? 16.155  -7.137  7.622   1.00 25.92 ? 222 GLU A OE2 1 
ATOM   1351 N N   . ALA A 1 223 ? 20.237  -3.981  3.856   1.00 22.94 ? 223 ALA A N   1 
ATOM   1352 C CA  . ALA A 1 223 ? 21.082  -3.186  2.968   1.00 23.21 ? 223 ALA A CA  1 
ATOM   1353 C C   . ALA A 1 223 ? 22.136  -4.056  2.296   1.00 23.63 ? 223 ALA A C   1 
ATOM   1354 O O   . ALA A 1 223 ? 22.383  -3.945  1.095   1.00 23.17 ? 223 ALA A O   1 
ATOM   1355 C CB  . ALA A 1 223 ? 21.740  -2.050  3.735   1.00 23.31 ? 223 ALA A CB  1 
ATOM   1356 N N   . ALA A 1 224 ? 22.751  -4.937  3.080   1.00 23.94 ? 224 ALA A N   1 
ATOM   1357 C CA  . ALA A 1 224 ? 23.791  -5.810  2.557   1.00 24.42 ? 224 ALA A CA  1 
ATOM   1358 C C   . ALA A 1 224 ? 23.245  -6.781  1.505   1.00 23.89 ? 224 ALA A C   1 
ATOM   1359 O O   . ALA A 1 224 ? 23.925  -7.075  0.525   1.00 24.22 ? 224 ALA A O   1 
ATOM   1360 C CB  . ALA A 1 224 ? 24.469  -6.561  3.693   1.00 24.01 ? 224 ALA A CB  1 
ATOM   1361 N N   . GLU A 1 225 ? 22.019  -7.267  1.711   1.00 24.57 ? 225 GLU A N   1 
ATOM   1362 C CA  . GLU A 1 225 ? 21.355  -8.132  0.733   1.00 24.90 ? 225 GLU A CA  1 
ATOM   1363 C C   . GLU A 1 225 ? 21.159  -7.388  -0.586  1.00 24.08 ? 225 GLU A C   1 
ATOM   1364 O O   . GLU A 1 225 ? 21.483  -7.905  -1.656  1.00 24.16 ? 225 GLU A O   1 
ATOM   1365 C CB  . GLU A 1 225 ? 19.999  -8.620  1.250   1.00 26.14 ? 225 GLU A CB  1 
ATOM   1366 C CG  . GLU A 1 225 ? 20.039  -9.451  2.522   1.00 28.43 ? 225 GLU A CG  1 
ATOM   1367 C CD  . GLU A 1 225 ? 20.257  -10.929 2.268   1.00 30.37 ? 225 GLU A CD  1 
ATOM   1368 O OE1 . GLU A 1 225 ? 19.949  -11.721 3.173   1.00 33.64 ? 225 GLU A OE1 1 
ATOM   1369 O OE2 . GLU A 1 225 ? 20.722  -11.310 1.177   1.00 31.66 ? 225 GLU A OE2 1 
ATOM   1370 N N   . VAL A 1 226 ? 20.637  -6.168  -0.501  1.00 24.31 ? 226 VAL A N   1 
ATOM   1371 C CA  . VAL A 1 226 ? 20.392  -5.372  -1.701  1.00 24.22 ? 226 VAL A CA  1 
ATOM   1372 C C   . VAL A 1 226 ? 21.702  -5.064  -2.422  1.00 24.44 ? 226 VAL A C   1 
ATOM   1373 O O   . VAL A 1 226 ? 21.777  -5.158  -3.648  1.00 24.65 ? 226 VAL A O   1 
ATOM   1374 C CB  . VAL A 1 226 ? 19.642  -4.060  -1.404  1.00 24.26 ? 226 VAL A CB  1 
ATOM   1375 C CG1 . VAL A 1 226 ? 19.366  -3.319  -2.706  1.00 24.54 ? 226 VAL A CG1 1 
ATOM   1376 C CG2 . VAL A 1 226 ? 18.338  -4.326  -0.665  1.00 24.30 ? 226 VAL A CG2 1 
ATOM   1377 N N   . GLU A 1 227 ? 22.742  -4.718  -1.667  1.00 25.13 ? 227 GLU A N   1 
ATOM   1378 C CA  . GLU A 1 227 ? 24.042  -4.463  -2.277  1.00 26.02 ? 227 GLU A CA  1 
ATOM   1379 C C   . GLU A 1 227 ? 24.549  -5.688  -3.041  1.00 25.06 ? 227 GLU A C   1 
ATOM   1380 O O   . GLU A 1 227 ? 25.150  -5.553  -4.100  1.00 24.88 ? 227 GLU A O   1 
ATOM   1381 C CB  . GLU A 1 227 ? 25.057  -3.991  -1.234  1.00 28.18 ? 227 GLU A CB  1 
ATOM   1382 C CG  . GLU A 1 227 ? 24.719  -2.628  -0.643  1.00 30.65 ? 227 GLU A CG  1 
ATOM   1383 C CD  . GLU A 1 227 ? 25.743  -2.130  0.366   1.00 33.88 ? 227 GLU A CD  1 
ATOM   1384 O OE1 . GLU A 1 227 ? 26.719  -2.856  0.655   1.00 37.09 ? 227 GLU A OE1 1 
ATOM   1385 O OE2 . GLU A 1 227 ? 25.570  -1.001  0.871   1.00 36.27 ? 227 GLU A OE2 1 
ATOM   1386 N N   . ALA A 1 228 ? 24.284  -6.879  -2.510  1.00 24.36 ? 228 ALA A N   1 
ATOM   1387 C CA  . ALA A 1 228 ? 24.619  -8.126  -3.197  1.00 24.58 ? 228 ALA A CA  1 
ATOM   1388 C C   . ALA A 1 228 ? 23.843  -8.244  -4.516  1.00 24.81 ? 228 ALA A C   1 
ATOM   1389 O O   . ALA A 1 228 ? 24.413  -8.575  -5.558  1.00 24.94 ? 228 ALA A O   1 
ATOM   1390 C CB  . ALA A 1 228 ? 24.342  -9.320  -2.290  1.00 23.83 ? 228 ALA A CB  1 
ATOM   1391 N N   . ASP A 1 229 ? 22.545  -7.948  -4.468  1.00 24.99 ? 229 ASP A N   1 
ATOM   1392 C CA  . ASP A 1 229 ? 21.709  -7.973  -5.669  1.00 25.74 ? 229 ASP A CA  1 
ATOM   1393 C C   . ASP A 1 229 ? 22.171  -6.943  -6.704  1.00 25.42 ? 229 ASP A C   1 
ATOM   1394 O O   . ASP A 1 229 ? 22.256  -7.250  -7.894  1.00 26.41 ? 229 ASP A O   1 
ATOM   1395 C CB  . ASP A 1 229 ? 20.236  -7.730  -5.311  1.00 26.10 ? 229 ASP A CB  1 
ATOM   1396 C CG  . ASP A 1 229 ? 19.645  -8.831  -4.445  1.00 26.96 ? 229 ASP A CG  1 
ATOM   1397 O OD1 . ASP A 1 229 ? 20.230  -9.935  -4.376  1.00 27.18 ? 229 ASP A OD1 1 
ATOM   1398 O OD2 . ASP A 1 229 ? 18.582  -8.591  -3.828  1.00 28.40 ? 229 ASP A OD2 1 
ATOM   1399 N N   . LEU A 1 230 ? 22.461  -5.728  -6.245  1.00 25.25 ? 230 LEU A N   1 
ATOM   1400 C CA  . LEU A 1 230 ? 22.993  -4.671  -7.108  1.00 25.73 ? 230 LEU A CA  1 
ATOM   1401 C C   . LEU A 1 230 ? 24.322  -5.082  -7.747  1.00 26.62 ? 230 LEU A C   1 
ATOM   1402 O O   . LEU A 1 230 ? 24.519  -4.889  -8.951  1.00 27.21 ? 230 LEU A O   1 
ATOM   1403 C CB  . LEU A 1 230 ? 23.146  -3.357  -6.333  1.00 25.85 ? 230 LEU A CB  1 
ATOM   1404 C CG  . LEU A 1 230 ? 23.771  -2.172  -7.078  1.00 26.07 ? 230 LEU A CG  1 
ATOM   1405 C CD1 . LEU A 1 230 ? 23.096  -1.923  -8.423  1.00 25.84 ? 230 LEU A CD1 1 
ATOM   1406 C CD2 . LEU A 1 230 ? 23.738  -0.920  -6.217  1.00 27.07 ? 230 LEU A CD2 1 
ATOM   1407 N N   . ALA A 1 231 ? 25.217  -5.663  -6.948  1.00 26.74 ? 231 ALA A N   1 
ATOM   1408 C CA  . ALA A 1 231 ? 26.495  -6.161  -7.470  1.00 27.81 ? 231 ALA A CA  1 
ATOM   1409 C C   . ALA A 1 231 ? 26.269  -7.216  -8.551  1.00 28.80 ? 231 ALA A C   1 
ATOM   1410 O O   . ALA A 1 231 ? 26.929  -7.200  -9.591  1.00 30.51 ? 231 ALA A O   1 
ATOM   1411 C CB  . ALA A 1 231 ? 27.367  -6.715  -6.349  1.00 27.80 ? 231 ALA A CB  1 
ATOM   1412 N N   . ASP A 1 232 ? 25.325  -8.120  -8.296  1.00 28.99 ? 232 ASP A N   1 
ATOM   1413 C CA  . ASP A 1 232 ? 24.944  -9.150  -9.253  1.00 30.46 ? 232 ASP A CA  1 
ATOM   1414 C C   . ASP A 1 232 ? 24.474  -8.487  -10.548 1.00 31.16 ? 232 ASP A C   1 
ATOM   1415 O O   . ASP A 1 232 ? 24.872  -8.888  -11.642 1.00 31.79 ? 232 ASP A O   1 
ATOM   1416 C CB  . ASP A 1 232 ? 23.846  -10.032 -8.659  1.00 31.08 ? 232 ASP A CB  1 
ATOM   1417 C CG  . ASP A 1 232 ? 23.544  -11.253 -9.507  1.00 32.77 ? 232 ASP A CG  1 
ATOM   1418 O OD1 . ASP A 1 232 ? 24.099  -12.328 -9.207  1.00 34.04 ? 232 ASP A OD1 1 
ATOM   1419 O OD2 . ASP A 1 232 ? 22.746  -11.147 -10.466 1.00 33.80 ? 232 ASP A OD2 1 
ATOM   1420 N N   . TRP A 1 233 ? 23.640  -7.457  -10.415 1.00 31.03 ? 233 TRP A N   1 
ATOM   1421 C CA  . TRP A 1 233 ? 23.184  -6.690  -11.570 1.00 32.63 ? 233 TRP A CA  1 
ATOM   1422 C C   . TRP A 1 233 ? 24.337  -6.044  -12.300 1.00 32.69 ? 233 TRP A C   1 
ATOM   1423 O O   . TRP A 1 233 ? 24.445  -6.160  -13.518 1.00 33.26 ? 233 TRP A O   1 
ATOM   1424 C CB  . TRP A 1 233 ? 22.124  -5.669  -11.151 1.00 32.71 ? 233 TRP A CB  1 
ATOM   1425 C CG  . TRP A 1 233 ? 21.511  -4.923  -12.299 1.00 33.77 ? 233 TRP A CG  1 
ATOM   1426 C CD1 . TRP A 1 233 ? 20.366  -5.249  -13.015 1.00 33.86 ? 233 TRP A CD1 1 
ATOM   1427 C CD2 . TRP A 1 233 ? 22.008  -3.695  -12.906 1.00 34.61 ? 233 TRP A CD2 1 
ATOM   1428 N NE1 . TRP A 1 233 ? 20.126  -4.326  -13.998 1.00 34.61 ? 233 TRP A NE1 1 
ATOM   1429 C CE2 . TRP A 1 233 ? 21.076  -3.367  -13.988 1.00 35.13 ? 233 TRP A CE2 1 
ATOM   1430 C CE3 . TRP A 1 233 ? 23.095  -2.864  -12.672 1.00 35.13 ? 233 TRP A CE3 1 
ATOM   1431 C CZ2 . TRP A 1 233 ? 21.244  -2.248  -14.785 1.00 35.95 ? 233 TRP A CZ2 1 
ATOM   1432 C CZ3 . TRP A 1 233 ? 23.256  -1.736  -13.485 1.00 36.10 ? 233 TRP A CZ3 1 
ATOM   1433 C CH2 . TRP A 1 233 ? 22.352  -1.438  -14.516 1.00 36.33 ? 233 TRP A CH2 1 
ATOM   1434 N N   . GLU A 1 234 ? 25.226  -5.381  -11.566 1.00 33.72 ? 234 GLU A N   1 
ATOM   1435 C CA  . GLU A 1 234 ? 26.353  -4.683  -12.186 1.00 35.08 ? 234 GLU A CA  1 
ATOM   1436 C C   . GLU A 1 234 ? 27.252  -5.629  -12.984 1.00 35.69 ? 234 GLU A C   1 
ATOM   1437 O O   . GLU A 1 234 ? 27.661  -5.306  -14.097 1.00 36.83 ? 234 GLU A O   1 
ATOM   1438 C CB  . GLU A 1 234 ? 27.165  -3.926  -11.138 1.00 35.49 ? 234 GLU A CB  1 
ATOM   1439 C CG  . GLU A 1 234 ? 26.530  -2.624  -10.681 1.00 35.86 ? 234 GLU A CG  1 
ATOM   1440 C CD  . GLU A 1 234 ? 27.244  -2.022  -9.487  1.00 36.42 ? 234 GLU A CD  1 
ATOM   1441 O OE1 . GLU A 1 234 ? 27.985  -2.756  -8.797  1.00 36.80 ? 234 GLU A OE1 1 
ATOM   1442 O OE2 . GLU A 1 234 ? 27.063  -0.811  -9.234  1.00 36.77 ? 234 GLU A OE2 1 
ATOM   1443 N N   . ALA A 1 235 ? 27.542  -6.802  -12.421 1.00 35.31 ? 235 ALA A N   1 
ATOM   1444 C CA  . ALA A 1 235 ? 28.396  -7.785  -13.098 1.00 35.58 ? 235 ALA A CA  1 
ATOM   1445 C C   . ALA A 1 235 ? 27.789  -8.243  -14.428 1.00 36.66 ? 235 ALA A C   1 
ATOM   1446 O O   . ALA A 1 235 ? 28.509  -8.701  -15.321 1.00 36.58 ? 235 ALA A O   1 
ATOM   1447 C CB  . ALA A 1 235 ? 28.677  -8.973  -12.190 1.00 34.53 ? 235 ALA A CB  1 
ATOM   1448 N N   . ARG A 1 236 ? 26.469  -8.105  -14.547 1.00 37.36 ? 236 ARG A N   1 
ATOM   1449 C CA  . ARG A 1 236 ? 25.751  -8.386  -15.789 1.00 39.08 ? 236 ARG A CA  1 
ATOM   1450 C C   . ARG A 1 236 ? 25.812  -7.187  -16.740 1.00 41.07 ? 236 ARG A C   1 
ATOM   1451 O O   . ARG A 1 236 ? 26.145  -7.348  -17.915 1.00 42.04 ? 236 ARG A O   1 
ATOM   1452 C CB  . ARG A 1 236 ? 24.293  -8.772  -15.504 1.00 39.07 ? 236 ARG A CB  1 
ATOM   1453 C CG  . ARG A 1 236 ? 24.097  -10.143 -14.871 1.00 38.76 ? 236 ARG A CG  1 
ATOM   1454 C CD  . ARG A 1 236 ? 22.621  -10.430 -14.628 1.00 38.76 ? 236 ARG A CD  1 
ATOM   1455 N NE  . ARG A 1 236 ? 22.200  -10.115 -13.262 1.00 38.20 ? 236 ARG A NE  1 
ATOM   1456 C CZ  . ARG A 1 236 ? 21.033  -9.560  -12.942 1.00 38.81 ? 236 ARG A CZ  1 
ATOM   1457 N NH1 . ARG A 1 236 ? 20.159  -9.239  -13.888 1.00 39.52 ? 236 ARG A NH1 1 
ATOM   1458 N NH2 . ARG A 1 236 ? 20.739  -9.315  -11.675 1.00 37.94 ? 236 ARG A NH2 1 
ATOM   1459 N N   . HIS A 1 237 ? 25.483  -5.994  -16.233 1.00 42.97 ? 237 HIS A N   1 
ATOM   1460 C CA  . HIS A 1 237 ? 25.648  -4.743  -16.995 1.00 44.34 ? 237 HIS A CA  1 
ATOM   1461 C C   . HIS A 1 237 ? 26.379  -3.706  -16.186 1.00 45.14 ? 237 HIS A C   1 
ATOM   1462 O O   . HIS A 1 237 ? 27.555  -3.419  -16.428 1.00 47.09 ? 237 HIS A O   1 
ATOM   1463 C CB  . HIS A 1 237 ? 24.312  -4.161  -17.464 1.00 45.20 ? 237 HIS A CB  1 
ATOM   1464 C CG  . HIS A 1 237 ? 23.148  -5.115  -17.367 1.00 45.60 ? 237 HIS A CG  1 
ATOM   1465 N ND1 . HIS A 1 237 ? 22.635  -5.751  -18.438 1.00 46.46 ? 237 HIS A ND1 1 
ATOM   1466 C CD2 . HIS A 1 237 ? 22.389  -5.513  -16.271 1.00 44.84 ? 237 HIS A CD2 1 
ATOM   1467 C CE1 . HIS A 1 237 ? 21.604  -6.525  -18.045 1.00 46.46 ? 237 HIS A CE1 1 
ATOM   1468 N NE2 . HIS A 1 237 ? 21.455  -6.375  -16.718 1.00 46.11 ? 237 HIS A NE2 1 
HETATM 1469 O O   . HOH B 2 .   ? 8.069   -0.569  7.925   1.00 20.58 ? 301 HOH A O   1 
HETATM 1470 O O   . HOH B 2 .   ? 10.326  -0.429  9.653   1.00 24.58 ? 302 HOH A O   1 
HETATM 1471 O O   . HOH B 2 .   ? -9.131  10.464  9.422   1.00 20.35 ? 303 HOH A O   1 
HETATM 1472 O O   . HOH B 2 .   ? 4.842   -4.591  6.176   1.00 22.37 ? 304 HOH A O   1 
HETATM 1473 O O   . HOH B 2 .   ? 25.911  -12.726 -7.219  1.00 18.19 ? 305 HOH A O   1 
HETATM 1474 O O   . HOH B 2 .   ? -16.287 -4.555  0.965   1.00 23.32 ? 306 HOH A O   1 
HETATM 1475 O O   . HOH B 2 .   ? 21.257  -0.206  12.889  1.00 22.47 ? 307 HOH A O   1 
HETATM 1476 O O   . HOH B 2 .   ? 19.312  -5.310  9.823   1.00 24.18 ? 308 HOH A O   1 
HETATM 1477 O O   . HOH B 2 .   ? -3.996  -0.865  7.085   1.00 21.74 ? 309 HOH A O   1 
HETATM 1478 O O   . HOH B 2 .   ? -11.547 -8.079  -3.875  1.00 23.13 ? 310 HOH A O   1 
HETATM 1479 O O   . HOH B 2 .   ? -23.752 3.634   -4.787  1.00 26.19 ? 311 HOH A O   1 
HETATM 1480 O O   . HOH B 2 .   ? -7.886  -7.470  -2.281  1.00 24.82 ? 312 HOH A O   1 
HETATM 1481 O O   . HOH B 2 .   ? 6.393   8.764   0.846   1.00 23.31 ? 313 HOH A O   1 
HETATM 1482 O O   . HOH B 2 .   ? -13.001 13.906  19.132  1.00 24.85 ? 314 HOH A O   1 
HETATM 1483 O O   . HOH B 2 .   ? -23.185 2.690   1.977   1.00 25.91 ? 315 HOH A O   1 
HETATM 1484 O O   . HOH B 2 .   ? 26.465  -10.550 -5.523  1.00 23.70 ? 316 HOH A O   1 
HETATM 1485 O O   . HOH B 2 .   ? 12.518  0.529   -11.069 1.00 26.37 ? 317 HOH A O   1 
HETATM 1486 O O   . HOH B 2 .   ? -12.372 -0.700  6.612   1.00 23.05 ? 318 HOH A O   1 
HETATM 1487 O O   . HOH B 2 .   ? -19.282 -0.607  -1.005  1.00 26.90 ? 319 HOH A O   1 
HETATM 1488 O O   . HOH B 2 .   ? -9.774  -1.308  -8.246  1.00 30.64 ? 320 HOH A O   1 
HETATM 1489 O O   . HOH B 2 .   ? -8.148  3.358   9.343   1.00 29.70 ? 321 HOH A O   1 
HETATM 1490 O O   . HOH B 2 .   ? 16.031  6.601   1.239   1.00 26.84 ? 322 HOH A O   1 
HETATM 1491 O O   . HOH B 2 .   ? -6.259  10.546  9.983   1.00 27.29 ? 323 HOH A O   1 
HETATM 1492 O O   . HOH B 2 .   ? 8.709   -10.583 2.041   1.00 30.45 ? 324 HOH A O   1 
HETATM 1493 O O   . HOH B 2 .   ? 14.639  6.348   -2.936  1.00 24.95 ? 325 HOH A O   1 
HETATM 1494 O O   . HOH B 2 .   ? -18.972 -1.567  -4.675  1.00 30.43 ? 326 HOH A O   1 
HETATM 1495 O O   . HOH B 2 .   ? -5.018  -0.361  -5.219  1.00 32.90 ? 327 HOH A O   1 
HETATM 1496 O O   . HOH B 2 .   ? 23.152  -9.412  4.896   1.00 33.51 ? 328 HOH A O   1 
HETATM 1497 O O   . HOH B 2 .   ? 7.414   11.196  1.793   1.00 25.90 ? 329 HOH A O   1 
HETATM 1498 O O   . HOH B 2 .   ? 24.957  -2.483  12.772  1.00 32.03 ? 330 HOH A O   1 
HETATM 1499 O O   . HOH B 2 .   ? -0.704  -5.515  -8.128  1.00 33.21 ? 331 HOH A O   1 
HETATM 1500 O O   . HOH B 2 .   ? 11.553  2.126   10.109  1.00 31.18 ? 332 HOH A O   1 
HETATM 1501 O O   . HOH B 2 .   ? -9.956  -0.915  8.181   1.00 28.18 ? 333 HOH A O   1 
HETATM 1502 O O   . HOH B 2 .   ? 3.152   6.252   7.867   1.00 31.85 ? 334 HOH A O   1 
HETATM 1503 O O   . HOH B 2 .   ? 0.978   -2.942  11.820  1.00 28.77 ? 335 HOH A O   1 
HETATM 1504 O O   . HOH B 2 .   ? 14.161  3.194   10.709  1.00 33.35 ? 336 HOH A O   1 
HETATM 1505 O O   . HOH B 2 .   ? -24.944 6.898   0.866   1.00 33.18 ? 337 HOH A O   1 
HETATM 1506 O O   . HOH B 2 .   ? -12.865 14.503  -4.289  1.00 35.80 ? 338 HOH A O   1 
HETATM 1507 O O   . HOH B 2 .   ? -14.572 14.855  15.553  1.00 30.32 ? 339 HOH A O   1 
HETATM 1508 O O   . HOH B 2 .   ? -21.550 -3.358  -1.943  1.00 40.56 ? 340 HOH A O   1 
HETATM 1509 O O   . HOH B 2 .   ? -3.188  2.182   13.228  1.00 30.08 ? 341 HOH A O   1 
HETATM 1510 O O   . HOH B 2 .   ? 7.016   -3.756  -15.727 1.00 36.90 ? 342 HOH A O   1 
HETATM 1511 O O   . HOH B 2 .   ? -24.867 -0.236  6.246   1.00 34.77 ? 343 HOH A O   1 
HETATM 1512 O O   . HOH B 2 .   ? -5.011  -9.225  2.014   1.00 28.90 ? 344 HOH A O   1 
HETATM 1513 O O   . HOH B 2 .   ? -10.454 -5.653  3.366   1.00 29.79 ? 345 HOH A O   1 
HETATM 1514 O O   . HOH B 2 .   ? 22.082  -13.035 -0.137  1.00 31.94 ? 346 HOH A O   1 
HETATM 1515 O O   . HOH B 2 .   ? 4.162   1.961   14.738  1.00 37.86 ? 347 HOH A O   1 
HETATM 1516 O O   . HOH B 2 .   ? 6.414   7.360   -4.883  1.00 35.24 ? 348 HOH A O   1 
HETATM 1517 O O   . HOH B 2 .   ? 14.394  7.469   -5.715  1.00 28.69 ? 349 HOH A O   1 
HETATM 1518 O O   . HOH B 2 .   ? -7.495  4.131   12.309  1.00 38.03 ? 350 HOH A O   1 
HETATM 1519 O O   . HOH B 2 .   ? -15.499 7.560   -8.864  1.00 34.13 ? 351 HOH A O   1 
HETATM 1520 O O   . HOH B 2 .   ? -7.801  0.873   8.303   1.00 33.28 ? 352 HOH A O   1 
HETATM 1521 O O   . HOH B 2 .   ? 5.205   12.582  2.408   1.00 30.84 ? 353 HOH A O   1 
HETATM 1522 O O   . HOH B 2 .   ? -5.389  12.010  2.824   1.00 31.86 ? 354 HOH A O   1 
HETATM 1523 O O   . HOH B 2 .   ? -11.490 -8.044  -9.203  1.00 34.62 ? 355 HOH A O   1 
HETATM 1524 O O   . HOH B 2 .   ? 20.131  -9.086  -9.070  1.00 32.74 ? 356 HOH A O   1 
HETATM 1525 O O   . HOH B 2 .   ? -20.301 14.478  9.430   1.00 38.12 ? 357 HOH A O   1 
HETATM 1526 O O   . HOH B 2 .   ? 7.204   -0.785  -15.574 1.00 32.09 ? 358 HOH A O   1 
HETATM 1527 O O   . HOH B 2 .   ? -10.555 12.425  10.678  1.00 34.07 ? 359 HOH A O   1 
HETATM 1528 O O   . HOH B 2 .   ? 16.628  5.558   -1.084  1.00 30.14 ? 360 HOH A O   1 
HETATM 1529 O O   . HOH B 2 .   ? -13.328 17.908  6.910   1.00 35.20 ? 361 HOH A O   1 
HETATM 1530 O O   . HOH B 2 .   ? -4.396  10.672  0.338   1.00 31.69 ? 362 HOH A O   1 
HETATM 1531 O O   . HOH B 2 .   ? -14.594 -2.351  7.011   1.00 36.49 ? 363 HOH A O   1 
HETATM 1532 O O   . HOH B 2 .   ? -5.473  -0.260  9.440   1.00 33.63 ? 364 HOH A O   1 
HETATM 1533 O O   . HOH B 2 .   ? -27.377 -0.329  -5.898  1.00 40.80 ? 365 HOH A O   1 
HETATM 1534 O O   . HOH B 2 .   ? 8.436   6.024   9.987   1.00 31.91 ? 366 HOH A O   1 
HETATM 1535 O O   . HOH B 2 .   ? 6.270   -14.573 -8.671  1.00 44.86 ? 367 HOH A O   1 
HETATM 1536 O O   . HOH B 2 .   ? -27.230 1.310   -4.240  1.00 42.38 ? 368 HOH A O   1 
HETATM 1537 O O   . HOH B 2 .   ? 4.778   -0.116  12.789  1.00 38.95 ? 369 HOH A O   1 
HETATM 1538 O O   . HOH B 2 .   ? -17.306 8.383   17.343  1.00 30.97 ? 370 HOH A O   1 
HETATM 1539 O O   . HOH B 2 .   ? -26.595 3.907   -4.543  1.00 38.58 ? 371 HOH A O   1 
HETATM 1540 O O   . HOH B 2 .   ? -3.389  12.985  4.568   1.00 30.80 ? 372 HOH A O   1 
HETATM 1541 O O   . HOH B 2 .   ? 3.320   8.652   -3.982  1.00 38.41 ? 373 HOH A O   1 
HETATM 1542 O O   . HOH B 2 .   ? -7.387  0.056   -7.595  1.00 36.37 ? 374 HOH A O   1 
HETATM 1543 O O   . HOH B 2 .   ? -7.315  -8.460  -4.976  1.00 35.00 ? 375 HOH A O   1 
HETATM 1544 O O   . HOH B 2 .   ? -20.817 8.397   -9.260  1.00 43.17 ? 376 HOH A O   1 
HETATM 1545 O O   . HOH B 2 .   ? 14.134  -11.006 -9.928  1.00 45.90 ? 377 HOH A O   1 
HETATM 1546 O O   . HOH B 2 .   ? -18.071 16.354  2.985   1.00 39.04 ? 378 HOH A O   1 
HETATM 1547 O O   . HOH B 2 .   ? 0.052   7.602   16.917  1.00 34.37 ? 379 HOH A O   1 
HETATM 1548 O O   . HOH B 2 .   ? -27.519 10.096  -7.570  1.00 34.35 ? 380 HOH A O   1 
HETATM 1549 O O   . HOH B 2 .   ? 17.260  3.982   -13.558 1.00 32.87 ? 381 HOH A O   1 
HETATM 1550 O O   . HOH B 2 .   ? -10.788 19.191  5.860   1.00 36.40 ? 382 HOH A O   1 
HETATM 1551 O O   . HOH B 2 .   ? 9.557   -4.696  -16.247 1.00 40.09 ? 383 HOH A O   1 
HETATM 1552 O O   . HOH B 2 .   ? -3.257  -0.640  12.155  1.00 39.29 ? 384 HOH A O   1 
HETATM 1553 O O   . HOH B 2 .   ? 17.262  -7.973  10.145  1.00 41.03 ? 385 HOH A O   1 
HETATM 1554 O O   . HOH B 2 .   ? -8.572  -5.773  -17.576 1.00 46.32 ? 386 HOH A O   1 
HETATM 1555 O O   . HOH B 2 .   ? 7.203   -7.683  -14.592 1.00 43.72 ? 387 HOH A O   1 
HETATM 1556 O O   . HOH B 2 .   ? -13.792 -3.424  14.041  1.00 42.01 ? 388 HOH A O   1 
HETATM 1557 O O   . HOH B 2 .   ? -13.970 15.695  11.371  1.00 39.51 ? 389 HOH A O   1 
HETATM 1558 O O   . HOH B 2 .   ? 18.805  6.901   -1.862  1.00 32.95 ? 390 HOH A O   1 
HETATM 1559 O O   . HOH B 2 .   ? 1.280   4.826   -13.893 1.00 36.79 ? 391 HOH A O   1 
HETATM 1560 O O   . HOH B 2 .   ? -3.036  1.821   15.912  1.00 36.33 ? 392 HOH A O   1 
HETATM 1561 O O   . HOH B 2 .   ? -6.779  -11.747 -3.644  1.00 41.54 ? 393 HOH A O   1 
HETATM 1562 O O   . HOH B 2 .   ? -25.874 -1.335  -4.131  1.00 44.77 ? 394 HOH A O   1 
HETATM 1563 O O   . HOH B 2 .   ? -20.782 -3.410  -6.480  1.00 36.51 ? 395 HOH A O   1 
HETATM 1564 O O   . HOH B 2 .   ? 6.399   -4.665  8.397   1.00 35.63 ? 396 HOH A O   1 
HETATM 1565 O O   . HOH B 2 .   ? 10.329  2.885   12.689  1.00 41.05 ? 397 HOH A O   1 
HETATM 1566 O O   . HOH B 2 .   ? -23.560 -2.636  -3.532  1.00 42.57 ? 398 HOH A O   1 
HETATM 1567 O O   . HOH B 2 .   ? -27.553 4.274   -6.757  1.00 44.06 ? 399 HOH A O   1 
HETATM 1568 O O   . HOH B 2 .   ? 1.460   -10.705 4.045   1.00 31.26 ? 400 HOH A O   1 
HETATM 1569 O O   . HOH B 2 .   ? 28.194  -5.478  -18.934 1.00 52.06 ? 401 HOH A O   1 
HETATM 1570 O O   . HOH B 2 .   ? -8.964  -8.768  -14.928 1.00 43.77 ? 402 HOH A O   1 
HETATM 1571 O O   . HOH B 2 .   ? -8.388  -9.706  -0.830  1.00 44.57 ? 403 HOH A O   1 
HETATM 1572 O O   . HOH B 2 .   ? 26.985  -3.375  -4.004  1.00 38.63 ? 404 HOH A O   1 
HETATM 1573 O O   . HOH B 2 .   ? 2.816   2.924   -15.396 1.00 43.34 ? 405 HOH A O   1 
HETATM 1574 O O   . HOH B 2 .   ? 8.856   -9.305  8.173   1.00 47.48 ? 406 HOH A O   1 
HETATM 1575 O O   . HOH B 2 .   ? 6.533   3.560   14.288  1.00 45.93 ? 407 HOH A O   1 
HETATM 1576 O O   . HOH B 2 .   ? 7.030   -3.313  10.597  1.00 36.20 ? 408 HOH A O   1 
HETATM 1577 O O   . HOH B 2 .   ? -23.200 -1.876  4.820   1.00 37.50 ? 409 HOH A O   1 
HETATM 1578 O O   . HOH B 2 .   ? -29.424 5.426   -5.289  1.00 44.06 ? 410 HOH A O   1 
HETATM 1579 O O   . HOH B 2 .   ? -3.660  -5.808  -10.231 1.00 42.25 ? 411 HOH A O   1 
HETATM 1580 O O   . HOH B 2 .   ? 4.840   2.267   -16.433 1.00 39.15 ? 412 HOH A O   1 
HETATM 1581 O O   . HOH B 2 .   ? 2.686   6.680   -15.403 1.00 35.82 ? 413 HOH A O   1 
HETATM 1582 O O   . HOH B 2 .   ? 6.652   6.531   13.891  1.00 41.40 ? 414 HOH A O   1 
HETATM 1583 O O   . HOH B 2 .   ? -14.841 12.589  -4.900  1.00 36.39 ? 415 HOH A O   1 
HETATM 1584 O O   . HOH B 2 .   ? 6.872   -14.227 -3.596  1.00 43.79 ? 416 HOH A O   1 
HETATM 1585 O O   . HOH B 2 .   ? 7.119   9.703   -1.829  1.00 38.69 ? 417 HOH A O   1 
HETATM 1586 O O   . HOH B 2 .   ? 6.339   7.191   11.555  1.00 36.63 ? 418 HOH A O   1 
HETATM 1587 O O   . HOH B 2 .   ? -14.897 19.458  5.152   1.00 38.70 ? 419 HOH A O   1 
HETATM 1588 O O   . HOH B 2 .   ? -25.219 4.146   0.648   1.00 35.49 ? 420 HOH A O   1 
HETATM 1589 O O   . HOH B 2 .   ? 10.067  -10.364 -14.267 1.00 42.12 ? 421 HOH A O   1 
HETATM 1590 O O   . HOH B 2 .   ? 4.229   7.513   9.900   1.00 39.12 ? 422 HOH A O   1 
HETATM 1591 O O   . HOH B 2 .   ? 6.611   -7.854  8.535   1.00 43.57 ? 423 HOH A O   1 
HETATM 1592 O O   . HOH B 2 .   ? 19.341  -11.505 7.457   1.00 46.89 ? 424 HOH A O   1 
HETATM 1593 O O   . HOH B 2 .   ? -13.618 20.133  2.917   1.00 46.26 ? 425 HOH A O   1 
HETATM 1594 O O   . HOH B 2 .   ? 10.434  -11.418 5.543   1.00 52.31 ? 426 HOH A O   1 
HETATM 1595 O O   . HOH B 2 .   ? 9.915   -1.824  11.858  1.00 30.65 ? 427 HOH A O   1 
HETATM 1596 O O   . HOH B 2 .   ? -12.470 12.171  21.123  1.00 43.51 ? 428 HOH A O   1 
HETATM 1597 O O   . HOH B 2 .   ? -4.976  4.628   12.796  1.00 35.96 ? 429 HOH A O   1 
HETATM 1598 O O   . HOH B 2 .   ? -6.038  -5.038  6.235   1.00 44.09 ? 430 HOH A O   1 
HETATM 1599 O O   . HOH B 2 .   ? 3.902   -3.043  -17.537 1.00 49.75 ? 431 HOH A O   1 
HETATM 1600 O O   . HOH B 2 .   ? 17.084  -10.871 5.592   1.00 50.90 ? 432 HOH A O   1 
HETATM 1601 O O   . HOH B 2 .   ? 25.321  -2.936  5.043   1.00 38.89 ? 433 HOH A O   1 
HETATM 1602 O O   . HOH B 2 .   ? 3.707   -2.529  12.636  1.00 41.84 ? 434 HOH A O   1 
HETATM 1603 O O   . HOH B 2 .   ? 15.611  -12.841 0.973   1.00 40.24 ? 435 HOH A O   1 
HETATM 1604 O O   . HOH B 2 .   ? 17.400  -12.647 3.483   1.00 37.43 ? 436 HOH A O   1 
HETATM 1605 O O   . HOH B 2 .   ? 21.012  8.202   2.226   1.00 38.80 ? 437 HOH A O   1 
HETATM 1606 O O   . HOH B 2 .   ? -19.638 9.614   -6.479  1.00 36.84 ? 438 HOH A O   1 
HETATM 1607 O O   . HOH B 2 .   ? 22.354  5.846   3.535   1.00 40.66 ? 439 HOH A O   1 
HETATM 1608 O O   . HOH B 2 .   ? 10.118  -7.587  -15.118 1.00 37.41 ? 440 HOH A O   1 
HETATM 1609 O O   . HOH B 2 .   ? 2.341   13.298  12.037  1.00 40.34 ? 441 HOH A O   1 
HETATM 1610 O O   . HOH B 2 .   ? -17.833 9.285   -9.548  1.00 47.92 ? 442 HOH A O   1 
HETATM 1611 O O   . HOH B 2 .   ? -16.360 14.481  12.538  1.00 44.76 ? 443 HOH A O   1 
HETATM 1612 O O   . HOH B 2 .   ? 9.966   10.593  -2.345  1.00 44.67 ? 444 HOH A O   1 
HETATM 1613 O O   . HOH B 2 .   ? 3.462   14.317  7.600   1.00 42.21 ? 445 HOH A O   1 
HETATM 1614 O O   . HOH B 2 .   ? 24.448  -0.512  5.911   1.00 39.31 ? 446 HOH A O   1 
HETATM 1615 O O   . HOH B 2 .   ? -9.962  -8.539  -5.951  1.00 36.68 ? 447 HOH A O   1 
HETATM 1616 O O   . HOH B 2 .   ? 0.780   -15.933 -12.328 1.00 48.37 ? 448 HOH A O   1 
HETATM 1617 O O   . HOH B 2 .   ? -25.079 2.619   4.214   1.00 40.05 ? 449 HOH A O   1 
HETATM 1618 O O   . HOH B 2 .   ? -17.450 2.972   15.027  1.00 42.45 ? 450 HOH A O   1 
HETATM 1619 O O   . HOH B 2 .   ? 8.775   0.193   13.351  1.00 43.11 ? 451 HOH A O   1 
HETATM 1620 O O   . HOH B 2 .   ? -3.769  6.405   11.252  1.00 33.34 ? 452 HOH A O   1 
HETATM 1621 O O   . HOH B 2 .   ? -8.098  8.277   -5.175  1.00 38.77 ? 453 HOH A O   1 
HETATM 1622 O O   . HOH B 2 .   ? 2.042   7.318   -6.630  1.00 45.37 ? 454 HOH A O   1 
HETATM 1623 O O   . HOH B 2 .   ? -14.907 5.835   -11.008 1.00 42.03 ? 455 HOH A O   1 
HETATM 1624 O O   . HOH B 2 .   ? -27.662 7.165   0.028   1.00 47.68 ? 456 HOH A O   1 
HETATM 1625 O O   . HOH B 2 .   ? -4.180  -3.676  6.457   1.00 36.63 ? 457 HOH A O   1 
HETATM 1626 O O   . HOH B 2 .   ? -24.980 11.432  5.861   1.00 41.18 ? 458 HOH A O   1 
HETATM 1627 O O   . HOH B 2 .   ? 5.132   -13.663 2.215   1.00 47.34 ? 459 HOH A O   1 
HETATM 1628 O O   . HOH B 2 .   ? 27.332  -5.177  2.291   1.00 46.09 ? 460 HOH A O   1 
HETATM 1629 O O   . HOH B 2 .   ? -8.177  12.802  -3.688  1.00 38.70 ? 461 HOH A O   1 
HETATM 1630 O O   . HOH B 2 .   ? 4.634   -0.677  -17.629 1.00 44.20 ? 462 HOH A O   1 
HETATM 1631 O O   . HOH B 2 .   ? -5.201  8.648   -4.779  1.00 43.55 ? 463 HOH A O   1 
HETATM 1632 O O   . HOH B 2 .   ? -0.817  7.564   -12.161 1.00 42.09 ? 464 HOH A O   1 
HETATM 1633 O O   . HOH B 2 .   ? 5.473   13.442  15.897  1.00 49.17 ? 465 HOH A O   1 
HETATM 1634 O O   . HOH B 2 .   ? 4.695   -4.960  -16.600 1.00 53.10 ? 466 HOH A O   1 
HETATM 1635 O O   . HOH B 2 .   ? -0.162  -13.003 -12.192 1.00 47.97 ? 467 HOH A O   1 
HETATM 1636 O O   . HOH B 2 .   ? -25.704 7.530   3.580   1.00 42.61 ? 468 HOH A O   1 
HETATM 1637 O O   . HOH B 2 .   ? 8.698   -4.164  12.396  1.00 45.49 ? 469 HOH A O   1 
HETATM 1638 O O   . HOH B 2 .   ? -3.815  12.544  -1.457  1.00 46.23 ? 470 HOH A O   1 
HETATM 1639 O O   . HOH B 2 .   ? 28.641  -7.631  3.455   1.00 48.51 ? 471 HOH A O   1 
HETATM 1640 O O   . HOH B 2 .   ? 12.765  8.448   6.115   1.00 31.45 ? 472 HOH A O   1 
HETATM 1641 O O   . HOH B 2 .   ? -3.459  -20.498 -9.352  1.00 52.65 ? 473 HOH A O   1 
HETATM 1642 O O   . HOH B 2 .   ? -2.288  -20.333 -11.931 1.00 44.42 ? 474 HOH A O   1 
HETATM 1643 O O   . HOH B 2 .   ? -3.506  -9.277  -8.152  1.00 48.41 ? 475 HOH A O   1 
HETATM 1644 O O   . HOH B 2 .   ? 10.710  -17.242 -9.905  1.00 47.90 ? 476 HOH A O   1 
HETATM 1645 O O   . HOH B 2 .   ? -3.056  4.954   -9.769  1.00 44.60 ? 477 HOH A O   1 
HETATM 1646 O O   . HOH B 2 .   ? -2.816  7.337   -7.236  1.00 41.50 ? 478 HOH A O   1 
HETATM 1647 O O   . HOH B 2 .   ? -12.269 1.654   -11.022 1.00 40.13 ? 479 HOH A O   1 
# 
